data_1SFE
# 
_entry.id   1SFE 
# 
_audit_conform.dict_name       mmcif_pdbx.dic 
_audit_conform.dict_version    5.386 
_audit_conform.dict_location   http://mmcif.pdb.org/dictionaries/ascii/mmcif_pdbx.dic 
# 
loop_
_database_2.database_id 
_database_2.database_code 
_database_2.pdbx_database_accession 
_database_2.pdbx_DOI 
PDB   1SFE         pdb_00001sfe 10.2210/pdb1sfe/pdb 
WWPDB D_1000176352 ?            ?                   
# 
loop_
_pdbx_audit_revision_history.ordinal 
_pdbx_audit_revision_history.data_content_type 
_pdbx_audit_revision_history.major_revision 
_pdbx_audit_revision_history.minor_revision 
_pdbx_audit_revision_history.revision_date 
1 'Structure model' 1 0 1996-12-23 
2 'Structure model' 1 1 2008-03-24 
3 'Structure model' 1 2 2011-07-13 
4 'Structure model' 1 3 2024-02-14 
# 
_pdbx_audit_revision_details.ordinal             1 
_pdbx_audit_revision_details.revision_ordinal    1 
_pdbx_audit_revision_details.data_content_type   'Structure model' 
_pdbx_audit_revision_details.provider            repository 
_pdbx_audit_revision_details.type                'Initial release' 
_pdbx_audit_revision_details.description         ? 
_pdbx_audit_revision_details.details             ? 
# 
loop_
_pdbx_audit_revision_group.ordinal 
_pdbx_audit_revision_group.revision_ordinal 
_pdbx_audit_revision_group.data_content_type 
_pdbx_audit_revision_group.group 
1 2 'Structure model' 'Version format compliance' 
2 3 'Structure model' 'Source and taxonomy'       
3 3 'Structure model' 'Version format compliance' 
4 4 'Structure model' 'Data collection'           
5 4 'Structure model' 'Database references'       
6 4 'Structure model' Other                       
7 4 'Structure model' 'Structure summary'         
# 
loop_
_pdbx_audit_revision_category.ordinal 
_pdbx_audit_revision_category.revision_ordinal 
_pdbx_audit_revision_category.data_content_type 
_pdbx_audit_revision_category.category 
1 4 'Structure model' chem_comp_atom       
2 4 'Structure model' chem_comp_bond       
3 4 'Structure model' database_2           
4 4 'Structure model' pdbx_database_status 
5 4 'Structure model' struct_keywords      
# 
loop_
_pdbx_audit_revision_item.ordinal 
_pdbx_audit_revision_item.revision_ordinal 
_pdbx_audit_revision_item.data_content_type 
_pdbx_audit_revision_item.item 
1 4 'Structure model' '_database_2.pdbx_DOI'                
2 4 'Structure model' '_database_2.pdbx_database_accession' 
3 4 'Structure model' '_pdbx_database_status.process_site'  
4 4 'Structure model' '_struct_keywords.text'               
# 
_pdbx_database_status.status_code                     REL 
_pdbx_database_status.entry_id                        1SFE 
_pdbx_database_status.recvd_initial_deposition_date   1996-06-21 
_pdbx_database_status.deposit_site                    ? 
_pdbx_database_status.process_site                    BNL 
_pdbx_database_status.status_code_sf                  REL 
_pdbx_database_status.status_code_mr                  ? 
_pdbx_database_status.SG_entry                        ? 
_pdbx_database_status.pdb_format_compatible           Y 
_pdbx_database_status.status_code_cs                  ? 
_pdbx_database_status.status_code_nmr_data            ? 
_pdbx_database_status.methods_development_category    ? 
# 
loop_
_audit_author.name 
_audit_author.pdbx_ordinal 
'Moore, M.H.'   1 
'Gulbis, J.M.'  2 
'Dodson, E.J.'  3 
'Demple, B.'    4 
'Moody, P.C.E.' 5 
# 
loop_
_citation.id 
_citation.title 
_citation.journal_abbrev 
_citation.journal_volume 
_citation.page_first 
_citation.page_last 
_citation.year 
_citation.journal_id_ASTM 
_citation.country 
_citation.journal_id_ISSN 
_citation.journal_id_CSD 
_citation.book_publisher 
_citation.pdbx_database_id_PubMed 
_citation.pdbx_database_id_DOI 
primary 'Crystal structure of a suicidal DNA repair protein: the Ada O6-methylguanine-DNA methyltransferase from E. coli.' 
'EMBO J.'                                                                                                               13  1495 
1501 1994 EMJODG UK 0261-4189     0897 ?                8156986 ? 
1       'Crystal Structure of E.Coli O6-Methylguanine-DNA Methyltransferase'                                               
'Novel Approaches in Anticancer Drug Design : Molecular Modelling--New Treatment Strategies (in: Contrib.Oncol., V.49)' ?   16   ? 
1995 ?      ?  3-8055-6043-5 2105 'Basel : Karger' ?       ? 
2       'Crystallization of O6-Methylguanine-DNA Methyltransferase from Escherichia Coli'                                  
J.Mol.Biol.                                                                                                             200 751  ? 
1988 JMOBAK UK 0022-2836     0070 ?                ?       ? 
# 
loop_
_citation_author.citation_id 
_citation_author.name 
_citation_author.ordinal 
_citation_author.identifier_ORCID 
primary 'Moore, M.H.'   1 ? 
primary 'Gulbis, J.M.'  2 ? 
primary 'Dodson, E.J.'  3 ? 
primary 'Demple, B.'    4 ? 
primary 'Moody, P.C.'   5 ? 
1       'Moody, P.C.E.' 6 ? 
1       'Moore, M.H.'   7 ? 
2       'Moody, P.C.'   8 ? 
2       'Demple, B.'    9 ? 
# 
loop_
_citation_editor.citation_id 
_citation_editor.name 
_citation_editor.ordinal 
1 'Zeller, W.J.'  1 
1 
;D'Incalci, M.
;
2 
1 'Newell, D.R.'  3 
# 
loop_
_entity.id 
_entity.type 
_entity.src_method 
_entity.pdbx_description 
_entity.formula_weight 
_entity.pdbx_number_of_molecules 
_entity.pdbx_ec 
_entity.pdbx_mutation 
_entity.pdbx_fragment 
_entity.details 
1 polymer man 'ADA O6-METHYLGUANINE-DNA METHYLTRANSFERASE' 19766.586 1   2.1.1.63 ? 'C-TERMINAL 19KD OF THE ADA PROTEIN' ? 
2 water   nat water                                        18.015    145 ?        ? ?                                    ? 
# 
_entity_poly.entity_id                      1 
_entity_poly.type                           'polypeptide(L)' 
_entity_poly.nstd_linkage                   no 
_entity_poly.nstd_monomer                   no 
_entity_poly.pdbx_seq_one_letter_code       
;MTAKQFRHGGENLAVRYALADCELGRCLVAESERGICAILLGDDDATLISELQQMFPAADNAPADLMFQQHVREVIASLN
QRDTPLTLPLDIRGTAFQQQVWQALRTIPCGETVSYQQLANAIGKPKAVRAVASACAANKLAIVIPCHRVVRGDGSLSGY
RWGVSRKAQLLRREAENEER
;
_entity_poly.pdbx_seq_one_letter_code_can   
;MTAKQFRHGGENLAVRYALADCELGRCLVAESERGICAILLGDDDATLISELQQMFPAADNAPADLMFQQHVREVIASLN
QRDTPLTLPLDIRGTAFQQQVWQALRTIPCGETVSYQQLANAIGKPKAVRAVASACAANKLAIVIPCHRVVRGDGSLSGY
RWGVSRKAQLLRREAENEER
;
_entity_poly.pdbx_strand_id                 A 
_entity_poly.pdbx_target_identifier         ? 
# 
_pdbx_entity_nonpoly.entity_id   2 
_pdbx_entity_nonpoly.name        water 
_pdbx_entity_nonpoly.comp_id     HOH 
# 
loop_
_entity_poly_seq.entity_id 
_entity_poly_seq.num 
_entity_poly_seq.mon_id 
_entity_poly_seq.hetero 
1 1   MET n 
1 2   THR n 
1 3   ALA n 
1 4   LYS n 
1 5   GLN n 
1 6   PHE n 
1 7   ARG n 
1 8   HIS n 
1 9   GLY n 
1 10  GLY n 
1 11  GLU n 
1 12  ASN n 
1 13  LEU n 
1 14  ALA n 
1 15  VAL n 
1 16  ARG n 
1 17  TYR n 
1 18  ALA n 
1 19  LEU n 
1 20  ALA n 
1 21  ASP n 
1 22  CYS n 
1 23  GLU n 
1 24  LEU n 
1 25  GLY n 
1 26  ARG n 
1 27  CYS n 
1 28  LEU n 
1 29  VAL n 
1 30  ALA n 
1 31  GLU n 
1 32  SER n 
1 33  GLU n 
1 34  ARG n 
1 35  GLY n 
1 36  ILE n 
1 37  CYS n 
1 38  ALA n 
1 39  ILE n 
1 40  LEU n 
1 41  LEU n 
1 42  GLY n 
1 43  ASP n 
1 44  ASP n 
1 45  ASP n 
1 46  ALA n 
1 47  THR n 
1 48  LEU n 
1 49  ILE n 
1 50  SER n 
1 51  GLU n 
1 52  LEU n 
1 53  GLN n 
1 54  GLN n 
1 55  MET n 
1 56  PHE n 
1 57  PRO n 
1 58  ALA n 
1 59  ALA n 
1 60  ASP n 
1 61  ASN n 
1 62  ALA n 
1 63  PRO n 
1 64  ALA n 
1 65  ASP n 
1 66  LEU n 
1 67  MET n 
1 68  PHE n 
1 69  GLN n 
1 70  GLN n 
1 71  HIS n 
1 72  VAL n 
1 73  ARG n 
1 74  GLU n 
1 75  VAL n 
1 76  ILE n 
1 77  ALA n 
1 78  SER n 
1 79  LEU n 
1 80  ASN n 
1 81  GLN n 
1 82  ARG n 
1 83  ASP n 
1 84  THR n 
1 85  PRO n 
1 86  LEU n 
1 87  THR n 
1 88  LEU n 
1 89  PRO n 
1 90  LEU n 
1 91  ASP n 
1 92  ILE n 
1 93  ARG n 
1 94  GLY n 
1 95  THR n 
1 96  ALA n 
1 97  PHE n 
1 98  GLN n 
1 99  GLN n 
1 100 GLN n 
1 101 VAL n 
1 102 TRP n 
1 103 GLN n 
1 104 ALA n 
1 105 LEU n 
1 106 ARG n 
1 107 THR n 
1 108 ILE n 
1 109 PRO n 
1 110 CYS n 
1 111 GLY n 
1 112 GLU n 
1 113 THR n 
1 114 VAL n 
1 115 SER n 
1 116 TYR n 
1 117 GLN n 
1 118 GLN n 
1 119 LEU n 
1 120 ALA n 
1 121 ASN n 
1 122 ALA n 
1 123 ILE n 
1 124 GLY n 
1 125 LYS n 
1 126 PRO n 
1 127 LYS n 
1 128 ALA n 
1 129 VAL n 
1 130 ARG n 
1 131 ALA n 
1 132 VAL n 
1 133 ALA n 
1 134 SER n 
1 135 ALA n 
1 136 CYS n 
1 137 ALA n 
1 138 ALA n 
1 139 ASN n 
1 140 LYS n 
1 141 LEU n 
1 142 ALA n 
1 143 ILE n 
1 144 VAL n 
1 145 ILE n 
1 146 PRO n 
1 147 CYS n 
1 148 HIS n 
1 149 ARG n 
1 150 VAL n 
1 151 VAL n 
1 152 ARG n 
1 153 GLY n 
1 154 ASP n 
1 155 GLY n 
1 156 SER n 
1 157 LEU n 
1 158 SER n 
1 159 GLY n 
1 160 TYR n 
1 161 ARG n 
1 162 TRP n 
1 163 GLY n 
1 164 VAL n 
1 165 SER n 
1 166 ARG n 
1 167 LYS n 
1 168 ALA n 
1 169 GLN n 
1 170 LEU n 
1 171 LEU n 
1 172 ARG n 
1 173 ARG n 
1 174 GLU n 
1 175 ALA n 
1 176 GLU n 
1 177 ASN n 
1 178 GLU n 
1 179 GLU n 
1 180 ARG n 
# 
_entity_src_gen.entity_id                          1 
_entity_src_gen.pdbx_src_id                        1 
_entity_src_gen.pdbx_alt_source_flag               sample 
_entity_src_gen.pdbx_seq_type                      ? 
_entity_src_gen.pdbx_beg_seq_num                   ? 
_entity_src_gen.pdbx_end_seq_num                   ? 
_entity_src_gen.gene_src_common_name               ? 
_entity_src_gen.gene_src_genus                     Escherichia 
_entity_src_gen.pdbx_gene_src_gene                 ADAC 
_entity_src_gen.gene_src_species                   'Escherichia coli' 
_entity_src_gen.gene_src_strain                    B 
_entity_src_gen.gene_src_tissue                    ? 
_entity_src_gen.gene_src_tissue_fraction           ? 
_entity_src_gen.gene_src_details                   ? 
_entity_src_gen.pdbx_gene_src_fragment             ? 
_entity_src_gen.pdbx_gene_src_scientific_name      'Escherichia coli' 
_entity_src_gen.pdbx_gene_src_ncbi_taxonomy_id     37762 
_entity_src_gen.pdbx_gene_src_variant              'JM 101' 
_entity_src_gen.pdbx_gene_src_cell_line            ? 
_entity_src_gen.pdbx_gene_src_atcc                 ? 
_entity_src_gen.pdbx_gene_src_organ                ? 
_entity_src_gen.pdbx_gene_src_organelle            ? 
_entity_src_gen.pdbx_gene_src_cell                 ? 
_entity_src_gen.pdbx_gene_src_cellular_location    ? 
_entity_src_gen.host_org_common_name               ? 
_entity_src_gen.pdbx_host_org_scientific_name      'Escherichia coli' 
_entity_src_gen.pdbx_host_org_ncbi_taxonomy_id     562 
_entity_src_gen.host_org_genus                     Escherichia 
_entity_src_gen.pdbx_host_org_gene                 ADAC 
_entity_src_gen.pdbx_host_org_organ                ? 
_entity_src_gen.host_org_species                   ? 
_entity_src_gen.pdbx_host_org_tissue               ? 
_entity_src_gen.pdbx_host_org_tissue_fraction      ? 
_entity_src_gen.pdbx_host_org_strain               ? 
_entity_src_gen.pdbx_host_org_variant              ? 
_entity_src_gen.pdbx_host_org_cell_line            ? 
_entity_src_gen.pdbx_host_org_atcc                 ? 
_entity_src_gen.pdbx_host_org_culture_collection   ? 
_entity_src_gen.pdbx_host_org_cell                 ? 
_entity_src_gen.pdbx_host_org_organelle            ? 
_entity_src_gen.pdbx_host_org_cellular_location    ? 
_entity_src_gen.pdbx_host_org_vector_type          ? 
_entity_src_gen.pdbx_host_org_vector               ? 
_entity_src_gen.host_org_details                   ? 
_entity_src_gen.expression_system_id               ? 
_entity_src_gen.plasmid_name                       PADAC 
_entity_src_gen.plasmid_details                    ? 
_entity_src_gen.pdbx_description                   'TAC CONTROL' 
# 
loop_
_chem_comp.id 
_chem_comp.type 
_chem_comp.mon_nstd_flag 
_chem_comp.name 
_chem_comp.pdbx_synonyms 
_chem_comp.formula 
_chem_comp.formula_weight 
ALA 'L-peptide linking' y ALANINE         ? 'C3 H7 N O2'     89.093  
ARG 'L-peptide linking' y ARGININE        ? 'C6 H15 N4 O2 1' 175.209 
ASN 'L-peptide linking' y ASPARAGINE      ? 'C4 H8 N2 O3'    132.118 
ASP 'L-peptide linking' y 'ASPARTIC ACID' ? 'C4 H7 N O4'     133.103 
CYS 'L-peptide linking' y CYSTEINE        ? 'C3 H7 N O2 S'   121.158 
GLN 'L-peptide linking' y GLUTAMINE       ? 'C5 H10 N2 O3'   146.144 
GLU 'L-peptide linking' y 'GLUTAMIC ACID' ? 'C5 H9 N O4'     147.129 
GLY 'peptide linking'   y GLYCINE         ? 'C2 H5 N O2'     75.067  
HIS 'L-peptide linking' y HISTIDINE       ? 'C6 H10 N3 O2 1' 156.162 
HOH non-polymer         . WATER           ? 'H2 O'           18.015  
ILE 'L-peptide linking' y ISOLEUCINE      ? 'C6 H13 N O2'    131.173 
LEU 'L-peptide linking' y LEUCINE         ? 'C6 H13 N O2'    131.173 
LYS 'L-peptide linking' y LYSINE          ? 'C6 H15 N2 O2 1' 147.195 
MET 'L-peptide linking' y METHIONINE      ? 'C5 H11 N O2 S'  149.211 
PHE 'L-peptide linking' y PHENYLALANINE   ? 'C9 H11 N O2'    165.189 
PRO 'L-peptide linking' y PROLINE         ? 'C5 H9 N O2'     115.130 
SER 'L-peptide linking' y SERINE          ? 'C3 H7 N O3'     105.093 
THR 'L-peptide linking' y THREONINE       ? 'C4 H9 N O3'     119.119 
TRP 'L-peptide linking' y TRYPTOPHAN      ? 'C11 H12 N2 O2'  204.225 
TYR 'L-peptide linking' y TYROSINE        ? 'C9 H11 N O3'    181.189 
VAL 'L-peptide linking' y VALINE          ? 'C5 H11 N O2'    117.146 
# 
loop_
_pdbx_poly_seq_scheme.asym_id 
_pdbx_poly_seq_scheme.entity_id 
_pdbx_poly_seq_scheme.seq_id 
_pdbx_poly_seq_scheme.mon_id 
_pdbx_poly_seq_scheme.ndb_seq_num 
_pdbx_poly_seq_scheme.pdb_seq_num 
_pdbx_poly_seq_scheme.auth_seq_num 
_pdbx_poly_seq_scheme.pdb_mon_id 
_pdbx_poly_seq_scheme.auth_mon_id 
_pdbx_poly_seq_scheme.pdb_strand_id 
_pdbx_poly_seq_scheme.pdb_ins_code 
_pdbx_poly_seq_scheme.hetero 
A 1 1   MET 1   0   ?   ?   ?   A . n 
A 1 2   THR 2   1   ?   ?   ?   A . n 
A 1 3   ALA 3   2   ?   ?   ?   A . n 
A 1 4   LYS 4   3   ?   ?   ?   A . n 
A 1 5   GLN 5   4   ?   ?   ?   A . n 
A 1 6   PHE 6   5   ?   ?   ?   A . n 
A 1 7   ARG 7   6   ?   ?   ?   A . n 
A 1 8   HIS 8   7   ?   ?   ?   A . n 
A 1 9   GLY 9   8   ?   ?   ?   A . n 
A 1 10  GLY 10  9   ?   ?   ?   A . n 
A 1 11  GLU 11  10  ?   ?   ?   A . n 
A 1 12  ASN 12  11  ?   ?   ?   A . n 
A 1 13  LEU 13  12  12  LEU LEU A . n 
A 1 14  ALA 14  13  13  ALA ALA A . n 
A 1 15  VAL 15  14  14  VAL VAL A . n 
A 1 16  ARG 16  15  15  ARG ARG A . n 
A 1 17  TYR 17  16  16  TYR TYR A . n 
A 1 18  ALA 18  17  17  ALA ALA A . n 
A 1 19  LEU 19  18  18  LEU LEU A . n 
A 1 20  ALA 20  19  19  ALA ALA A . n 
A 1 21  ASP 21  20  20  ASP ASP A . n 
A 1 22  CYS 22  21  21  CYS CYS A . n 
A 1 23  GLU 23  22  22  GLU GLU A . n 
A 1 24  LEU 24  23  23  LEU LEU A . n 
A 1 25  GLY 25  24  24  GLY GLY A . n 
A 1 26  ARG 26  25  25  ARG ARG A . n 
A 1 27  CYS 27  26  26  CYS CYS A . n 
A 1 28  LEU 28  27  27  LEU LEU A . n 
A 1 29  VAL 29  28  28  VAL VAL A . n 
A 1 30  ALA 30  29  29  ALA ALA A . n 
A 1 31  GLU 31  30  30  GLU GLU A . n 
A 1 32  SER 32  31  31  SER SER A . n 
A 1 33  GLU 33  32  32  GLU GLU A . n 
A 1 34  ARG 34  33  33  ARG ARG A . n 
A 1 35  GLY 35  34  34  GLY GLY A . n 
A 1 36  ILE 36  35  35  ILE ILE A . n 
A 1 37  CYS 37  36  36  CYS CYS A . n 
A 1 38  ALA 38  37  37  ALA ALA A . n 
A 1 39  ILE 39  38  38  ILE ILE A . n 
A 1 40  LEU 40  39  39  LEU LEU A . n 
A 1 41  LEU 41  40  40  LEU LEU A . n 
A 1 42  GLY 42  41  41  GLY GLY A . n 
A 1 43  ASP 43  42  42  ASP ASP A . n 
A 1 44  ASP 44  43  43  ASP ASP A . n 
A 1 45  ASP 45  44  44  ASP ASP A . n 
A 1 46  ALA 46  45  45  ALA ALA A . n 
A 1 47  THR 47  46  46  THR THR A . n 
A 1 48  LEU 48  47  47  LEU LEU A . n 
A 1 49  ILE 49  48  48  ILE ILE A . n 
A 1 50  SER 50  49  49  SER SER A . n 
A 1 51  GLU 51  50  50  GLU GLU A . n 
A 1 52  LEU 52  51  51  LEU LEU A . n 
A 1 53  GLN 53  52  52  GLN GLN A . n 
A 1 54  GLN 54  53  53  GLN GLN A . n 
A 1 55  MET 55  54  54  MET MET A . n 
A 1 56  PHE 56  55  55  PHE PHE A . n 
A 1 57  PRO 57  56  56  PRO PRO A . n 
A 1 58  ALA 58  57  57  ALA ALA A . n 
A 1 59  ALA 59  58  58  ALA ALA A . n 
A 1 60  ASP 60  59  59  ASP ASP A . n 
A 1 61  ASN 61  60  60  ASN ASN A . n 
A 1 62  ALA 62  61  61  ALA ALA A . n 
A 1 63  PRO 63  62  62  PRO PRO A . n 
A 1 64  ALA 64  63  63  ALA ALA A . n 
A 1 65  ASP 65  64  64  ASP ASP A . n 
A 1 66  LEU 66  65  65  LEU LEU A . n 
A 1 67  MET 67  66  66  MET MET A . n 
A 1 68  PHE 68  67  67  PHE PHE A . n 
A 1 69  GLN 69  68  68  GLN GLN A . n 
A 1 70  GLN 70  69  69  GLN GLN A . n 
A 1 71  HIS 71  70  70  HIS HIS A . n 
A 1 72  VAL 72  71  71  VAL VAL A . n 
A 1 73  ARG 73  72  72  ARG ARG A . n 
A 1 74  GLU 74  73  73  GLU GLU A . n 
A 1 75  VAL 75  74  74  VAL VAL A . n 
A 1 76  ILE 76  75  75  ILE ILE A . n 
A 1 77  ALA 77  76  76  ALA ALA A . n 
A 1 78  SER 78  77  77  SER SER A . n 
A 1 79  LEU 79  78  78  LEU LEU A . n 
A 1 80  ASN 80  79  79  ASN ASN A . n 
A 1 81  GLN 81  80  80  GLN GLN A . n 
A 1 82  ARG 82  81  81  ARG ARG A . n 
A 1 83  ASP 83  82  82  ASP ASP A . n 
A 1 84  THR 84  83  83  THR THR A . n 
A 1 85  PRO 85  84  84  PRO PRO A . n 
A 1 86  LEU 86  85  85  LEU LEU A . n 
A 1 87  THR 87  86  86  THR THR A . n 
A 1 88  LEU 88  87  87  LEU LEU A . n 
A 1 89  PRO 89  88  88  PRO PRO A . n 
A 1 90  LEU 90  89  89  LEU LEU A . n 
A 1 91  ASP 91  90  90  ASP ASP A . n 
A 1 92  ILE 92  91  91  ILE ILE A . n 
A 1 93  ARG 93  92  92  ARG ARG A . n 
A 1 94  GLY 94  93  93  GLY GLY A . n 
A 1 95  THR 95  94  94  THR THR A . n 
A 1 96  ALA 96  95  95  ALA ALA A . n 
A 1 97  PHE 97  96  96  PHE PHE A . n 
A 1 98  GLN 98  97  97  GLN GLN A . n 
A 1 99  GLN 99  98  98  GLN GLN A . n 
A 1 100 GLN 100 99  99  GLN GLN A . n 
A 1 101 VAL 101 100 100 VAL VAL A . n 
A 1 102 TRP 102 101 101 TRP TRP A . n 
A 1 103 GLN 103 102 102 GLN GLN A . n 
A 1 104 ALA 104 103 103 ALA ALA A . n 
A 1 105 LEU 105 104 104 LEU LEU A . n 
A 1 106 ARG 106 105 105 ARG ARG A . n 
A 1 107 THR 107 106 106 THR THR A . n 
A 1 108 ILE 108 107 107 ILE ILE A . n 
A 1 109 PRO 109 108 108 PRO PRO A . n 
A 1 110 CYS 110 109 109 CYS CYS A . n 
A 1 111 GLY 111 110 110 GLY GLY A . n 
A 1 112 GLU 112 111 111 GLU GLU A . n 
A 1 113 THR 113 112 112 THR THR A . n 
A 1 114 VAL 114 113 113 VAL VAL A . n 
A 1 115 SER 115 114 114 SER SER A . n 
A 1 116 TYR 116 115 115 TYR TYR A . n 
A 1 117 GLN 117 116 116 GLN GLN A . n 
A 1 118 GLN 118 117 117 GLN GLN A . n 
A 1 119 LEU 119 118 118 LEU LEU A . n 
A 1 120 ALA 120 119 119 ALA ALA A . n 
A 1 121 ASN 121 120 120 ASN ASN A . n 
A 1 122 ALA 122 121 121 ALA ALA A . n 
A 1 123 ILE 123 122 122 ILE ILE A . n 
A 1 124 GLY 124 123 123 GLY GLY A . n 
A 1 125 LYS 125 124 124 LYS LYS A . n 
A 1 126 PRO 126 125 125 PRO PRO A . n 
A 1 127 LYS 127 126 126 LYS LYS A . n 
A 1 128 ALA 128 127 127 ALA ALA A . n 
A 1 129 VAL 129 128 128 VAL VAL A . n 
A 1 130 ARG 130 129 129 ARG ARG A . n 
A 1 131 ALA 131 130 130 ALA ALA A . n 
A 1 132 VAL 132 131 131 VAL VAL A . n 
A 1 133 ALA 133 132 132 ALA ALA A . n 
A 1 134 SER 134 133 133 SER SER A . n 
A 1 135 ALA 135 134 134 ALA ALA A . n 
A 1 136 CYS 136 135 135 CYS CYS A . n 
A 1 137 ALA 137 136 136 ALA ALA A . n 
A 1 138 ALA 138 137 137 ALA ALA A . n 
A 1 139 ASN 139 138 138 ASN ASN A . n 
A 1 140 LYS 140 139 139 LYS LYS A . n 
A 1 141 LEU 141 140 140 LEU LEU A . n 
A 1 142 ALA 142 141 141 ALA ALA A . n 
A 1 143 ILE 143 142 142 ILE ILE A . n 
A 1 144 VAL 144 143 143 VAL VAL A . n 
A 1 145 ILE 145 144 144 ILE ILE A . n 
A 1 146 PRO 146 145 145 PRO PRO A . n 
A 1 147 CYS 147 146 146 CYS CYS A . n 
A 1 148 HIS 148 147 147 HIS HIS A . n 
A 1 149 ARG 149 148 148 ARG ARG A . n 
A 1 150 VAL 150 149 149 VAL VAL A . n 
A 1 151 VAL 151 150 150 VAL VAL A . n 
A 1 152 ARG 152 151 151 ARG ARG A . n 
A 1 153 GLY 153 152 152 GLY GLY A . n 
A 1 154 ASP 154 153 153 ASP ASP A . n 
A 1 155 GLY 155 154 154 GLY GLY A . n 
A 1 156 SER 156 155 155 SER SER A . n 
A 1 157 LEU 157 156 156 LEU LEU A . n 
A 1 158 SER 158 157 157 SER SER A . n 
A 1 159 GLY 159 158 158 GLY GLY A . n 
A 1 160 TYR 160 159 159 TYR TYR A . n 
A 1 161 ARG 161 160 160 ARG ARG A . n 
A 1 162 TRP 162 161 161 TRP TRP A . n 
A 1 163 GLY 163 162 162 GLY GLY A . n 
A 1 164 VAL 164 163 163 VAL VAL A . n 
A 1 165 SER 165 164 164 SER SER A . n 
A 1 166 ARG 166 165 165 ARG ARG A . n 
A 1 167 LYS 167 166 166 LYS LYS A . n 
A 1 168 ALA 168 167 167 ALA ALA A . n 
A 1 169 GLN 169 168 168 GLN GLN A . n 
A 1 170 LEU 170 169 169 LEU LEU A . n 
A 1 171 LEU 171 170 170 LEU LEU A . n 
A 1 172 ARG 172 171 171 ARG ARG A . n 
A 1 173 ARG 173 172 172 ARG ARG A . n 
A 1 174 GLU 174 173 173 GLU GLU A . n 
A 1 175 ALA 175 174 174 ALA ALA A . n 
A 1 176 GLU 176 175 175 GLU GLU A . n 
A 1 177 ASN 177 176 176 ASN ASN A . n 
A 1 178 GLU 178 177 ?   ?   ?   A . n 
A 1 179 GLU 179 178 ?   ?   ?   A . n 
A 1 180 ARG 180 179 ?   ?   ?   A . n 
# 
loop_
_pdbx_nonpoly_scheme.asym_id 
_pdbx_nonpoly_scheme.entity_id 
_pdbx_nonpoly_scheme.mon_id 
_pdbx_nonpoly_scheme.ndb_seq_num 
_pdbx_nonpoly_scheme.pdb_seq_num 
_pdbx_nonpoly_scheme.auth_seq_num 
_pdbx_nonpoly_scheme.pdb_mon_id 
_pdbx_nonpoly_scheme.auth_mon_id 
_pdbx_nonpoly_scheme.pdb_strand_id 
_pdbx_nonpoly_scheme.pdb_ins_code 
B 2 HOH 1   180 1   HOH HOH A . 
B 2 HOH 2   181 2   HOH HOH A . 
B 2 HOH 3   182 3   HOH HOH A . 
B 2 HOH 4   183 4   HOH HOH A . 
B 2 HOH 5   184 5   HOH HOH A . 
B 2 HOH 6   185 6   HOH HOH A . 
B 2 HOH 7   186 7   HOH HOH A . 
B 2 HOH 8   187 8   HOH HOH A . 
B 2 HOH 9   188 9   HOH HOH A . 
B 2 HOH 10  189 10  HOH HOH A . 
B 2 HOH 11  190 11  HOH HOH A . 
B 2 HOH 12  191 12  HOH HOH A . 
B 2 HOH 13  192 13  HOH HOH A . 
B 2 HOH 14  193 14  HOH HOH A . 
B 2 HOH 15  194 15  HOH HOH A . 
B 2 HOH 16  195 16  HOH HOH A . 
B 2 HOH 17  196 17  HOH HOH A . 
B 2 HOH 18  197 18  HOH HOH A . 
B 2 HOH 19  198 19  HOH HOH A . 
B 2 HOH 20  199 20  HOH HOH A . 
B 2 HOH 21  200 21  HOH HOH A . 
B 2 HOH 22  201 22  HOH HOH A . 
B 2 HOH 23  202 24  HOH HOH A . 
B 2 HOH 24  203 25  HOH HOH A . 
B 2 HOH 25  204 26  HOH HOH A . 
B 2 HOH 26  205 27  HOH HOH A . 
B 2 HOH 27  206 28  HOH HOH A . 
B 2 HOH 28  207 29  HOH HOH A . 
B 2 HOH 29  208 30  HOH HOH A . 
B 2 HOH 30  209 31  HOH HOH A . 
B 2 HOH 31  210 32  HOH HOH A . 
B 2 HOH 32  211 33  HOH HOH A . 
B 2 HOH 33  212 34  HOH HOH A . 
B 2 HOH 34  213 35  HOH HOH A . 
B 2 HOH 35  214 36  HOH HOH A . 
B 2 HOH 36  215 37  HOH HOH A . 
B 2 HOH 37  216 38  HOH HOH A . 
B 2 HOH 38  217 39  HOH HOH A . 
B 2 HOH 39  218 40  HOH HOH A . 
B 2 HOH 40  219 41  HOH HOH A . 
B 2 HOH 41  220 42  HOH HOH A . 
B 2 HOH 42  221 43  HOH HOH A . 
B 2 HOH 43  222 44  HOH HOH A . 
B 2 HOH 44  223 45  HOH HOH A . 
B 2 HOH 45  224 46  HOH HOH A . 
B 2 HOH 46  225 47  HOH HOH A . 
B 2 HOH 47  226 48  HOH HOH A . 
B 2 HOH 48  227 49  HOH HOH A . 
B 2 HOH 49  228 50  HOH HOH A . 
B 2 HOH 50  229 51  HOH HOH A . 
B 2 HOH 51  230 52  HOH HOH A . 
B 2 HOH 52  231 53  HOH HOH A . 
B 2 HOH 53  232 54  HOH HOH A . 
B 2 HOH 54  233 55  HOH HOH A . 
B 2 HOH 55  234 56  HOH HOH A . 
B 2 HOH 56  235 58  HOH HOH A . 
B 2 HOH 57  236 59  HOH HOH A . 
B 2 HOH 58  237 60  HOH HOH A . 
B 2 HOH 59  238 61  HOH HOH A . 
B 2 HOH 60  239 62  HOH HOH A . 
B 2 HOH 61  240 63  HOH HOH A . 
B 2 HOH 62  241 64  HOH HOH A . 
B 2 HOH 63  242 65  HOH HOH A . 
B 2 HOH 64  243 66  HOH HOH A . 
B 2 HOH 65  244 67  HOH HOH A . 
B 2 HOH 66  245 68  HOH HOH A . 
B 2 HOH 67  246 69  HOH HOH A . 
B 2 HOH 68  247 70  HOH HOH A . 
B 2 HOH 69  248 71  HOH HOH A . 
B 2 HOH 70  249 72  HOH HOH A . 
B 2 HOH 71  250 73  HOH HOH A . 
B 2 HOH 72  251 74  HOH HOH A . 
B 2 HOH 73  252 75  HOH HOH A . 
B 2 HOH 74  253 76  HOH HOH A . 
B 2 HOH 75  254 77  HOH HOH A . 
B 2 HOH 76  255 78  HOH HOH A . 
B 2 HOH 77  256 79  HOH HOH A . 
B 2 HOH 78  257 80  HOH HOH A . 
B 2 HOH 79  258 81  HOH HOH A . 
B 2 HOH 80  259 82  HOH HOH A . 
B 2 HOH 81  260 83  HOH HOH A . 
B 2 HOH 82  261 84  HOH HOH A . 
B 2 HOH 83  262 85  HOH HOH A . 
B 2 HOH 84  263 86  HOH HOH A . 
B 2 HOH 85  264 87  HOH HOH A . 
B 2 HOH 86  265 88  HOH HOH A . 
B 2 HOH 87  266 89  HOH HOH A . 
B 2 HOH 88  267 90  HOH HOH A . 
B 2 HOH 89  268 91  HOH HOH A . 
B 2 HOH 90  269 92  HOH HOH A . 
B 2 HOH 91  270 93  HOH HOH A . 
B 2 HOH 92  271 94  HOH HOH A . 
B 2 HOH 93  272 95  HOH HOH A . 
B 2 HOH 94  273 96  HOH HOH A . 
B 2 HOH 95  274 97  HOH HOH A . 
B 2 HOH 96  275 98  HOH HOH A . 
B 2 HOH 97  276 99  HOH HOH A . 
B 2 HOH 98  277 100 HOH HOH A . 
B 2 HOH 99  278 101 HOH HOH A . 
B 2 HOH 100 279 102 HOH HOH A . 
B 2 HOH 101 280 103 HOH HOH A . 
B 2 HOH 102 281 104 HOH HOH A . 
B 2 HOH 103 282 105 HOH HOH A . 
B 2 HOH 104 283 106 HOH HOH A . 
B 2 HOH 105 284 107 HOH HOH A . 
B 2 HOH 106 285 108 HOH HOH A . 
B 2 HOH 107 286 109 HOH HOH A . 
B 2 HOH 108 287 111 HOH HOH A . 
B 2 HOH 109 288 112 HOH HOH A . 
B 2 HOH 110 289 113 HOH HOH A . 
B 2 HOH 111 290 114 HOH HOH A . 
B 2 HOH 112 291 115 HOH HOH A . 
B 2 HOH 113 292 116 HOH HOH A . 
B 2 HOH 114 293 117 HOH HOH A . 
B 2 HOH 115 294 118 HOH HOH A . 
B 2 HOH 116 295 119 HOH HOH A . 
B 2 HOH 117 296 120 HOH HOH A . 
B 2 HOH 118 297 121 HOH HOH A . 
B 2 HOH 119 298 123 HOH HOH A . 
B 2 HOH 120 299 124 HOH HOH A . 
B 2 HOH 121 300 125 HOH HOH A . 
B 2 HOH 122 301 126 HOH HOH A . 
B 2 HOH 123 302 127 HOH HOH A . 
B 2 HOH 124 303 128 HOH HOH A . 
B 2 HOH 125 304 129 HOH HOH A . 
B 2 HOH 126 305 130 HOH HOH A . 
B 2 HOH 127 306 132 HOH HOH A . 
B 2 HOH 128 307 133 HOH HOH A . 
B 2 HOH 129 308 134 HOH HOH A . 
B 2 HOH 130 309 135 HOH HOH A . 
B 2 HOH 131 310 136 HOH HOH A . 
B 2 HOH 132 311 137 HOH HOH A . 
B 2 HOH 133 312 139 HOH HOH A . 
B 2 HOH 134 313 140 HOH HOH A . 
B 2 HOH 135 314 141 HOH HOH A . 
B 2 HOH 136 315 142 HOH HOH A . 
B 2 HOH 137 316 143 HOH HOH A . 
B 2 HOH 138 317 144 HOH HOH A . 
B 2 HOH 139 318 145 HOH HOH A . 
B 2 HOH 140 319 146 HOH HOH A . 
B 2 HOH 141 320 147 HOH HOH A . 
B 2 HOH 142 321 148 HOH HOH A . 
B 2 HOH 143 322 149 HOH HOH A . 
B 2 HOH 144 323 150 HOH HOH A . 
B 2 HOH 145 324 151 HOH HOH A . 
# 
_pdbx_unobs_or_zero_occ_atoms.id               1 
_pdbx_unobs_or_zero_occ_atoms.PDB_model_num    1 
_pdbx_unobs_or_zero_occ_atoms.polymer_flag     Y 
_pdbx_unobs_or_zero_occ_atoms.occupancy_flag   1 
_pdbx_unobs_or_zero_occ_atoms.auth_asym_id     A 
_pdbx_unobs_or_zero_occ_atoms.auth_comp_id     ALA 
_pdbx_unobs_or_zero_occ_atoms.auth_seq_id      45 
_pdbx_unobs_or_zero_occ_atoms.PDB_ins_code     ? 
_pdbx_unobs_or_zero_occ_atoms.auth_atom_id     CB 
_pdbx_unobs_or_zero_occ_atoms.label_alt_id     ? 
_pdbx_unobs_or_zero_occ_atoms.label_asym_id    A 
_pdbx_unobs_or_zero_occ_atoms.label_comp_id    ALA 
_pdbx_unobs_or_zero_occ_atoms.label_seq_id     46 
_pdbx_unobs_or_zero_occ_atoms.label_atom_id    CB 
# 
loop_
_software.name 
_software.classification 
_software.version 
_software.citation_id 
_software.pdbx_ordinal 
PROLSQ    refinement       . ? 1 
DENZO     'data reduction' . ? 2 
SCALEPACK 'data scaling'   . ? 3 
# 
_cell.entry_id           1SFE 
_cell.length_a           46.200 
_cell.length_b           45.950 
_cell.length_c           46.400 
_cell.angle_alpha        90.00 
_cell.angle_beta         114.06 
_cell.angle_gamma        90.00 
_cell.Z_PDB              2 
_cell.pdbx_unique_axis   ? 
# 
_symmetry.entry_id                         1SFE 
_symmetry.space_group_name_H-M             'P 1 21 1' 
_symmetry.pdbx_full_space_group_name_H-M   ? 
_symmetry.cell_setting                     ? 
_symmetry.Int_Tables_number                4 
# 
_exptl.entry_id          1SFE 
_exptl.method            'X-RAY DIFFRACTION' 
_exptl.crystals_number   ? 
# 
_exptl_crystal.id                    1 
_exptl_crystal.density_meas          ? 
_exptl_crystal.density_Matthews      2.27 
_exptl_crystal.density_percent_sol   48. 
_exptl_crystal.description           ? 
# 
loop_
_diffrn.id 
_diffrn.ambient_temp 
_diffrn.ambient_temp_details 
_diffrn.crystal_id 
1   ? ? 1 
2   ? ? 1 
1,2 ? ? 1 
# 
loop_
_diffrn_detector.diffrn_id 
_diffrn_detector.detector 
_diffrn_detector.type 
_diffrn_detector.pdbx_collection_date 
_diffrn_detector.details 
1 DIFFRACTOMETER WEISSENBERG ? ? 
2 'IMAGE PLATE'  RIGAKU      ? ? 
# 
loop_
_diffrn_radiation.diffrn_id 
_diffrn_radiation.wavelength_id 
_diffrn_radiation.pdbx_monochromatic_or_laue_m_l 
_diffrn_radiation.monochromator 
_diffrn_radiation.pdbx_diffrn_protocol 
_diffrn_radiation.pdbx_scattering_type 
1 1 M ? ? x-ray 
2 2 M ? ? x-ray 
# 
loop_
_diffrn_radiation_wavelength.id 
_diffrn_radiation_wavelength.wavelength 
_diffrn_radiation_wavelength.wt 
1 0.89  1.0 
2 0.707 1.0 
# 
loop_
_diffrn_source.diffrn_id 
_diffrn_source.source 
_diffrn_source.type 
_diffrn_source.pdbx_synchrotron_site 
_diffrn_source.pdbx_synchrotron_beamline 
_diffrn_source.pdbx_wavelength 
_diffrn_source.pdbx_wavelength_list 
1 SYNCHROTRON      'PHOTON FACTORY BEAMLINE BL-6A' 'Photon Factory' BL-6A 0.89  ? 
2 'ROTATING ANODE' 'RIGAKU RU300'                  ?                ?     0.707 ? 
# 
_reflns.entry_id                     1SFE 
_reflns.observed_criterion_sigma_I   0.0 
_reflns.observed_criterion_sigma_F   ? 
_reflns.d_resolution_low             ? 
_reflns.d_resolution_high            ? 
_reflns.number_obs                   9017 
_reflns.number_all                   ? 
_reflns.percent_possible_obs         86. 
_reflns.pdbx_Rmerge_I_obs            0.0580000 
_reflns.pdbx_Rsym_value              ? 
_reflns.pdbx_netI_over_sigmaI        ? 
_reflns.B_iso_Wilson_estimate        ? 
_reflns.pdbx_redundancy              2.2 
_reflns.pdbx_ordinal                 1 
_reflns.pdbx_diffrn_id               1,2 
# 
_refine.entry_id                                 1SFE 
_refine.ls_number_reflns_obs                     9017 
_refine.ls_number_reflns_all                     9017 
_refine.pdbx_ls_sigma_I                          ? 
_refine.pdbx_ls_sigma_F                          0.0 
_refine.pdbx_data_cutoff_high_absF               ? 
_refine.pdbx_data_cutoff_low_absF                ? 
_refine.pdbx_data_cutoff_high_rms_absF           ? 
_refine.ls_d_res_low                             39. 
_refine.ls_d_res_high                            2.1 
_refine.ls_percent_reflns_obs                    ? 
_refine.ls_R_factor_obs                          ? 
_refine.ls_R_factor_all                          ? 
_refine.ls_R_factor_R_work                       0.2190000 
_refine.ls_R_factor_R_free                       ? 
_refine.ls_R_factor_R_free_error                 ? 
_refine.ls_R_factor_R_free_error_details         ? 
_refine.ls_percent_reflns_R_free                 ? 
_refine.ls_number_reflns_R_free                  ? 
_refine.ls_number_parameters                     ? 
_refine.ls_number_restraints                     ? 
_refine.occupancy_min                            ? 
_refine.occupancy_max                            ? 
_refine.B_iso_mean                               44.9 
_refine.aniso_B[1][1]                            ? 
_refine.aniso_B[2][2]                            ? 
_refine.aniso_B[3][3]                            ? 
_refine.aniso_B[1][2]                            ? 
_refine.aniso_B[1][3]                            ? 
_refine.aniso_B[2][3]                            ? 
_refine.solvent_model_details                    ? 
_refine.solvent_model_param_ksol                 ? 
_refine.solvent_model_param_bsol                 ? 
_refine.pdbx_ls_cross_valid_method               ? 
_refine.details                                  ? 
_refine.pdbx_starting_model                      ? 
_refine.pdbx_method_to_determine_struct          ? 
_refine.pdbx_isotropic_thermal_model             ? 
_refine.pdbx_stereochemistry_target_values       ? 
_refine.pdbx_stereochem_target_val_spec_case     ? 
_refine.pdbx_R_Free_selection_details            ? 
_refine.pdbx_overall_ESU_R                       ? 
_refine.pdbx_overall_ESU_R_Free                  ? 
_refine.overall_SU_ML                            ? 
_refine.overall_SU_B                             ? 
_refine.pdbx_refine_id                           'X-RAY DIFFRACTION' 
_refine.pdbx_diffrn_id                           1 
_refine.pdbx_TLS_residual_ADP_flag               ? 
_refine.correlation_coeff_Fo_to_Fc               ? 
_refine.correlation_coeff_Fo_to_Fc_free          ? 
_refine.pdbx_solvent_vdw_probe_radii             ? 
_refine.pdbx_solvent_ion_probe_radii             ? 
_refine.pdbx_solvent_shrinkage_radii             ? 
_refine.pdbx_overall_phase_error                 ? 
_refine.overall_SU_R_Cruickshank_DPI             ? 
_refine.pdbx_overall_SU_R_free_Cruickshank_DPI   ? 
_refine.pdbx_overall_SU_R_Blow_DPI               ? 
_refine.pdbx_overall_SU_R_free_Blow_DPI          ? 
# 
_refine_analyze.entry_id                        1SFE 
_refine_analyze.Luzzati_coordinate_error_obs    ? 
_refine_analyze.Luzzati_sigma_a_obs             0.15 
_refine_analyze.Luzzati_d_res_low_obs           ? 
_refine_analyze.Luzzati_coordinate_error_free   ? 
_refine_analyze.Luzzati_sigma_a_free            ? 
_refine_analyze.Luzzati_d_res_low_free          ? 
_refine_analyze.number_disordered_residues      ? 
_refine_analyze.occupancy_sum_hydrogen          ? 
_refine_analyze.occupancy_sum_non_hydrogen      ? 
_refine_analyze.pdbx_refine_id                  'X-RAY DIFFRACTION' 
# 
_refine_hist.pdbx_refine_id                   'X-RAY DIFFRACTION' 
_refine_hist.cycle_id                         LAST 
_refine_hist.pdbx_number_atoms_protein        1257 
_refine_hist.pdbx_number_atoms_nucleic_acid   0 
_refine_hist.pdbx_number_atoms_ligand         0 
_refine_hist.number_atoms_solvent             145 
_refine_hist.number_atoms_total               1402 
_refine_hist.d_res_high                       2.1 
_refine_hist.d_res_low                        39. 
# 
loop_
_refine_ls_restr.type 
_refine_ls_restr.dev_ideal 
_refine_ls_restr.dev_ideal_target 
_refine_ls_restr.weight 
_refine_ls_restr.number 
_refine_ls_restr.pdbx_refine_id 
_refine_ls_restr.pdbx_restraint_function 
p_bond_d            0.010 0.020 ? ? 'X-RAY DIFFRACTION' ? 
p_angle_d           0.031 0.040 ? ? 'X-RAY DIFFRACTION' ? 
p_angle_deg         ?     ?     ? ? 'X-RAY DIFFRACTION' ? 
p_planar_d          0.033 0.050 ? ? 'X-RAY DIFFRACTION' ? 
p_hb_or_metal_coord ?     ?     ? ? 'X-RAY DIFFRACTION' ? 
p_mcbond_it         1.592 2.000 ? ? 'X-RAY DIFFRACTION' ? 
p_mcangle_it        2.590 3.000 ? ? 'X-RAY DIFFRACTION' ? 
p_scbond_it         1.597 2.000 ? ? 'X-RAY DIFFRACTION' ? 
p_scangle_it        2.580 3.000 ? ? 'X-RAY DIFFRACTION' ? 
p_plane_restr       ?     ?     ? ? 'X-RAY DIFFRACTION' ? 
p_chiral_restr      0.112 0.150 ? ? 'X-RAY DIFFRACTION' ? 
p_singtor_nbd       ?     ?     ? ? 'X-RAY DIFFRACTION' ? 
p_multtor_nbd       ?     ?     ? ? 'X-RAY DIFFRACTION' ? 
p_xhyhbond_nbd      ?     ?     ? ? 'X-RAY DIFFRACTION' ? 
p_xyhbond_nbd       ?     ?     ? ? 'X-RAY DIFFRACTION' ? 
p_planar_tor        3.9   7.0   ? ? 'X-RAY DIFFRACTION' ? 
p_staggered_tor     22.3  15.0  ? ? 'X-RAY DIFFRACTION' ? 
p_orthonormal_tor   ?     ?     ? ? 'X-RAY DIFFRACTION' ? 
p_transverse_tor    41.4  20.0  ? ? 'X-RAY DIFFRACTION' ? 
p_special_tor       ?     ?     ? ? 'X-RAY DIFFRACTION' ? 
# 
_pdbx_refine.entry_id                                    1SFE 
_pdbx_refine.R_factor_all_no_cutoff                      ? 
_pdbx_refine.R_factor_obs_no_cutoff                      0.2190000 
_pdbx_refine.free_R_factor_no_cutoff                     ? 
_pdbx_refine.free_R_val_test_set_size_perc_no_cutoff     ? 
_pdbx_refine.free_R_val_test_set_ct_no_cutoff            ? 
_pdbx_refine.R_factor_all_4sig_cutoff                    ? 
_pdbx_refine.R_factor_obs_4sig_cutoff                    ? 
_pdbx_refine.free_R_factor_4sig_cutoff                   ? 
_pdbx_refine.free_R_val_test_set_size_perc_4sig_cutoff   ? 
_pdbx_refine.free_R_val_test_set_ct_4sig_cutoff          ? 
_pdbx_refine.number_reflns_obs_4sig_cutoff               ? 
_pdbx_refine.pdbx_refine_id                              'X-RAY DIFFRACTION' 
_pdbx_refine.free_R_error_no_cutoff                      ? 
# 
_struct.entry_id                  1SFE 
_struct.title                     'ADA O6-METHYLGUANINE-DNA METHYLTRANSFERASE FROM ESCHERICHIA COLI' 
_struct.pdbx_model_details        ? 
_struct.pdbx_CASP_flag            ? 
_struct.pdbx_model_type_details   ? 
# 
_struct_keywords.entry_id        1SFE 
_struct_keywords.pdbx_keywords   'DNA BINDING PROTEIN' 
_struct_keywords.text            
'ENZYME, TRANSFERASE, METHYLTRANSFERASE, NUCLEIC ACID BINDING PROTEIN, DNA REPAIR PROTEIN, DNA-BINDING PROTEIN, DNA BINDING PROTEIN' 
# 
loop_
_struct_asym.id 
_struct_asym.pdbx_blank_PDB_chainid_flag 
_struct_asym.pdbx_modified 
_struct_asym.entity_id 
_struct_asym.details 
A N N 1 ? 
B N N 2 ? 
# 
_struct_ref.id                         1 
_struct_ref.db_name                    UNP 
_struct_ref.db_code                    ADA_ECOLI 
_struct_ref.entity_id                  1 
_struct_ref.pdbx_db_accession          P06134 
_struct_ref.pdbx_align_begin           1 
_struct_ref.pdbx_seq_one_letter_code   
;MKKATCLTDDQRWQSVLARDPNADGEFVFAVRTTGIFCRPSCRARHALRENVSFYANASEALAAGFRPCKRCQPDKANPR
QHRLDKITHACRLLEQETPVTLEALADQVAMSPFHLHRLFKATTGMTPKAWQQAWRARRLRESLAKGESVTTSILNAGFP
DSSSYYRKADETLGMTAKQFRHGGENLAVRYALADCELGRCLVAESERGICAILLGDDDATLISELQQMFPAADNAPADL
MFQQHVREVIASLNQRDTPLTLPLDIRGTAFQQQVWQALRTIPCGETVSYQQLANAIGKPKAVRAVASACAANKLAIVIP
CHRVVRGDGSLSGYRWGVSRKAQLLRREAENEER
;
_struct_ref.pdbx_db_isoform            ? 
# 
_struct_ref_seq.align_id                      1 
_struct_ref_seq.ref_id                        1 
_struct_ref_seq.pdbx_PDB_id_code              1SFE 
_struct_ref_seq.pdbx_strand_id                A 
_struct_ref_seq.seq_align_beg                 1 
_struct_ref_seq.pdbx_seq_align_beg_ins_code   ? 
_struct_ref_seq.seq_align_end                 180 
_struct_ref_seq.pdbx_seq_align_end_ins_code   ? 
_struct_ref_seq.pdbx_db_accession             P06134 
_struct_ref_seq.db_align_beg                  175 
_struct_ref_seq.pdbx_db_align_beg_ins_code    ? 
_struct_ref_seq.db_align_end                  354 
_struct_ref_seq.pdbx_db_align_end_ins_code    ? 
_struct_ref_seq.pdbx_auth_seq_align_beg       0 
_struct_ref_seq.pdbx_auth_seq_align_end       179 
# 
_pdbx_struct_assembly.id                   1 
_pdbx_struct_assembly.details              author_defined_assembly 
_pdbx_struct_assembly.method_details       ? 
_pdbx_struct_assembly.oligomeric_details   monomeric 
_pdbx_struct_assembly.oligomeric_count     1 
# 
_pdbx_struct_assembly_gen.assembly_id       1 
_pdbx_struct_assembly_gen.oper_expression   1 
_pdbx_struct_assembly_gen.asym_id_list      A,B 
# 
_pdbx_struct_oper_list.id                   1 
_pdbx_struct_oper_list.type                 'identity operation' 
_pdbx_struct_oper_list.name                 1_555 
_pdbx_struct_oper_list.symmetry_operation   x,y,z 
_pdbx_struct_oper_list.matrix[1][1]         1.0000000000 
_pdbx_struct_oper_list.matrix[1][2]         0.0000000000 
_pdbx_struct_oper_list.matrix[1][3]         0.0000000000 
_pdbx_struct_oper_list.vector[1]            0.0000000000 
_pdbx_struct_oper_list.matrix[2][1]         0.0000000000 
_pdbx_struct_oper_list.matrix[2][2]         1.0000000000 
_pdbx_struct_oper_list.matrix[2][3]         0.0000000000 
_pdbx_struct_oper_list.vector[2]            0.0000000000 
_pdbx_struct_oper_list.matrix[3][1]         0.0000000000 
_pdbx_struct_oper_list.matrix[3][2]         0.0000000000 
_pdbx_struct_oper_list.matrix[3][3]         1.0000000000 
_pdbx_struct_oper_list.vector[3]            0.0000000000 
# 
_struct_biol.id   1 
# 
loop_
_struct_conf.conf_type_id 
_struct_conf.id 
_struct_conf.pdbx_PDB_helix_id 
_struct_conf.beg_label_comp_id 
_struct_conf.beg_label_asym_id 
_struct_conf.beg_label_seq_id 
_struct_conf.pdbx_beg_PDB_ins_code 
_struct_conf.end_label_comp_id 
_struct_conf.end_label_asym_id 
_struct_conf.end_label_seq_id 
_struct_conf.pdbx_end_PDB_ins_code 
_struct_conf.beg_auth_comp_id 
_struct_conf.beg_auth_asym_id 
_struct_conf.beg_auth_seq_id 
_struct_conf.end_auth_comp_id 
_struct_conf.end_auth_asym_id 
_struct_conf.end_auth_seq_id 
_struct_conf.pdbx_PDB_helix_class 
_struct_conf.details 
_struct_conf.pdbx_PDB_helix_length 
HELX_P HELX_P1 1 ASP A 45  ? MET A 55  ? ASP A 44  MET A 54  1 ? 11 
HELX_P HELX_P2 2 LEU A 66  ? ASN A 80  ? LEU A 65  ASN A 79  1 ? 15 
HELX_P HELX_P3 3 ALA A 96  ? THR A 107 ? ALA A 95  THR A 106 1 ? 12 
HELX_P HELX_P4 4 TYR A 116 ? ALA A 122 ? TYR A 115 ALA A 121 1 ? 7  
HELX_P HELX_P5 5 VAL A 129 ? ALA A 138 ? VAL A 128 ALA A 137 1 ? 10 
HELX_P HELX_P6 6 CYS A 147 ? ARG A 149 ? CYS A 146 ARG A 148 5 ? 3  
HELX_P HELX_P7 7 VAL A 164 ? GLU A 174 ? VAL A 163 GLU A 173 1 ? 11 
# 
_struct_conf_type.id          HELX_P 
_struct_conf_type.criteria    ? 
_struct_conf_type.reference   ? 
# 
_struct_sheet.id               A 
_struct_sheet.type             ? 
_struct_sheet.number_strands   3 
_struct_sheet.details          ? 
# 
loop_
_struct_sheet_order.sheet_id 
_struct_sheet_order.range_id_1 
_struct_sheet_order.range_id_2 
_struct_sheet_order.offset 
_struct_sheet_order.sense 
A 1 2 ? anti-parallel 
A 2 3 ? anti-parallel 
# 
loop_
_struct_sheet_range.sheet_id 
_struct_sheet_range.id 
_struct_sheet_range.beg_label_comp_id 
_struct_sheet_range.beg_label_asym_id 
_struct_sheet_range.beg_label_seq_id 
_struct_sheet_range.pdbx_beg_PDB_ins_code 
_struct_sheet_range.end_label_comp_id 
_struct_sheet_range.end_label_asym_id 
_struct_sheet_range.end_label_seq_id 
_struct_sheet_range.pdbx_end_PDB_ins_code 
_struct_sheet_range.beg_auth_comp_id 
_struct_sheet_range.beg_auth_asym_id 
_struct_sheet_range.beg_auth_seq_id 
_struct_sheet_range.end_auth_comp_id 
_struct_sheet_range.end_auth_asym_id 
_struct_sheet_range.end_auth_seq_id 
A 1 ARG A 16 ? CYS A 22 ? ARG A 15 CYS A 21 
A 2 GLY A 25 ? GLU A 31 ? GLY A 24 GLU A 30 
A 3 ILE A 36 ? GLY A 42 ? ILE A 35 GLY A 41 
# 
loop_
_pdbx_struct_sheet_hbond.sheet_id 
_pdbx_struct_sheet_hbond.range_id_1 
_pdbx_struct_sheet_hbond.range_id_2 
_pdbx_struct_sheet_hbond.range_1_label_atom_id 
_pdbx_struct_sheet_hbond.range_1_label_comp_id 
_pdbx_struct_sheet_hbond.range_1_label_asym_id 
_pdbx_struct_sheet_hbond.range_1_label_seq_id 
_pdbx_struct_sheet_hbond.range_1_PDB_ins_code 
_pdbx_struct_sheet_hbond.range_1_auth_atom_id 
_pdbx_struct_sheet_hbond.range_1_auth_comp_id 
_pdbx_struct_sheet_hbond.range_1_auth_asym_id 
_pdbx_struct_sheet_hbond.range_1_auth_seq_id 
_pdbx_struct_sheet_hbond.range_2_label_atom_id 
_pdbx_struct_sheet_hbond.range_2_label_comp_id 
_pdbx_struct_sheet_hbond.range_2_label_asym_id 
_pdbx_struct_sheet_hbond.range_2_label_seq_id 
_pdbx_struct_sheet_hbond.range_2_PDB_ins_code 
_pdbx_struct_sheet_hbond.range_2_auth_atom_id 
_pdbx_struct_sheet_hbond.range_2_auth_comp_id 
_pdbx_struct_sheet_hbond.range_2_auth_asym_id 
_pdbx_struct_sheet_hbond.range_2_auth_seq_id 
A 1 2 O ARG A 16 ? O ARG A 15 N GLU A 31 ? N GLU A 30 
A 2 3 O ARG A 26 ? O ARG A 25 N GLY A 42 ? N GLY A 41 
# 
loop_
_pdbx_validate_rmsd_angle.id 
_pdbx_validate_rmsd_angle.PDB_model_num 
_pdbx_validate_rmsd_angle.auth_atom_id_1 
_pdbx_validate_rmsd_angle.auth_asym_id_1 
_pdbx_validate_rmsd_angle.auth_comp_id_1 
_pdbx_validate_rmsd_angle.auth_seq_id_1 
_pdbx_validate_rmsd_angle.PDB_ins_code_1 
_pdbx_validate_rmsd_angle.label_alt_id_1 
_pdbx_validate_rmsd_angle.auth_atom_id_2 
_pdbx_validate_rmsd_angle.auth_asym_id_2 
_pdbx_validate_rmsd_angle.auth_comp_id_2 
_pdbx_validate_rmsd_angle.auth_seq_id_2 
_pdbx_validate_rmsd_angle.PDB_ins_code_2 
_pdbx_validate_rmsd_angle.label_alt_id_2 
_pdbx_validate_rmsd_angle.auth_atom_id_3 
_pdbx_validate_rmsd_angle.auth_asym_id_3 
_pdbx_validate_rmsd_angle.auth_comp_id_3 
_pdbx_validate_rmsd_angle.auth_seq_id_3 
_pdbx_validate_rmsd_angle.PDB_ins_code_3 
_pdbx_validate_rmsd_angle.label_alt_id_3 
_pdbx_validate_rmsd_angle.angle_value 
_pdbx_validate_rmsd_angle.angle_target_value 
_pdbx_validate_rmsd_angle.angle_deviation 
_pdbx_validate_rmsd_angle.angle_standard_deviation 
_pdbx_validate_rmsd_angle.linker_flag 
1  1 NE A ARG 25  ? ? CZ A ARG 25  ? ? NH2 A ARG 25  ? ? 116.86 120.30 -3.44 0.50 N 
2  1 CB A ASP 59  ? ? CG A ASP 59  ? ? OD2 A ASP 59  ? ? 112.66 118.30 -5.64 0.90 N 
3  1 NE A ARG 92  ? ? CZ A ARG 92  ? ? NH2 A ARG 92  ? ? 116.41 120.30 -3.89 0.50 N 
4  1 NE A ARG 105 ? ? CZ A ARG 105 ? ? NH1 A ARG 105 ? ? 117.18 120.30 -3.12 0.50 N 
5  1 NE A ARG 129 ? ? CZ A ARG 129 ? ? NH2 A ARG 129 ? ? 116.78 120.30 -3.52 0.50 N 
6  1 NE A ARG 165 ? ? CZ A ARG 165 ? ? NH1 A ARG 165 ? ? 124.95 120.30 4.65  0.50 N 
7  1 NE A ARG 165 ? ? CZ A ARG 165 ? ? NH2 A ARG 165 ? ? 116.26 120.30 -4.04 0.50 N 
8  1 CD A ARG 171 ? ? NE A ARG 171 ? ? CZ  A ARG 171 ? ? 140.04 123.60 16.44 1.40 N 
9  1 NE A ARG 171 ? ? CZ A ARG 171 ? ? NH1 A ARG 171 ? ? 124.29 120.30 3.99  0.50 N 
10 1 NE A ARG 171 ? ? CZ A ARG 171 ? ? NH2 A ARG 171 ? ? 117.00 120.30 -3.30 0.50 N 
# 
loop_
_pdbx_validate_torsion.id 
_pdbx_validate_torsion.PDB_model_num 
_pdbx_validate_torsion.auth_comp_id 
_pdbx_validate_torsion.auth_asym_id 
_pdbx_validate_torsion.auth_seq_id 
_pdbx_validate_torsion.PDB_ins_code 
_pdbx_validate_torsion.label_alt_id 
_pdbx_validate_torsion.phi 
_pdbx_validate_torsion.psi 
1 1 ASP A 64  ? ? -67.94  98.96  
2 1 ASP A 82  ? ? -145.33 41.24  
3 1 ALA A 127 ? ? -91.37  40.27  
4 1 ILE A 142 ? ? 69.17   -50.41 
5 1 ALA A 174 ? ? -100.39 72.83  
# 
loop_
_pdbx_unobs_or_zero_occ_residues.id 
_pdbx_unobs_or_zero_occ_residues.PDB_model_num 
_pdbx_unobs_or_zero_occ_residues.polymer_flag 
_pdbx_unobs_or_zero_occ_residues.occupancy_flag 
_pdbx_unobs_or_zero_occ_residues.auth_asym_id 
_pdbx_unobs_or_zero_occ_residues.auth_comp_id 
_pdbx_unobs_or_zero_occ_residues.auth_seq_id 
_pdbx_unobs_or_zero_occ_residues.PDB_ins_code 
_pdbx_unobs_or_zero_occ_residues.label_asym_id 
_pdbx_unobs_or_zero_occ_residues.label_comp_id 
_pdbx_unobs_or_zero_occ_residues.label_seq_id 
1  1 Y 1 A MET 0   ? A MET 1   
2  1 Y 1 A THR 1   ? A THR 2   
3  1 Y 1 A ALA 2   ? A ALA 3   
4  1 Y 1 A LYS 3   ? A LYS 4   
5  1 Y 1 A GLN 4   ? A GLN 5   
6  1 Y 1 A PHE 5   ? A PHE 6   
7  1 Y 1 A ARG 6   ? A ARG 7   
8  1 Y 1 A HIS 7   ? A HIS 8   
9  1 Y 1 A GLY 8   ? A GLY 9   
10 1 Y 1 A GLY 9   ? A GLY 10  
11 1 Y 1 A GLU 10  ? A GLU 11  
12 1 Y 1 A ASN 11  ? A ASN 12  
13 1 Y 1 A GLU 177 ? A GLU 178 
14 1 Y 1 A GLU 178 ? A GLU 179 
15 1 Y 1 A ARG 179 ? A ARG 180 
# 
loop_
_chem_comp_atom.comp_id 
_chem_comp_atom.atom_id 
_chem_comp_atom.type_symbol 
_chem_comp_atom.pdbx_aromatic_flag 
_chem_comp_atom.pdbx_stereo_config 
_chem_comp_atom.pdbx_ordinal 
ALA N    N N N 1   
ALA CA   C N S 2   
ALA C    C N N 3   
ALA O    O N N 4   
ALA CB   C N N 5   
ALA OXT  O N N 6   
ALA H    H N N 7   
ALA H2   H N N 8   
ALA HA   H N N 9   
ALA HB1  H N N 10  
ALA HB2  H N N 11  
ALA HB3  H N N 12  
ALA HXT  H N N 13  
ARG N    N N N 14  
ARG CA   C N S 15  
ARG C    C N N 16  
ARG O    O N N 17  
ARG CB   C N N 18  
ARG CG   C N N 19  
ARG CD   C N N 20  
ARG NE   N N N 21  
ARG CZ   C N N 22  
ARG NH1  N N N 23  
ARG NH2  N N N 24  
ARG OXT  O N N 25  
ARG H    H N N 26  
ARG H2   H N N 27  
ARG HA   H N N 28  
ARG HB2  H N N 29  
ARG HB3  H N N 30  
ARG HG2  H N N 31  
ARG HG3  H N N 32  
ARG HD2  H N N 33  
ARG HD3  H N N 34  
ARG HE   H N N 35  
ARG HH11 H N N 36  
ARG HH12 H N N 37  
ARG HH21 H N N 38  
ARG HH22 H N N 39  
ARG HXT  H N N 40  
ASN N    N N N 41  
ASN CA   C N S 42  
ASN C    C N N 43  
ASN O    O N N 44  
ASN CB   C N N 45  
ASN CG   C N N 46  
ASN OD1  O N N 47  
ASN ND2  N N N 48  
ASN OXT  O N N 49  
ASN H    H N N 50  
ASN H2   H N N 51  
ASN HA   H N N 52  
ASN HB2  H N N 53  
ASN HB3  H N N 54  
ASN HD21 H N N 55  
ASN HD22 H N N 56  
ASN HXT  H N N 57  
ASP N    N N N 58  
ASP CA   C N S 59  
ASP C    C N N 60  
ASP O    O N N 61  
ASP CB   C N N 62  
ASP CG   C N N 63  
ASP OD1  O N N 64  
ASP OD2  O N N 65  
ASP OXT  O N N 66  
ASP H    H N N 67  
ASP H2   H N N 68  
ASP HA   H N N 69  
ASP HB2  H N N 70  
ASP HB3  H N N 71  
ASP HD2  H N N 72  
ASP HXT  H N N 73  
CYS N    N N N 74  
CYS CA   C N R 75  
CYS C    C N N 76  
CYS O    O N N 77  
CYS CB   C N N 78  
CYS SG   S N N 79  
CYS OXT  O N N 80  
CYS H    H N N 81  
CYS H2   H N N 82  
CYS HA   H N N 83  
CYS HB2  H N N 84  
CYS HB3  H N N 85  
CYS HG   H N N 86  
CYS HXT  H N N 87  
GLN N    N N N 88  
GLN CA   C N S 89  
GLN C    C N N 90  
GLN O    O N N 91  
GLN CB   C N N 92  
GLN CG   C N N 93  
GLN CD   C N N 94  
GLN OE1  O N N 95  
GLN NE2  N N N 96  
GLN OXT  O N N 97  
GLN H    H N N 98  
GLN H2   H N N 99  
GLN HA   H N N 100 
GLN HB2  H N N 101 
GLN HB3  H N N 102 
GLN HG2  H N N 103 
GLN HG3  H N N 104 
GLN HE21 H N N 105 
GLN HE22 H N N 106 
GLN HXT  H N N 107 
GLU N    N N N 108 
GLU CA   C N S 109 
GLU C    C N N 110 
GLU O    O N N 111 
GLU CB   C N N 112 
GLU CG   C N N 113 
GLU CD   C N N 114 
GLU OE1  O N N 115 
GLU OE2  O N N 116 
GLU OXT  O N N 117 
GLU H    H N N 118 
GLU H2   H N N 119 
GLU HA   H N N 120 
GLU HB2  H N N 121 
GLU HB3  H N N 122 
GLU HG2  H N N 123 
GLU HG3  H N N 124 
GLU HE2  H N N 125 
GLU HXT  H N N 126 
GLY N    N N N 127 
GLY CA   C N N 128 
GLY C    C N N 129 
GLY O    O N N 130 
GLY OXT  O N N 131 
GLY H    H N N 132 
GLY H2   H N N 133 
GLY HA2  H N N 134 
GLY HA3  H N N 135 
GLY HXT  H N N 136 
HIS N    N N N 137 
HIS CA   C N S 138 
HIS C    C N N 139 
HIS O    O N N 140 
HIS CB   C N N 141 
HIS CG   C Y N 142 
HIS ND1  N Y N 143 
HIS CD2  C Y N 144 
HIS CE1  C Y N 145 
HIS NE2  N Y N 146 
HIS OXT  O N N 147 
HIS H    H N N 148 
HIS H2   H N N 149 
HIS HA   H N N 150 
HIS HB2  H N N 151 
HIS HB3  H N N 152 
HIS HD1  H N N 153 
HIS HD2  H N N 154 
HIS HE1  H N N 155 
HIS HE2  H N N 156 
HIS HXT  H N N 157 
HOH O    O N N 158 
HOH H1   H N N 159 
HOH H2   H N N 160 
ILE N    N N N 161 
ILE CA   C N S 162 
ILE C    C N N 163 
ILE O    O N N 164 
ILE CB   C N S 165 
ILE CG1  C N N 166 
ILE CG2  C N N 167 
ILE CD1  C N N 168 
ILE OXT  O N N 169 
ILE H    H N N 170 
ILE H2   H N N 171 
ILE HA   H N N 172 
ILE HB   H N N 173 
ILE HG12 H N N 174 
ILE HG13 H N N 175 
ILE HG21 H N N 176 
ILE HG22 H N N 177 
ILE HG23 H N N 178 
ILE HD11 H N N 179 
ILE HD12 H N N 180 
ILE HD13 H N N 181 
ILE HXT  H N N 182 
LEU N    N N N 183 
LEU CA   C N S 184 
LEU C    C N N 185 
LEU O    O N N 186 
LEU CB   C N N 187 
LEU CG   C N N 188 
LEU CD1  C N N 189 
LEU CD2  C N N 190 
LEU OXT  O N N 191 
LEU H    H N N 192 
LEU H2   H N N 193 
LEU HA   H N N 194 
LEU HB2  H N N 195 
LEU HB3  H N N 196 
LEU HG   H N N 197 
LEU HD11 H N N 198 
LEU HD12 H N N 199 
LEU HD13 H N N 200 
LEU HD21 H N N 201 
LEU HD22 H N N 202 
LEU HD23 H N N 203 
LEU HXT  H N N 204 
LYS N    N N N 205 
LYS CA   C N S 206 
LYS C    C N N 207 
LYS O    O N N 208 
LYS CB   C N N 209 
LYS CG   C N N 210 
LYS CD   C N N 211 
LYS CE   C N N 212 
LYS NZ   N N N 213 
LYS OXT  O N N 214 
LYS H    H N N 215 
LYS H2   H N N 216 
LYS HA   H N N 217 
LYS HB2  H N N 218 
LYS HB3  H N N 219 
LYS HG2  H N N 220 
LYS HG3  H N N 221 
LYS HD2  H N N 222 
LYS HD3  H N N 223 
LYS HE2  H N N 224 
LYS HE3  H N N 225 
LYS HZ1  H N N 226 
LYS HZ2  H N N 227 
LYS HZ3  H N N 228 
LYS HXT  H N N 229 
MET N    N N N 230 
MET CA   C N S 231 
MET C    C N N 232 
MET O    O N N 233 
MET CB   C N N 234 
MET CG   C N N 235 
MET SD   S N N 236 
MET CE   C N N 237 
MET OXT  O N N 238 
MET H    H N N 239 
MET H2   H N N 240 
MET HA   H N N 241 
MET HB2  H N N 242 
MET HB3  H N N 243 
MET HG2  H N N 244 
MET HG3  H N N 245 
MET HE1  H N N 246 
MET HE2  H N N 247 
MET HE3  H N N 248 
MET HXT  H N N 249 
PHE N    N N N 250 
PHE CA   C N S 251 
PHE C    C N N 252 
PHE O    O N N 253 
PHE CB   C N N 254 
PHE CG   C Y N 255 
PHE CD1  C Y N 256 
PHE CD2  C Y N 257 
PHE CE1  C Y N 258 
PHE CE2  C Y N 259 
PHE CZ   C Y N 260 
PHE OXT  O N N 261 
PHE H    H N N 262 
PHE H2   H N N 263 
PHE HA   H N N 264 
PHE HB2  H N N 265 
PHE HB3  H N N 266 
PHE HD1  H N N 267 
PHE HD2  H N N 268 
PHE HE1  H N N 269 
PHE HE2  H N N 270 
PHE HZ   H N N 271 
PHE HXT  H N N 272 
PRO N    N N N 273 
PRO CA   C N S 274 
PRO C    C N N 275 
PRO O    O N N 276 
PRO CB   C N N 277 
PRO CG   C N N 278 
PRO CD   C N N 279 
PRO OXT  O N N 280 
PRO H    H N N 281 
PRO HA   H N N 282 
PRO HB2  H N N 283 
PRO HB3  H N N 284 
PRO HG2  H N N 285 
PRO HG3  H N N 286 
PRO HD2  H N N 287 
PRO HD3  H N N 288 
PRO HXT  H N N 289 
SER N    N N N 290 
SER CA   C N S 291 
SER C    C N N 292 
SER O    O N N 293 
SER CB   C N N 294 
SER OG   O N N 295 
SER OXT  O N N 296 
SER H    H N N 297 
SER H2   H N N 298 
SER HA   H N N 299 
SER HB2  H N N 300 
SER HB3  H N N 301 
SER HG   H N N 302 
SER HXT  H N N 303 
THR N    N N N 304 
THR CA   C N S 305 
THR C    C N N 306 
THR O    O N N 307 
THR CB   C N R 308 
THR OG1  O N N 309 
THR CG2  C N N 310 
THR OXT  O N N 311 
THR H    H N N 312 
THR H2   H N N 313 
THR HA   H N N 314 
THR HB   H N N 315 
THR HG1  H N N 316 
THR HG21 H N N 317 
THR HG22 H N N 318 
THR HG23 H N N 319 
THR HXT  H N N 320 
TRP N    N N N 321 
TRP CA   C N S 322 
TRP C    C N N 323 
TRP O    O N N 324 
TRP CB   C N N 325 
TRP CG   C Y N 326 
TRP CD1  C Y N 327 
TRP CD2  C Y N 328 
TRP NE1  N Y N 329 
TRP CE2  C Y N 330 
TRP CE3  C Y N 331 
TRP CZ2  C Y N 332 
TRP CZ3  C Y N 333 
TRP CH2  C Y N 334 
TRP OXT  O N N 335 
TRP H    H N N 336 
TRP H2   H N N 337 
TRP HA   H N N 338 
TRP HB2  H N N 339 
TRP HB3  H N N 340 
TRP HD1  H N N 341 
TRP HE1  H N N 342 
TRP HE3  H N N 343 
TRP HZ2  H N N 344 
TRP HZ3  H N N 345 
TRP HH2  H N N 346 
TRP HXT  H N N 347 
TYR N    N N N 348 
TYR CA   C N S 349 
TYR C    C N N 350 
TYR O    O N N 351 
TYR CB   C N N 352 
TYR CG   C Y N 353 
TYR CD1  C Y N 354 
TYR CD2  C Y N 355 
TYR CE1  C Y N 356 
TYR CE2  C Y N 357 
TYR CZ   C Y N 358 
TYR OH   O N N 359 
TYR OXT  O N N 360 
TYR H    H N N 361 
TYR H2   H N N 362 
TYR HA   H N N 363 
TYR HB2  H N N 364 
TYR HB3  H N N 365 
TYR HD1  H N N 366 
TYR HD2  H N N 367 
TYR HE1  H N N 368 
TYR HE2  H N N 369 
TYR HH   H N N 370 
TYR HXT  H N N 371 
VAL N    N N N 372 
VAL CA   C N S 373 
VAL C    C N N 374 
VAL O    O N N 375 
VAL CB   C N N 376 
VAL CG1  C N N 377 
VAL CG2  C N N 378 
VAL OXT  O N N 379 
VAL H    H N N 380 
VAL H2   H N N 381 
VAL HA   H N N 382 
VAL HB   H N N 383 
VAL HG11 H N N 384 
VAL HG12 H N N 385 
VAL HG13 H N N 386 
VAL HG21 H N N 387 
VAL HG22 H N N 388 
VAL HG23 H N N 389 
VAL HXT  H N N 390 
# 
loop_
_chem_comp_bond.comp_id 
_chem_comp_bond.atom_id_1 
_chem_comp_bond.atom_id_2 
_chem_comp_bond.value_order 
_chem_comp_bond.pdbx_aromatic_flag 
_chem_comp_bond.pdbx_stereo_config 
_chem_comp_bond.pdbx_ordinal 
ALA N   CA   sing N N 1   
ALA N   H    sing N N 2   
ALA N   H2   sing N N 3   
ALA CA  C    sing N N 4   
ALA CA  CB   sing N N 5   
ALA CA  HA   sing N N 6   
ALA C   O    doub N N 7   
ALA C   OXT  sing N N 8   
ALA CB  HB1  sing N N 9   
ALA CB  HB2  sing N N 10  
ALA CB  HB3  sing N N 11  
ALA OXT HXT  sing N N 12  
ARG N   CA   sing N N 13  
ARG N   H    sing N N 14  
ARG N   H2   sing N N 15  
ARG CA  C    sing N N 16  
ARG CA  CB   sing N N 17  
ARG CA  HA   sing N N 18  
ARG C   O    doub N N 19  
ARG C   OXT  sing N N 20  
ARG CB  CG   sing N N 21  
ARG CB  HB2  sing N N 22  
ARG CB  HB3  sing N N 23  
ARG CG  CD   sing N N 24  
ARG CG  HG2  sing N N 25  
ARG CG  HG3  sing N N 26  
ARG CD  NE   sing N N 27  
ARG CD  HD2  sing N N 28  
ARG CD  HD3  sing N N 29  
ARG NE  CZ   sing N N 30  
ARG NE  HE   sing N N 31  
ARG CZ  NH1  sing N N 32  
ARG CZ  NH2  doub N N 33  
ARG NH1 HH11 sing N N 34  
ARG NH1 HH12 sing N N 35  
ARG NH2 HH21 sing N N 36  
ARG NH2 HH22 sing N N 37  
ARG OXT HXT  sing N N 38  
ASN N   CA   sing N N 39  
ASN N   H    sing N N 40  
ASN N   H2   sing N N 41  
ASN CA  C    sing N N 42  
ASN CA  CB   sing N N 43  
ASN CA  HA   sing N N 44  
ASN C   O    doub N N 45  
ASN C   OXT  sing N N 46  
ASN CB  CG   sing N N 47  
ASN CB  HB2  sing N N 48  
ASN CB  HB3  sing N N 49  
ASN CG  OD1  doub N N 50  
ASN CG  ND2  sing N N 51  
ASN ND2 HD21 sing N N 52  
ASN ND2 HD22 sing N N 53  
ASN OXT HXT  sing N N 54  
ASP N   CA   sing N N 55  
ASP N   H    sing N N 56  
ASP N   H2   sing N N 57  
ASP CA  C    sing N N 58  
ASP CA  CB   sing N N 59  
ASP CA  HA   sing N N 60  
ASP C   O    doub N N 61  
ASP C   OXT  sing N N 62  
ASP CB  CG   sing N N 63  
ASP CB  HB2  sing N N 64  
ASP CB  HB3  sing N N 65  
ASP CG  OD1  doub N N 66  
ASP CG  OD2  sing N N 67  
ASP OD2 HD2  sing N N 68  
ASP OXT HXT  sing N N 69  
CYS N   CA   sing N N 70  
CYS N   H    sing N N 71  
CYS N   H2   sing N N 72  
CYS CA  C    sing N N 73  
CYS CA  CB   sing N N 74  
CYS CA  HA   sing N N 75  
CYS C   O    doub N N 76  
CYS C   OXT  sing N N 77  
CYS CB  SG   sing N N 78  
CYS CB  HB2  sing N N 79  
CYS CB  HB3  sing N N 80  
CYS SG  HG   sing N N 81  
CYS OXT HXT  sing N N 82  
GLN N   CA   sing N N 83  
GLN N   H    sing N N 84  
GLN N   H2   sing N N 85  
GLN CA  C    sing N N 86  
GLN CA  CB   sing N N 87  
GLN CA  HA   sing N N 88  
GLN C   O    doub N N 89  
GLN C   OXT  sing N N 90  
GLN CB  CG   sing N N 91  
GLN CB  HB2  sing N N 92  
GLN CB  HB3  sing N N 93  
GLN CG  CD   sing N N 94  
GLN CG  HG2  sing N N 95  
GLN CG  HG3  sing N N 96  
GLN CD  OE1  doub N N 97  
GLN CD  NE2  sing N N 98  
GLN NE2 HE21 sing N N 99  
GLN NE2 HE22 sing N N 100 
GLN OXT HXT  sing N N 101 
GLU N   CA   sing N N 102 
GLU N   H    sing N N 103 
GLU N   H2   sing N N 104 
GLU CA  C    sing N N 105 
GLU CA  CB   sing N N 106 
GLU CA  HA   sing N N 107 
GLU C   O    doub N N 108 
GLU C   OXT  sing N N 109 
GLU CB  CG   sing N N 110 
GLU CB  HB2  sing N N 111 
GLU CB  HB3  sing N N 112 
GLU CG  CD   sing N N 113 
GLU CG  HG2  sing N N 114 
GLU CG  HG3  sing N N 115 
GLU CD  OE1  doub N N 116 
GLU CD  OE2  sing N N 117 
GLU OE2 HE2  sing N N 118 
GLU OXT HXT  sing N N 119 
GLY N   CA   sing N N 120 
GLY N   H    sing N N 121 
GLY N   H2   sing N N 122 
GLY CA  C    sing N N 123 
GLY CA  HA2  sing N N 124 
GLY CA  HA3  sing N N 125 
GLY C   O    doub N N 126 
GLY C   OXT  sing N N 127 
GLY OXT HXT  sing N N 128 
HIS N   CA   sing N N 129 
HIS N   H    sing N N 130 
HIS N   H2   sing N N 131 
HIS CA  C    sing N N 132 
HIS CA  CB   sing N N 133 
HIS CA  HA   sing N N 134 
HIS C   O    doub N N 135 
HIS C   OXT  sing N N 136 
HIS CB  CG   sing N N 137 
HIS CB  HB2  sing N N 138 
HIS CB  HB3  sing N N 139 
HIS CG  ND1  sing Y N 140 
HIS CG  CD2  doub Y N 141 
HIS ND1 CE1  doub Y N 142 
HIS ND1 HD1  sing N N 143 
HIS CD2 NE2  sing Y N 144 
HIS CD2 HD2  sing N N 145 
HIS CE1 NE2  sing Y N 146 
HIS CE1 HE1  sing N N 147 
HIS NE2 HE2  sing N N 148 
HIS OXT HXT  sing N N 149 
HOH O   H1   sing N N 150 
HOH O   H2   sing N N 151 
ILE N   CA   sing N N 152 
ILE N   H    sing N N 153 
ILE N   H2   sing N N 154 
ILE CA  C    sing N N 155 
ILE CA  CB   sing N N 156 
ILE CA  HA   sing N N 157 
ILE C   O    doub N N 158 
ILE C   OXT  sing N N 159 
ILE CB  CG1  sing N N 160 
ILE CB  CG2  sing N N 161 
ILE CB  HB   sing N N 162 
ILE CG1 CD1  sing N N 163 
ILE CG1 HG12 sing N N 164 
ILE CG1 HG13 sing N N 165 
ILE CG2 HG21 sing N N 166 
ILE CG2 HG22 sing N N 167 
ILE CG2 HG23 sing N N 168 
ILE CD1 HD11 sing N N 169 
ILE CD1 HD12 sing N N 170 
ILE CD1 HD13 sing N N 171 
ILE OXT HXT  sing N N 172 
LEU N   CA   sing N N 173 
LEU N   H    sing N N 174 
LEU N   H2   sing N N 175 
LEU CA  C    sing N N 176 
LEU CA  CB   sing N N 177 
LEU CA  HA   sing N N 178 
LEU C   O    doub N N 179 
LEU C   OXT  sing N N 180 
LEU CB  CG   sing N N 181 
LEU CB  HB2  sing N N 182 
LEU CB  HB3  sing N N 183 
LEU CG  CD1  sing N N 184 
LEU CG  CD2  sing N N 185 
LEU CG  HG   sing N N 186 
LEU CD1 HD11 sing N N 187 
LEU CD1 HD12 sing N N 188 
LEU CD1 HD13 sing N N 189 
LEU CD2 HD21 sing N N 190 
LEU CD2 HD22 sing N N 191 
LEU CD2 HD23 sing N N 192 
LEU OXT HXT  sing N N 193 
LYS N   CA   sing N N 194 
LYS N   H    sing N N 195 
LYS N   H2   sing N N 196 
LYS CA  C    sing N N 197 
LYS CA  CB   sing N N 198 
LYS CA  HA   sing N N 199 
LYS C   O    doub N N 200 
LYS C   OXT  sing N N 201 
LYS CB  CG   sing N N 202 
LYS CB  HB2  sing N N 203 
LYS CB  HB3  sing N N 204 
LYS CG  CD   sing N N 205 
LYS CG  HG2  sing N N 206 
LYS CG  HG3  sing N N 207 
LYS CD  CE   sing N N 208 
LYS CD  HD2  sing N N 209 
LYS CD  HD3  sing N N 210 
LYS CE  NZ   sing N N 211 
LYS CE  HE2  sing N N 212 
LYS CE  HE3  sing N N 213 
LYS NZ  HZ1  sing N N 214 
LYS NZ  HZ2  sing N N 215 
LYS NZ  HZ3  sing N N 216 
LYS OXT HXT  sing N N 217 
MET N   CA   sing N N 218 
MET N   H    sing N N 219 
MET N   H2   sing N N 220 
MET CA  C    sing N N 221 
MET CA  CB   sing N N 222 
MET CA  HA   sing N N 223 
MET C   O    doub N N 224 
MET C   OXT  sing N N 225 
MET CB  CG   sing N N 226 
MET CB  HB2  sing N N 227 
MET CB  HB3  sing N N 228 
MET CG  SD   sing N N 229 
MET CG  HG2  sing N N 230 
MET CG  HG3  sing N N 231 
MET SD  CE   sing N N 232 
MET CE  HE1  sing N N 233 
MET CE  HE2  sing N N 234 
MET CE  HE3  sing N N 235 
MET OXT HXT  sing N N 236 
PHE N   CA   sing N N 237 
PHE N   H    sing N N 238 
PHE N   H2   sing N N 239 
PHE CA  C    sing N N 240 
PHE CA  CB   sing N N 241 
PHE CA  HA   sing N N 242 
PHE C   O    doub N N 243 
PHE C   OXT  sing N N 244 
PHE CB  CG   sing N N 245 
PHE CB  HB2  sing N N 246 
PHE CB  HB3  sing N N 247 
PHE CG  CD1  doub Y N 248 
PHE CG  CD2  sing Y N 249 
PHE CD1 CE1  sing Y N 250 
PHE CD1 HD1  sing N N 251 
PHE CD2 CE2  doub Y N 252 
PHE CD2 HD2  sing N N 253 
PHE CE1 CZ   doub Y N 254 
PHE CE1 HE1  sing N N 255 
PHE CE2 CZ   sing Y N 256 
PHE CE2 HE2  sing N N 257 
PHE CZ  HZ   sing N N 258 
PHE OXT HXT  sing N N 259 
PRO N   CA   sing N N 260 
PRO N   CD   sing N N 261 
PRO N   H    sing N N 262 
PRO CA  C    sing N N 263 
PRO CA  CB   sing N N 264 
PRO CA  HA   sing N N 265 
PRO C   O    doub N N 266 
PRO C   OXT  sing N N 267 
PRO CB  CG   sing N N 268 
PRO CB  HB2  sing N N 269 
PRO CB  HB3  sing N N 270 
PRO CG  CD   sing N N 271 
PRO CG  HG2  sing N N 272 
PRO CG  HG3  sing N N 273 
PRO CD  HD2  sing N N 274 
PRO CD  HD3  sing N N 275 
PRO OXT HXT  sing N N 276 
SER N   CA   sing N N 277 
SER N   H    sing N N 278 
SER N   H2   sing N N 279 
SER CA  C    sing N N 280 
SER CA  CB   sing N N 281 
SER CA  HA   sing N N 282 
SER C   O    doub N N 283 
SER C   OXT  sing N N 284 
SER CB  OG   sing N N 285 
SER CB  HB2  sing N N 286 
SER CB  HB3  sing N N 287 
SER OG  HG   sing N N 288 
SER OXT HXT  sing N N 289 
THR N   CA   sing N N 290 
THR N   H    sing N N 291 
THR N   H2   sing N N 292 
THR CA  C    sing N N 293 
THR CA  CB   sing N N 294 
THR CA  HA   sing N N 295 
THR C   O    doub N N 296 
THR C   OXT  sing N N 297 
THR CB  OG1  sing N N 298 
THR CB  CG2  sing N N 299 
THR CB  HB   sing N N 300 
THR OG1 HG1  sing N N 301 
THR CG2 HG21 sing N N 302 
THR CG2 HG22 sing N N 303 
THR CG2 HG23 sing N N 304 
THR OXT HXT  sing N N 305 
TRP N   CA   sing N N 306 
TRP N   H    sing N N 307 
TRP N   H2   sing N N 308 
TRP CA  C    sing N N 309 
TRP CA  CB   sing N N 310 
TRP CA  HA   sing N N 311 
TRP C   O    doub N N 312 
TRP C   OXT  sing N N 313 
TRP CB  CG   sing N N 314 
TRP CB  HB2  sing N N 315 
TRP CB  HB3  sing N N 316 
TRP CG  CD1  doub Y N 317 
TRP CG  CD2  sing Y N 318 
TRP CD1 NE1  sing Y N 319 
TRP CD1 HD1  sing N N 320 
TRP CD2 CE2  doub Y N 321 
TRP CD2 CE3  sing Y N 322 
TRP NE1 CE2  sing Y N 323 
TRP NE1 HE1  sing N N 324 
TRP CE2 CZ2  sing Y N 325 
TRP CE3 CZ3  doub Y N 326 
TRP CE3 HE3  sing N N 327 
TRP CZ2 CH2  doub Y N 328 
TRP CZ2 HZ2  sing N N 329 
TRP CZ3 CH2  sing Y N 330 
TRP CZ3 HZ3  sing N N 331 
TRP CH2 HH2  sing N N 332 
TRP OXT HXT  sing N N 333 
TYR N   CA   sing N N 334 
TYR N   H    sing N N 335 
TYR N   H2   sing N N 336 
TYR CA  C    sing N N 337 
TYR CA  CB   sing N N 338 
TYR CA  HA   sing N N 339 
TYR C   O    doub N N 340 
TYR C   OXT  sing N N 341 
TYR CB  CG   sing N N 342 
TYR CB  HB2  sing N N 343 
TYR CB  HB3  sing N N 344 
TYR CG  CD1  doub Y N 345 
TYR CG  CD2  sing Y N 346 
TYR CD1 CE1  sing Y N 347 
TYR CD1 HD1  sing N N 348 
TYR CD2 CE2  doub Y N 349 
TYR CD2 HD2  sing N N 350 
TYR CE1 CZ   doub Y N 351 
TYR CE1 HE1  sing N N 352 
TYR CE2 CZ   sing Y N 353 
TYR CE2 HE2  sing N N 354 
TYR CZ  OH   sing N N 355 
TYR OH  HH   sing N N 356 
TYR OXT HXT  sing N N 357 
VAL N   CA   sing N N 358 
VAL N   H    sing N N 359 
VAL N   H2   sing N N 360 
VAL CA  C    sing N N 361 
VAL CA  CB   sing N N 362 
VAL CA  HA   sing N N 363 
VAL C   O    doub N N 364 
VAL C   OXT  sing N N 365 
VAL CB  CG1  sing N N 366 
VAL CB  CG2  sing N N 367 
VAL CB  HB   sing N N 368 
VAL CG1 HG11 sing N N 369 
VAL CG1 HG12 sing N N 370 
VAL CG1 HG13 sing N N 371 
VAL CG2 HG21 sing N N 372 
VAL CG2 HG22 sing N N 373 
VAL CG2 HG23 sing N N 374 
VAL OXT HXT  sing N N 375 
# 
_atom_sites.entry_id                    1SFE 
_atom_sites.fract_transf_matrix[1][1]   0.00370395 
_atom_sites.fract_transf_matrix[1][2]   -0.02218864 
_atom_sites.fract_transf_matrix[1][3]   0.00747288 
_atom_sites.fract_transf_matrix[2][1]   0.02021929 
_atom_sites.fract_transf_matrix[2][2]   0.00067344 
_atom_sites.fract_transf_matrix[2][3]   -0.00802216 
_atom_sites.fract_transf_matrix[3][1]   0.00872950 
_atom_sites.fract_transf_matrix[3][2]   -0.00145340 
_atom_sites.fract_transf_matrix[3][3]   0.02188008 
_atom_sites.fract_transf_vector[1]      -0.182860 
_atom_sites.fract_transf_vector[2]      -0.209461 
_atom_sites.fract_transf_vector[3]      0.200586 
# 
loop_
_atom_type.symbol 
C 
N 
O 
S 
# 
loop_
_atom_site.group_PDB 
_atom_site.id 
_atom_site.type_symbol 
_atom_site.label_atom_id 
_atom_site.label_alt_id 
_atom_site.label_comp_id 
_atom_site.label_asym_id 
_atom_site.label_entity_id 
_atom_site.label_seq_id 
_atom_site.pdbx_PDB_ins_code 
_atom_site.Cartn_x 
_atom_site.Cartn_y 
_atom_site.Cartn_z 
_atom_site.occupancy 
_atom_site.B_iso_or_equiv 
_atom_site.pdbx_formal_charge 
_atom_site.auth_seq_id 
_atom_site.auth_comp_id 
_atom_site.auth_asym_id 
_atom_site.auth_atom_id 
_atom_site.pdbx_PDB_model_num 
ATOM   1    N N   . LEU A 1 13  ? -8.827  12.270  -15.490 1.00 65.95 ? 12  LEU A N   1 
ATOM   2    C CA  . LEU A 1 13  ? -8.938  11.779  -14.118 1.00 65.23 ? 12  LEU A CA  1 
ATOM   3    C C   . LEU A 1 13  ? -9.603  10.400  -14.072 1.00 64.24 ? 12  LEU A C   1 
ATOM   4    O O   . LEU A 1 13  ? -9.930  9.909   -12.981 1.00 65.26 ? 12  LEU A O   1 
ATOM   5    C CB  . LEU A 1 13  ? -9.776  12.725  -13.261 1.00 66.24 ? 12  LEU A CB  1 
ATOM   6    C CG  . LEU A 1 13  ? -9.273  14.130  -12.948 1.00 67.06 ? 12  LEU A CG  1 
ATOM   7    C CD1 . LEU A 1 13  ? -10.387 15.170  -13.119 1.00 66.68 ? 12  LEU A CD1 1 
ATOM   8    C CD2 . LEU A 1 13  ? -8.740  14.215  -11.517 1.00 66.70 ? 12  LEU A CD2 1 
ATOM   9    N N   . ALA A 1 14  ? -9.851  9.793   -15.229 1.00 60.78 ? 13  ALA A N   1 
ATOM   10   C CA  . ALA A 1 14  ? -10.521 8.497   -15.243 1.00 58.43 ? 13  ALA A CA  1 
ATOM   11   C C   . ALA A 1 14  ? -9.804  7.509   -14.325 1.00 55.51 ? 13  ALA A C   1 
ATOM   12   O O   . ALA A 1 14  ? -8.606  7.284   -14.436 1.00 56.46 ? 13  ALA A O   1 
ATOM   13   C CB  . ALA A 1 14  ? -10.605 7.934   -16.662 1.00 58.24 ? 13  ALA A CB  1 
ATOM   14   N N   . VAL A 1 15  ? -10.549 6.831   -13.466 1.00 51.51 ? 14  VAL A N   1 
ATOM   15   C CA  . VAL A 1 15  ? -9.999  5.851   -12.548 1.00 47.09 ? 14  VAL A CA  1 
ATOM   16   C C   . VAL A 1 15  ? -10.916 4.629   -12.618 1.00 45.77 ? 14  VAL A C   1 
ATOM   17   O O   . VAL A 1 15  ? -12.127 4.739   -12.412 1.00 44.76 ? 14  VAL A O   1 
ATOM   18   C CB  . VAL A 1 15  ? -9.894  6.325   -11.082 1.00 45.66 ? 14  VAL A CB  1 
ATOM   19   C CG1 . VAL A 1 15  ? -9.535  5.176   -10.128 1.00 44.27 ? 14  VAL A CG1 1 
ATOM   20   C CG2 . VAL A 1 15  ? -8.867  7.435   -10.904 1.00 43.86 ? 14  VAL A CG2 1 
ATOM   21   N N   . ARG A 1 16  ? -10.289 3.496   -12.848 1.00 44.22 ? 15  ARG A N   1 
ATOM   22   C CA  . ARG A 1 16  ? -10.996 2.239   -12.943 1.00 44.44 ? 15  ARG A CA  1 
ATOM   23   C C   . ARG A 1 16  ? -10.678 1.391   -11.721 1.00 42.04 ? 15  ARG A C   1 
ATOM   24   O O   . ARG A 1 16  ? -9.513  1.445   -11.300 1.00 39.75 ? 15  ARG A O   1 
ATOM   25   C CB  . ARG A 1 16  ? -10.519 1.479   -14.195 1.00 46.55 ? 15  ARG A CB  1 
ATOM   26   C CG  . ARG A 1 16  ? -10.824 2.122   -15.521 1.00 49.21 ? 15  ARG A CG  1 
ATOM   27   C CD  . ARG A 1 16  ? -10.331 1.281   -16.688 1.00 51.04 ? 15  ARG A CD  1 
ATOM   28   N NE  . ARG A 1 16  ? -8.908  1.367   -16.968 1.00 54.02 ? 15  ARG A NE  1 
ATOM   29   C CZ  . ARG A 1 16  ? -8.114  2.426   -17.019 1.00 55.09 ? 15  ARG A CZ  1 
ATOM   30   N NH1 . ARG A 1 16  ? -8.551  3.663   -16.765 1.00 56.21 ? 15  ARG A NH1 1 
ATOM   31   N NH2 . ARG A 1 16  ? -6.832  2.280   -17.324 1.00 55.19 ? 15  ARG A NH2 1 
ATOM   32   N N   . TYR A 1 17  ? -11.605 0.552   -11.281 1.00 39.97 ? 16  TYR A N   1 
ATOM   33   C CA  . TYR A 1 17  ? -11.363 -0.312  -10.147 1.00 39.79 ? 16  TYR A CA  1 
ATOM   34   C C   . TYR A 1 17  ? -12.026 -1.674  -10.284 1.00 40.97 ? 16  TYR A C   1 
ATOM   35   O O   . TYR A 1 17  ? -13.015 -1.888  -10.991 1.00 41.70 ? 16  TYR A O   1 
ATOM   36   C CB  . TYR A 1 17  ? -11.784 0.358   -8.814  1.00 39.40 ? 16  TYR A CB  1 
ATOM   37   C CG  . TYR A 1 17  ? -13.256 0.335   -8.475  1.00 40.61 ? 16  TYR A CG  1 
ATOM   38   C CD1 . TYR A 1 17  ? -13.861 -0.793  -7.940  1.00 39.86 ? 16  TYR A CD1 1 
ATOM   39   C CD2 . TYR A 1 17  ? -14.069 1.444   -8.694  1.00 40.78 ? 16  TYR A CD2 1 
ATOM   40   C CE1 . TYR A 1 17  ? -15.203 -0.836  -7.650  1.00 41.33 ? 16  TYR A CE1 1 
ATOM   41   C CE2 . TYR A 1 17  ? -15.418 1.425   -8.381  1.00 41.61 ? 16  TYR A CE2 1 
ATOM   42   C CZ  . TYR A 1 17  ? -15.974 0.283   -7.875  1.00 41.70 ? 16  TYR A CZ  1 
ATOM   43   O OH  . TYR A 1 17  ? -17.318 0.237   -7.550  1.00 45.00 ? 16  TYR A OH  1 
ATOM   44   N N   . ALA A 1 18  ? -11.480 -2.638  -9.551  1.00 41.64 ? 17  ALA A N   1 
ATOM   45   C CA  . ALA A 1 18  ? -11.993 -3.983  -9.469  1.00 42.91 ? 17  ALA A CA  1 
ATOM   46   C C   . ALA A 1 18  ? -11.852 -4.482  -8.029  1.00 44.68 ? 17  ALA A C   1 
ATOM   47   O O   . ALA A 1 18  ? -10.951 -4.074  -7.286  1.00 44.35 ? 17  ALA A O   1 
ATOM   48   C CB  . ALA A 1 18  ? -11.235 -4.897  -10.429 1.00 43.59 ? 17  ALA A CB  1 
ATOM   49   N N   . LEU A 1 19  ? -12.709 -5.425  -7.656  1.00 44.71 ? 18  LEU A N   1 
ATOM   50   C CA  . LEU A 1 19  ? -12.605 -6.018  -6.340  1.00 46.86 ? 18  LEU A CA  1 
ATOM   51   C C   . LEU A 1 19  ? -12.261 -7.489  -6.518  1.00 48.23 ? 18  LEU A C   1 
ATOM   52   O O   . LEU A 1 19  ? -12.767 -8.148  -7.418  1.00 47.28 ? 18  LEU A O   1 
ATOM   53   C CB  . LEU A 1 19  ? -13.848 -5.763  -5.499  1.00 48.83 ? 18  LEU A CB  1 
ATOM   54   C CG  . LEU A 1 19  ? -13.775 -4.414  -4.758  1.00 49.59 ? 18  LEU A CG  1 
ATOM   55   C CD1 . LEU A 1 19  ? -14.722 -3.404  -5.366  1.00 50.41 ? 18  LEU A CD1 1 
ATOM   56   C CD2 . LEU A 1 19  ? -14.012 -4.603  -3.278  1.00 51.23 ? 18  LEU A CD2 1 
ATOM   57   N N   . ALA A 1 20  ? -11.301 -7.947  -5.718  1.00 49.70 ? 19  ALA A N   1 
ATOM   58   C CA  . ALA A 1 20  ? -10.842 -9.319  -5.797  1.00 50.79 ? 19  ALA A CA  1 
ATOM   59   C C   . ALA A 1 20  ? -10.472 -9.837  -4.417  1.00 52.15 ? 19  ALA A C   1 
ATOM   60   O O   . ALA A 1 20  ? -10.336 -9.100  -3.445  1.00 52.46 ? 19  ALA A O   1 
ATOM   61   C CB  . ALA A 1 20  ? -9.680  -9.434  -6.770  1.00 51.01 ? 19  ALA A CB  1 
ATOM   62   N N   . ASP A 1 21  ? -10.374 -11.149 -4.327  1.00 54.20 ? 20  ASP A N   1 
ATOM   63   C CA  . ASP A 1 21  ? -9.978  -11.814 -3.094  1.00 56.38 ? 20  ASP A CA  1 
ATOM   64   C C   . ASP A 1 21  ? -8.461  -12.011 -3.130  1.00 56.83 ? 20  ASP A C   1 
ATOM   65   O O   . ASP A 1 21  ? -7.828  -12.039 -4.199  1.00 56.29 ? 20  ASP A O   1 
ATOM   66   C CB  . ASP A 1 21  ? -10.706 -13.146 -2.922  1.00 58.59 ? 20  ASP A CB  1 
ATOM   67   C CG  . ASP A 1 21  ? -12.157 -12.946 -2.523  1.00 60.20 ? 20  ASP A CG  1 
ATOM   68   O OD1 . ASP A 1 21  ? -12.461 -12.141 -1.615  1.00 61.29 ? 20  ASP A OD1 1 
ATOM   69   O OD2 . ASP A 1 21  ? -13.037 -13.606 -3.125  1.00 61.88 ? 20  ASP A OD2 1 
ATOM   70   N N   . CYS A 1 22  ? -7.870  -12.001 -1.946  1.00 56.60 ? 21  CYS A N   1 
ATOM   71   C CA  . CYS A 1 22  ? -6.418  -12.249 -1.876  1.00 57.00 ? 21  CYS A CA  1 
ATOM   72   C C   . CYS A 1 22  ? -6.165  -12.798 -0.483  1.00 57.02 ? 21  CYS A C   1 
ATOM   73   O O   . CYS A 1 22  ? -7.042  -12.706 0.379   1.00 56.18 ? 21  CYS A O   1 
ATOM   74   C CB  . CYS A 1 22  ? -5.582  -11.030 -2.219  1.00 56.72 ? 21  CYS A CB  1 
ATOM   75   S SG  . CYS A 1 22  ? -5.437  -9.742  -0.963  1.00 56.31 ? 21  CYS A SG  1 
ATOM   76   N N   . GLU A 1 23  ? -4.947  -13.238 -0.223  1.00 58.34 ? 22  GLU A N   1 
ATOM   77   C CA  . GLU A 1 23  ? -4.542  -13.777 1.064   1.00 58.68 ? 22  GLU A CA  1 
ATOM   78   C C   . GLU A 1 23  ? -4.827  -12.843 2.228   1.00 58.18 ? 22  GLU A C   1 
ATOM   79   O O   . GLU A 1 23  ? -5.142  -13.276 3.344   1.00 57.50 ? 22  GLU A O   1 
ATOM   80   C CB  . GLU A 1 23  ? -3.041  -14.085 0.987   1.00 61.45 ? 22  GLU A CB  1 
ATOM   81   C CG  . GLU A 1 23  ? -2.694  -15.568 0.944   1.00 64.72 ? 22  GLU A CG  1 
ATOM   82   C CD  . GLU A 1 23  ? -1.594  -15.849 -0.066  1.00 66.82 ? 22  GLU A CD  1 
ATOM   83   O OE1 . GLU A 1 23  ? -0.575  -15.128 -0.019  1.00 68.05 ? 22  GLU A OE1 1 
ATOM   84   O OE2 . GLU A 1 23  ? -1.716  -16.767 -0.906  1.00 68.92 ? 22  GLU A OE2 1 
ATOM   85   N N   . LEU A 1 24  ? -4.763  -11.531 2.006   1.00 56.81 ? 23  LEU A N   1 
ATOM   86   C CA  . LEU A 1 24  ? -5.013  -10.566 3.059   1.00 57.01 ? 23  LEU A CA  1 
ATOM   87   C C   . LEU A 1 24  ? -6.491  -10.228 3.163   1.00 56.94 ? 23  LEU A C   1 
ATOM   88   O O   . LEU A 1 24  ? -6.872  -9.392  3.973   1.00 57.87 ? 23  LEU A O   1 
ATOM   89   C CB  . LEU A 1 24  ? -4.172  -9.311  2.881   1.00 57.15 ? 23  LEU A CB  1 
ATOM   90   C CG  . LEU A 1 24  ? -2.655  -9.377  3.040   1.00 56.43 ? 23  LEU A CG  1 
ATOM   91   C CD1 . LEU A 1 24  ? -2.243  -9.895  4.398   1.00 55.57 ? 23  LEU A CD1 1 
ATOM   92   C CD2 . LEU A 1 24  ? -2.013  -10.210 1.938   1.00 56.32 ? 23  LEU A CD2 1 
ATOM   93   N N   . GLY A 1 25  ? -7.330  -10.868 2.360   1.00 56.52 ? 24  GLY A N   1 
ATOM   94   C CA  . GLY A 1 25  ? -8.760  -10.646 2.392   1.00 55.18 ? 24  GLY A CA  1 
ATOM   95   C C   . GLY A 1 25  ? -9.252  -9.977  1.115   1.00 54.01 ? 24  GLY A C   1 
ATOM   96   O O   . GLY A 1 25  ? -8.708  -10.153 0.026   1.00 55.38 ? 24  GLY A O   1 
ATOM   97   N N   . ARG A 1 26  ? -10.216 -9.095  1.279   1.00 52.65 ? 25  ARG A N   1 
ATOM   98   C CA  . ARG A 1 26  ? -10.768 -8.365  0.148   1.00 51.66 ? 25  ARG A CA  1 
ATOM   99   C C   . ARG A 1 26  ? -9.851  -7.200  -0.212  1.00 49.62 ? 25  ARG A C   1 
ATOM   100  O O   . ARG A 1 26  ? -9.417  -6.434  0.640   1.00 47.61 ? 25  ARG A O   1 
ATOM   101  C CB  . ARG A 1 26  ? -12.168 -7.920  0.546   1.00 52.88 ? 25  ARG A CB  1 
ATOM   102  C CG  . ARG A 1 26  ? -13.153 -7.642  -0.562  1.00 55.26 ? 25  ARG A CG  1 
ATOM   103  C CD  . ARG A 1 26  ? -13.797 -8.927  -1.103  1.00 55.11 ? 25  ARG A CD  1 
ATOM   104  N NE  . ARG A 1 26  ? -14.428 -8.614  -2.383  1.00 55.76 ? 25  ARG A NE  1 
ATOM   105  C CZ  . ARG A 1 26  ? -14.412 -9.324  -3.497  1.00 55.14 ? 25  ARG A CZ  1 
ATOM   106  N NH1 . ARG A 1 26  ? -13.773 -10.486 -3.546  1.00 55.06 ? 25  ARG A NH1 1 
ATOM   107  N NH2 . ARG A 1 26  ? -15.037 -8.805  -4.548  1.00 54.61 ? 25  ARG A NH2 1 
ATOM   108  N N   . CYS A 1 27  ? -9.567  -7.022  -1.507  1.00 48.03 ? 26  CYS A N   1 
ATOM   109  C CA  . CYS A 1 27  ? -8.771  -5.869  -1.900  1.00 46.71 ? 26  CYS A CA  1 
ATOM   110  C C   . CYS A 1 27  ? -9.441  -5.160  -3.074  1.00 44.21 ? 26  CYS A C   1 
ATOM   111  O O   . CYS A 1 27  ? -10.203 -5.757  -3.844  1.00 45.15 ? 26  CYS A O   1 
ATOM   112  C CB  . CYS A 1 27  ? -7.340  -6.245  -2.268  1.00 49.02 ? 26  CYS A CB  1 
ATOM   113  S SG  . CYS A 1 27  ? -7.177  -7.176  -3.789  1.00 52.94 ? 26  CYS A SG  1 
ATOM   114  N N   . LEU A 1 28  ? -9.137  -3.887  -3.179  1.00 39.12 ? 27  LEU A N   1 
ATOM   115  C CA  . LEU A 1 28  ? -9.614  -3.086  -4.290  1.00 37.38 ? 27  LEU A CA  1 
ATOM   116  C C   . LEU A 1 28  ? -8.378  -2.569  -5.038  1.00 36.48 ? 27  LEU A C   1 
ATOM   117  O O   . LEU A 1 28  ? -7.484  -2.007  -4.391  1.00 35.10 ? 27  LEU A O   1 
ATOM   118  C CB  . LEU A 1 28  ? -10.418 -1.894  -3.798  1.00 35.10 ? 27  LEU A CB  1 
ATOM   119  C CG  . LEU A 1 28  ? -10.924 -0.944  -4.875  1.00 33.68 ? 27  LEU A CG  1 
ATOM   120  C CD1 . LEU A 1 28  ? -12.357 -0.548  -4.495  1.00 35.86 ? 27  LEU A CD1 1 
ATOM   121  C CD2 . LEU A 1 28  ? -10.066 0.285   -5.055  1.00 34.00 ? 27  LEU A CD2 1 
ATOM   122  N N   . VAL A 1 29  ? -8.336  -2.830  -6.331  1.00 35.70 ? 28  VAL A N   1 
ATOM   123  C CA  . VAL A 1 29  ? -7.213  -2.360  -7.151  1.00 34.85 ? 28  VAL A CA  1 
ATOM   124  C C   . VAL A 1 29  ? -7.787  -1.282  -8.033  1.00 35.10 ? 28  VAL A C   1 
ATOM   125  O O   . VAL A 1 29  ? -8.868  -1.517  -8.602  1.00 37.43 ? 28  VAL A O   1 
ATOM   126  C CB  . VAL A 1 29  ? -6.606  -3.500  -7.972  1.00 36.24 ? 28  VAL A CB  1 
ATOM   127  C CG1 . VAL A 1 29  ? -5.738  -2.977  -9.123  1.00 35.57 ? 28  VAL A CG1 1 
ATOM   128  C CG2 . VAL A 1 29  ? -5.873  -4.450  -7.043  1.00 35.48 ? 28  VAL A CG2 1 
ATOM   129  N N   . ALA A 1 30  ? -7.085  -0.192  -8.213  1.00 34.90 ? 29  ALA A N   1 
ATOM   130  C CA  . ALA A 1 30  ? -7.555  0.948   -8.975  1.00 34.51 ? 29  ALA A CA  1 
ATOM   131  C C   . ALA A 1 30  ? -6.405  1.393   -9.874  1.00 37.80 ? 29  ALA A C   1 
ATOM   132  O O   . ALA A 1 30  ? -5.228  1.326   -9.496  1.00 36.53 ? 29  ALA A O   1 
ATOM   133  C CB  . ALA A 1 30  ? -8.011  2.112   -8.102  1.00 33.28 ? 29  ALA A CB  1 
ATOM   134  N N   . GLU A 1 31  ? -6.801  1.855   -11.057 1.00 39.21 ? 30  GLU A N   1 
ATOM   135  C CA  . GLU A 1 31  ? -5.848  2.229   -12.093 1.00 41.80 ? 30  GLU A CA  1 
ATOM   136  C C   . GLU A 1 31  ? -6.317  3.466   -12.842 1.00 42.69 ? 30  GLU A C   1 
ATOM   137  O O   . GLU A 1 31  ? -7.506  3.622   -13.127 1.00 42.43 ? 30  GLU A O   1 
ATOM   138  C CB  . GLU A 1 31  ? -5.691  1.065   -13.076 1.00 42.37 ? 30  GLU A CB  1 
ATOM   139  C CG  . GLU A 1 31  ? -4.573  1.227   -14.109 1.00 44.51 ? 30  GLU A CG  1 
ATOM   140  C CD  . GLU A 1 31  ? -4.800  0.212   -15.224 1.00 46.18 ? 30  GLU A CD  1 
ATOM   141  O OE1 . GLU A 1 31  ? -4.448  -0.971  -15.089 1.00 46.69 ? 30  GLU A OE1 1 
ATOM   142  O OE2 . GLU A 1 31  ? -5.428  0.622   -16.223 1.00 47.47 ? 30  GLU A OE2 1 
ATOM   143  N N   . SER A 1 32  ? -5.410  4.436   -12.957 1.00 43.60 ? 31  SER A N   1 
ATOM   144  C CA  . SER A 1 32  ? -5.695  5.648   -13.732 1.00 44.86 ? 31  SER A CA  1 
ATOM   145  C C   . SER A 1 32  ? -5.023  5.423   -15.085 1.00 46.34 ? 31  SER A C   1 
ATOM   146  O O   . SER A 1 32  ? -4.515  4.315   -15.310 1.00 45.61 ? 31  SER A O   1 
ATOM   147  C CB  . SER A 1 32  ? -5.053  6.841   -13.023 1.00 44.87 ? 31  SER A CB  1 
ATOM   148  O OG  . SER A 1 32  ? -3.641  6.622   -12.993 1.00 43.44 ? 31  SER A OG  1 
ATOM   149  N N   . GLU A 1 33  ? -4.799  6.452   -15.875 1.00 50.61 ? 32  GLU A N   1 
ATOM   150  C CA  . GLU A 1 33  ? -4.056  6.258   -17.129 1.00 54.86 ? 32  GLU A CA  1 
ATOM   151  C C   . GLU A 1 33  ? -2.554  6.233   -16.890 1.00 55.48 ? 32  GLU A C   1 
ATOM   152  O O   . GLU A 1 33  ? -1.828  5.766   -17.783 1.00 56.47 ? 32  GLU A O   1 
ATOM   153  C CB  . GLU A 1 33  ? -4.506  7.278   -18.178 1.00 57.15 ? 32  GLU A CB  1 
ATOM   154  C CG  . GLU A 1 33  ? -4.483  6.822   -19.620 1.00 59.97 ? 32  GLU A CG  1 
ATOM   155  C CD  . GLU A 1 33  ? -5.625  5.948   -20.080 1.00 61.95 ? 32  GLU A CD  1 
ATOM   156  O OE1 . GLU A 1 33  ? -5.641  4.746   -19.710 1.00 63.33 ? 32  GLU A OE1 1 
ATOM   157  O OE2 . GLU A 1 33  ? -6.554  6.414   -20.783 1.00 62.42 ? 32  GLU A OE2 1 
ATOM   158  N N   . ARG A 1 34  ? -2.043  6.588   -15.714 1.00 55.93 ? 33  ARG A N   1 
ATOM   159  C CA  . ARG A 1 34  ? -0.607  6.559   -15.447 1.00 55.27 ? 33  ARG A CA  1 
ATOM   160  C C   . ARG A 1 34  ? -0.138  5.222   -14.894 1.00 53.14 ? 33  ARG A C   1 
ATOM   161  O O   . ARG A 1 34  ? 1.016   4.828   -15.102 1.00 54.00 ? 33  ARG A O   1 
ATOM   162  C CB  . ARG A 1 34  ? -0.158  7.643   -14.470 1.00 57.47 ? 33  ARG A CB  1 
ATOM   163  C CG  . ARG A 1 34  ? 0.100   9.010   -15.069 1.00 60.04 ? 33  ARG A CG  1 
ATOM   164  C CD  . ARG A 1 34  ? -0.267  10.111  -14.082 1.00 63.19 ? 33  ARG A CD  1 
ATOM   165  N NE  . ARG A 1 34  ? 0.849   11.031  -13.875 1.00 65.70 ? 33  ARG A NE  1 
ATOM   166  C CZ  . ARG A 1 34  ? 0.780   12.359  -13.871 1.00 66.32 ? 33  ARG A CZ  1 
ATOM   167  N NH1 . ARG A 1 34  ? -0.382  12.965  -14.052 1.00 66.54 ? 33  ARG A NH1 1 
ATOM   168  N NH2 . ARG A 1 34  ? 1.874   13.093  -13.686 1.00 67.31 ? 33  ARG A NH2 1 
ATOM   169  N N   . GLY A 1 35  ? -1.010  4.559   -14.143 1.00 50.21 ? 34  GLY A N   1 
ATOM   170  C CA  . GLY A 1 35  ? -0.657  3.261   -13.557 1.00 44.93 ? 34  GLY A CA  1 
ATOM   171  C C   . GLY A 1 35  ? -1.555  2.930   -12.362 1.00 41.10 ? 34  GLY A C   1 
ATOM   172  O O   . GLY A 1 35  ? -2.555  3.611   -12.163 1.00 40.81 ? 34  GLY A O   1 
ATOM   173  N N   . ILE A 1 36  ? -1.245  1.850   -11.660 1.00 36.79 ? 35  ILE A N   1 
ATOM   174  C CA  . ILE A 1 36  ? -1.946  1.514   -10.421 1.00 35.95 ? 35  ILE A CA  1 
ATOM   175  C C   . ILE A 1 36  ? -1.817  2.715   -9.493  1.00 34.18 ? 35  ILE A C   1 
ATOM   176  O O   . ILE A 1 36  ? -0.727  3.187   -9.154  1.00 30.62 ? 35  ILE A O   1 
ATOM   177  C CB  . ILE A 1 36  ? -1.351  0.218   -9.859  1.00 35.80 ? 35  ILE A CB  1 
ATOM   178  C CG1 . ILE A 1 36  ? -1.323  -0.909  -10.928 1.00 35.43 ? 35  ILE A CG1 1 
ATOM   179  C CG2 . ILE A 1 36  ? -2.052  -0.272  -8.631  1.00 35.02 ? 35  ILE A CG2 1 
ATOM   180  C CD1 . ILE A 1 36  ? -2.726  -1.228  -11.458 1.00 34.53 ? 35  ILE A CD1 1 
ATOM   181  N N   . CYS A 1 37  ? -2.962  3.271   -9.125  1.00 34.50 ? 36  CYS A N   1 
ATOM   182  C CA  . CYS A 1 37  ? -3.127  4.431   -8.281  1.00 34.39 ? 36  CYS A CA  1 
ATOM   183  C C   . CYS A 1 37  ? -3.751  4.116   -6.923  1.00 34.06 ? 36  CYS A C   1 
ATOM   184  O O   . CYS A 1 37  ? -3.768  5.017   -6.057  1.00 34.71 ? 36  CYS A O   1 
ATOM   185  C CB  . CYS A 1 37  ? -3.962  5.515   -8.960  1.00 36.85 ? 36  CYS A CB  1 
ATOM   186  S SG  . CYS A 1 37  ? -5.706  4.998   -9.126  1.00 39.55 ? 36  CYS A SG  1 
ATOM   187  N N   . ALA A 1 38  ? -4.142  2.872   -6.648  1.00 31.33 ? 37  ALA A N   1 
ATOM   188  C CA  . ALA A 1 38  ? -4.606  2.551   -5.316  1.00 31.42 ? 37  ALA A CA  1 
ATOM   189  C C   . ALA A 1 38  ? -4.726  1.045   -5.186  1.00 31.60 ? 37  ALA A C   1 
ATOM   190  O O   . ALA A 1 38  ? -5.197  0.344   -6.082  1.00 33.18 ? 37  ALA A O   1 
ATOM   191  C CB  . ALA A 1 38  ? -5.935  3.212   -4.886  1.00 29.85 ? 37  ALA A CB  1 
ATOM   192  N N   . ILE A 1 39  ? -4.312  0.550   -4.045  1.00 30.18 ? 38  ILE A N   1 
ATOM   193  C CA  . ILE A 1 39  ? -4.416  -0.866  -3.684  1.00 30.15 ? 38  ILE A CA  1 
ATOM   194  C C   . ILE A 1 39  ? -4.893  -0.800  -2.229  1.00 31.38 ? 38  ILE A C   1 
ATOM   195  O O   . ILE A 1 39  ? -4.163  -0.206  -1.406  1.00 29.79 ? 38  ILE A O   1 
ATOM   196  C CB  . ILE A 1 39  ? -3.163  -1.711  -3.836  1.00 29.50 ? 38  ILE A CB  1 
ATOM   197  C CG1 . ILE A 1 39  ? -2.690  -1.804  -5.317  1.00 31.12 ? 38  ILE A CG1 1 
ATOM   198  C CG2 . ILE A 1 39  ? -3.411  -3.137  -3.375  1.00 29.65 ? 38  ILE A CG2 1 
ATOM   199  C CD1 . ILE A 1 39  ? -1.235  -2.269  -5.400  1.00 31.55 ? 38  ILE A CD1 1 
ATOM   200  N N   . LEU A 1 40  ? -6.163  -1.157  -2.017  1.00 31.05 ? 39  LEU A N   1 
ATOM   201  C CA  . LEU A 1 40  ? -6.733  -1.015  -0.669  1.00 32.06 ? 39  LEU A CA  1 
ATOM   202  C C   . LEU A 1 40  ? -7.162  -2.351  -0.104  1.00 33.12 ? 39  LEU A C   1 
ATOM   203  O O   . LEU A 1 40  ? -7.538  -3.213  -0.890  1.00 36.26 ? 39  LEU A O   1 
ATOM   204  C CB  . LEU A 1 40  ? -7.914  -0.045  -0.648  1.00 31.39 ? 39  LEU A CB  1 
ATOM   205  C CG  . LEU A 1 40  ? -7.638  1.320   -1.307  1.00 32.02 ? 39  LEU A CG  1 
ATOM   206  C CD1 . LEU A 1 40  ? -8.974  2.024   -1.448  1.00 32.32 ? 39  LEU A CD1 1 
ATOM   207  C CD2 . LEU A 1 40  ? -6.695  2.156   -0.441  1.00 32.88 ? 39  LEU A CD2 1 
ATOM   208  N N   . LEU A 1 41  ? -7.013  -2.612  1.189   1.00 33.29 ? 40  LEU A N   1 
ATOM   209  C CA  . LEU A 1 41  ? -7.351  -3.921  1.731   1.00 35.95 ? 40  LEU A CA  1 
ATOM   210  C C   . LEU A 1 41  ? -8.507  -3.747  2.735   1.00 40.45 ? 40  LEU A C   1 
ATOM   211  O O   . LEU A 1 41  ? -8.702  -2.667  3.309   1.00 38.58 ? 40  LEU A O   1 
ATOM   212  C CB  . LEU A 1 41  ? -6.151  -4.603  2.333   1.00 37.13 ? 40  LEU A CB  1 
ATOM   213  C CG  . LEU A 1 41  ? -4.834  -4.682  1.554   1.00 36.67 ? 40  LEU A CG  1 
ATOM   214  C CD1 . LEU A 1 41  ? -3.699  -4.972  2.541   1.00 37.64 ? 40  LEU A CD1 1 
ATOM   215  C CD2 . LEU A 1 41  ? -4.864  -5.767  0.496   1.00 37.25 ? 40  LEU A CD2 1 
ATOM   216  N N   . GLY A 1 42  ? -9.322  -4.793  2.851   1.00 43.28 ? 41  GLY A N   1 
ATOM   217  C CA  . GLY A 1 42  ? -10.494 -4.683  3.729   1.00 46.74 ? 41  GLY A CA  1 
ATOM   218  C C   . GLY A 1 42  ? -11.318 -5.957  3.741   1.00 48.52 ? 41  GLY A C   1 
ATOM   219  O O   . GLY A 1 42  ? -11.012 -7.006  3.179   1.00 46.58 ? 41  GLY A O   1 
ATOM   220  N N   . ASP A 1 43  ? -12.416 -5.869  4.495   1.00 53.34 ? 42  ASP A N   1 
ATOM   221  C CA  . ASP A 1 43  ? -13.304 -7.017  4.664   1.00 56.81 ? 42  ASP A CA  1 
ATOM   222  C C   . ASP A 1 43  ? -14.586 -6.874  3.867   1.00 59.70 ? 42  ASP A C   1 
ATOM   223  O O   . ASP A 1 43  ? -15.175 -7.915  3.524   1.00 60.90 ? 42  ASP A O   1 
ATOM   224  C CB  . ASP A 1 43  ? -13.531 -7.220  6.172   1.00 57.35 ? 42  ASP A CB  1 
ATOM   225  C CG  . ASP A 1 43  ? -12.201 -7.495  6.860   1.00 57.37 ? 42  ASP A CG  1 
ATOM   226  O OD1 . ASP A 1 43  ? -11.724 -8.643  6.942   1.00 57.78 ? 42  ASP A OD1 1 
ATOM   227  O OD2 . ASP A 1 43  ? -11.576 -6.526  7.335   1.00 58.85 ? 42  ASP A OD2 1 
ATOM   228  N N   . ASP A 1 44  ? -15.029 -5.643  3.576   1.00 60.86 ? 43  ASP A N   1 
ATOM   229  C CA  . ASP A 1 44  ? -16.278 -5.509  2.827   1.00 61.77 ? 43  ASP A CA  1 
ATOM   230  C C   . ASP A 1 44  ? -16.213 -4.455  1.731   1.00 61.03 ? 43  ASP A C   1 
ATOM   231  O O   . ASP A 1 44  ? -15.632 -3.380  1.870   1.00 60.32 ? 43  ASP A O   1 
ATOM   232  C CB  . ASP A 1 44  ? -17.451 -5.274  3.772   1.00 63.66 ? 43  ASP A CB  1 
ATOM   233  C CG  . ASP A 1 44  ? -17.650 -3.846  4.214   1.00 64.59 ? 43  ASP A CG  1 
ATOM   234  O OD1 . ASP A 1 44  ? -16.763 -3.344  4.928   1.00 66.16 ? 43  ASP A OD1 1 
ATOM   235  O OD2 . ASP A 1 44  ? -18.669 -3.196  3.887   1.00 64.69 ? 43  ASP A OD2 1 
ATOM   236  N N   . ASP A 1 45  ? -16.872 -4.773  0.614   1.00 59.88 ? 44  ASP A N   1 
ATOM   237  C CA  . ASP A 1 45  ? -16.855 -3.928  -0.571  1.00 59.35 ? 44  ASP A CA  1 
ATOM   238  C C   . ASP A 1 45  ? -17.350 -2.523  -0.340  1.00 58.62 ? 44  ASP A C   1 
ATOM   239  O O   . ASP A 1 45  ? -16.715 -1.565  -0.780  1.00 57.43 ? 44  ASP A O   1 
ATOM   240  C CB  . ASP A 1 45  ? -17.667 -4.599  -1.692  1.00 60.03 ? 44  ASP A CB  1 
ATOM   241  C CG  . ASP A 1 45  ? -17.030 -5.913  -2.110  1.00 60.37 ? 44  ASP A CG  1 
ATOM   242  O OD1 . ASP A 1 45  ? -15.890 -6.191  -1.664  1.00 60.61 ? 44  ASP A OD1 1 
ATOM   243  O OD2 . ASP A 1 45  ? -17.677 -6.655  -2.874  1.00 59.75 ? 44  ASP A OD2 1 
ATOM   244  N N   . ALA A 1 46  ? -18.459 -2.355  0.375   1.00 58.79 ? 45  ALA A N   1 
ATOM   245  C CA  . ALA A 1 46  ? -19.001 -1.016  0.621   1.00 58.86 ? 45  ALA A CA  1 
ATOM   246  C C   . ALA A 1 46  ? -17.965 -0.021  1.119   1.00 58.04 ? 45  ALA A C   1 
ATOM   247  O O   . ALA A 1 46  ? -17.840 1.106   0.627   1.00 58.28 ? 45  ALA A O   1 
ATOM   248  N N   . THR A 1 47  ? -17.204 -0.436  2.125   1.00 57.03 ? 46  THR A N   1 
ATOM   249  C CA  . THR A 1 47  ? -16.171 0.382   2.742   1.00 56.65 ? 46  THR A CA  1 
ATOM   250  C C   . THR A 1 47  ? -14.985 0.601   1.818   1.00 53.33 ? 46  THR A C   1 
ATOM   251  O O   . THR A 1 47  ? -14.576 1.757   1.619   1.00 53.75 ? 46  THR A O   1 
ATOM   252  C CB  . THR A 1 47  ? -15.768 -0.259  4.081   1.00 57.76 ? 46  THR A CB  1 
ATOM   253  O OG1 . THR A 1 47  ? -15.342 -1.593  3.803   1.00 60.21 ? 46  THR A OG1 1 
ATOM   254  C CG2 . THR A 1 47  ? -16.983 -0.337  4.996   1.00 59.64 ? 46  THR A CG2 1 
ATOM   255  N N   . LEU A 1 48  ? -14.498 -0.427  1.143   1.00 51.27 ? 47  LEU A N   1 
ATOM   256  C CA  . LEU A 1 48  ? -13.404 -0.219  0.162   1.00 48.40 ? 47  LEU A CA  1 
ATOM   257  C C   . LEU A 1 48  ? -13.773 0.817   -0.876  1.00 47.49 ? 47  LEU A C   1 
ATOM   258  O O   . LEU A 1 48  ? -13.080 1.801   -1.105  1.00 46.40 ? 47  LEU A O   1 
ATOM   259  C CB  . LEU A 1 48  ? -13.037 -1.548  -0.502  1.00 46.74 ? 47  LEU A CB  1 
ATOM   260  C CG  . LEU A 1 48  ? -12.403 -2.563  0.468   1.00 46.05 ? 47  LEU A CG  1 
ATOM   261  C CD1 . LEU A 1 48  ? -11.917 -3.815  -0.222  1.00 44.11 ? 47  LEU A CD1 1 
ATOM   262  C CD2 . LEU A 1 48  ? -11.241 -1.879  1.193   1.00 46.02 ? 47  LEU A CD2 1 
ATOM   263  N N   . ILE A 1 49  ? -14.976 0.694   -1.436  1.00 48.98 ? 48  ILE A N   1 
ATOM   264  C CA  . ILE A 1 49  ? -15.473 1.579   -2.473  1.00 49.10 ? 48  ILE A CA  1 
ATOM   265  C C   . ILE A 1 49  ? -15.671 2.986   -1.972  1.00 50.03 ? 48  ILE A C   1 
ATOM   266  O O   . ILE A 1 49  ? -15.326 3.924   -2.711  1.00 50.96 ? 48  ILE A O   1 
ATOM   267  C CB  . ILE A 1 49  ? -16.732 0.951   -3.128  1.00 49.42 ? 48  ILE A CB  1 
ATOM   268  C CG1 . ILE A 1 49  ? -16.396 -0.462  -3.595  1.00 49.35 ? 48  ILE A CG1 1 
ATOM   269  C CG2 . ILE A 1 49  ? -17.191 1.823   -4.277  1.00 47.37 ? 48  ILE A CG2 1 
ATOM   270  C CD1 . ILE A 1 49  ? -17.524 -1.378  -3.997  1.00 50.40 ? 48  ILE A CD1 1 
ATOM   271  N N   . SER A 1 50  ? -16.147 3.222   -0.749  1.00 52.02 ? 49  SER A N   1 
ATOM   272  C CA  . SER A 1 50  ? -16.249 4.605   -0.261  1.00 53.39 ? 49  SER A CA  1 
ATOM   273  C C   . SER A 1 50  ? -14.847 5.125   0.070   1.00 52.99 ? 49  SER A C   1 
ATOM   274  O O   . SER A 1 50  ? -14.529 6.272   -0.276  1.00 52.80 ? 49  SER A O   1 
ATOM   275  C CB  . SER A 1 50  ? -17.177 4.772   0.940   1.00 54.57 ? 49  SER A CB  1 
ATOM   276  O OG  . SER A 1 50  ? -17.447 3.508   1.530   1.00 56.96 ? 49  SER A OG  1 
ATOM   277  N N   . GLU A 1 51  ? -13.997 4.269   0.639   1.00 52.67 ? 50  GLU A N   1 
ATOM   278  C CA  . GLU A 1 51  ? -12.603 4.683   0.892   1.00 53.59 ? 50  GLU A CA  1 
ATOM   279  C C   . GLU A 1 51  ? -11.970 5.166   -0.408  1.00 53.51 ? 50  GLU A C   1 
ATOM   280  O O   . GLU A 1 51  ? -11.412 6.259   -0.461  1.00 53.31 ? 50  GLU A O   1 
ATOM   281  C CB  . GLU A 1 51  ? -11.814 3.526   1.477   1.00 55.85 ? 50  GLU A CB  1 
ATOM   282  C CG  . GLU A 1 51  ? -10.630 3.844   2.394   1.00 56.14 ? 50  GLU A CG  1 
ATOM   283  C CD  . GLU A 1 51  ? -10.101 2.517   2.934   1.00 58.17 ? 50  GLU A CD  1 
ATOM   284  O OE1 . GLU A 1 51  ? -11.006 1.775   3.413   1.00 58.06 ? 50  GLU A OE1 1 
ATOM   285  O OE2 . GLU A 1 51  ? -8.871  2.241   2.858   1.00 57.46 ? 50  GLU A OE2 1 
ATOM   286  N N   . LEU A 1 52  ? -12.133 4.404   -1.491  1.00 52.93 ? 51  LEU A N   1 
ATOM   287  C CA  . LEU A 1 52  ? -11.632 4.775   -2.810  1.00 51.91 ? 51  LEU A CA  1 
ATOM   288  C C   . LEU A 1 52  ? -12.350 6.001   -3.371  1.00 52.49 ? 51  LEU A C   1 
ATOM   289  O O   . LEU A 1 52  ? -11.742 6.965   -3.861  1.00 49.43 ? 51  LEU A O   1 
ATOM   290  C CB  . LEU A 1 52  ? -11.786 3.566   -3.736  1.00 51.20 ? 51  LEU A CB  1 
ATOM   291  C CG  . LEU A 1 52  ? -11.076 3.552   -5.086  1.00 51.88 ? 51  LEU A CG  1 
ATOM   292  C CD1 . LEU A 1 52  ? -11.915 4.249   -6.143  1.00 52.44 ? 51  LEU A CD1 1 
ATOM   293  C CD2 . LEU A 1 52  ? -9.666  4.123   -5.078  1.00 50.37 ? 51  LEU A CD2 1 
ATOM   294  N N   . GLN A 1 53  ? -13.679 6.041   -3.232  1.00 54.12 ? 52  GLN A N   1 
ATOM   295  C CA  . GLN A 1 53  ? -14.452 7.201   -3.670  1.00 57.36 ? 52  GLN A CA  1 
ATOM   296  C C   . GLN A 1 53  ? -14.007 8.482   -2.978  1.00 58.29 ? 52  GLN A C   1 
ATOM   297  O O   . GLN A 1 53  ? -13.961 9.535   -3.612  1.00 58.13 ? 52  GLN A O   1 
ATOM   298  C CB  . GLN A 1 53  ? -15.951 6.993   -3.469  1.00 58.66 ? 52  GLN A CB  1 
ATOM   299  C CG  . GLN A 1 53  ? -16.755 7.175   -4.744  1.00 59.52 ? 52  GLN A CG  1 
ATOM   300  C CD  . GLN A 1 53  ? -17.931 6.232   -4.888  1.00 59.88 ? 52  GLN A CD  1 
ATOM   301  O OE1 . GLN A 1 53  ? -18.587 6.192   -5.936  1.00 60.17 ? 52  GLN A OE1 1 
ATOM   302  N NE2 . GLN A 1 53  ? -18.226 5.469   -3.841  1.00 60.79 ? 52  GLN A NE2 1 
ATOM   303  N N   . GLN A 1 54  ? -13.573 8.417   -1.725  1.00 60.14 ? 53  GLN A N   1 
ATOM   304  C CA  . GLN A 1 54  ? -13.031 9.552   -0.998  1.00 61.37 ? 53  GLN A CA  1 
ATOM   305  C C   . GLN A 1 54  ? -11.833 10.181  -1.708  1.00 61.67 ? 53  GLN A C   1 
ATOM   306  O O   . GLN A 1 54  ? -11.701 11.404  -1.680  1.00 61.89 ? 53  GLN A O   1 
ATOM   307  C CB  . GLN A 1 54  ? -12.546 9.085   0.364   1.00 62.65 ? 53  GLN A CB  1 
ATOM   308  C CG  . GLN A 1 54  ? -13.046 9.757   1.621   1.00 64.41 ? 53  GLN A CG  1 
ATOM   309  C CD  . GLN A 1 54  ? -13.116 8.708   2.733   1.00 65.66 ? 53  GLN A CD  1 
ATOM   310  O OE1 . GLN A 1 54  ? -13.718 7.652   2.502   1.00 65.76 ? 53  GLN A OE1 1 
ATOM   311  N NE2 . GLN A 1 54  ? -12.520 8.983   3.886   1.00 66.39 ? 53  GLN A NE2 1 
ATOM   312  N N   . MET A 1 55  ? -10.929 9.362   -2.256  1.00 60.97 ? 54  MET A N   1 
ATOM   313  C CA  . MET A 1 55  ? -9.758  9.872   -2.956  1.00 59.81 ? 54  MET A CA  1 
ATOM   314  C C   . MET A 1 55  ? -9.979  9.982   -4.455  1.00 58.68 ? 54  MET A C   1 
ATOM   315  O O   . MET A 1 55  ? -9.471  10.904  -5.090  1.00 57.89 ? 54  MET A O   1 
ATOM   316  C CB  . MET A 1 55  ? -8.504  9.047   -2.669  1.00 60.85 ? 54  MET A CB  1 
ATOM   317  C CG  . MET A 1 55  ? -8.737  7.602   -2.292  1.00 62.41 ? 54  MET A CG  1 
ATOM   318  S SD  . MET A 1 55  ? -7.375  6.880   -1.347  1.00 64.91 ? 54  MET A SD  1 
ATOM   319  C CE  . MET A 1 55  ? -8.137  5.334   -0.847  1.00 64.21 ? 54  MET A CE  1 
ATOM   320  N N   . PHE A 1 56  ? -10.713 9.079   -5.082  1.00 58.03 ? 55  PHE A N   1 
ATOM   321  C CA  . PHE A 1 56  ? -11.038 9.088   -6.512  1.00 57.01 ? 55  PHE A CA  1 
ATOM   322  C C   . PHE A 1 56  ? -12.551 8.867   -6.633  1.00 58.65 ? 55  PHE A C   1 
ATOM   323  O O   . PHE A 1 56  ? -13.092 7.765   -6.670  1.00 57.40 ? 55  PHE A O   1 
ATOM   324  C CB  . PHE A 1 56  ? -10.248 8.036   -7.285  1.00 54.31 ? 55  PHE A CB  1 
ATOM   325  C CG  . PHE A 1 56  ? -8.759  8.011   -7.055  1.00 52.28 ? 55  PHE A CG  1 
ATOM   326  C CD1 . PHE A 1 56  ? -7.942  8.992   -7.580  1.00 50.29 ? 55  PHE A CD1 1 
ATOM   327  C CD2 . PHE A 1 56  ? -8.193  7.035   -6.244  1.00 52.05 ? 55  PHE A CD2 1 
ATOM   328  C CE1 . PHE A 1 56  ? -6.584  8.975   -7.343  1.00 50.97 ? 55  PHE A CE1 1 
ATOM   329  C CE2 . PHE A 1 56  ? -6.825  7.039   -5.970  1.00 51.26 ? 55  PHE A CE2 1 
ATOM   330  C CZ  . PHE A 1 56  ? -6.015  7.996   -6.541  1.00 50.39 ? 55  PHE A CZ  1 
ATOM   331  N N   . PRO A 1 57  ? -13.298 9.970   -6.605  1.00 60.30 ? 56  PRO A N   1 
ATOM   332  C CA  . PRO A 1 57  ? -14.735 10.030  -6.491  1.00 61.56 ? 56  PRO A CA  1 
ATOM   333  C C   . PRO A 1 57  ? -15.641 9.522   -7.582  1.00 61.76 ? 56  PRO A C   1 
ATOM   334  O O   . PRO A 1 57  ? -16.681 8.928   -7.231  1.00 63.44 ? 56  PRO A O   1 
ATOM   335  C CB  . PRO A 1 57  ? -15.103 11.496  -6.120  1.00 61.59 ? 56  PRO A CB  1 
ATOM   336  C CG  . PRO A 1 57  ? -13.779 12.022  -5.647  1.00 61.01 ? 56  PRO A CG  1 
ATOM   337  C CD  . PRO A 1 57  ? -12.704 11.316  -6.451  1.00 60.59 ? 56  PRO A CD  1 
ATOM   338  N N   . ALA A 1 58  ? -15.360 9.644   -8.870  1.00 61.09 ? 57  ALA A N   1 
ATOM   339  C CA  . ALA A 1 58  ? -16.250 9.058   -9.882  1.00 59.95 ? 57  ALA A CA  1 
ATOM   340  C C   . ALA A 1 58  ? -15.633 7.780   -10.444 1.00 59.00 ? 57  ALA A C   1 
ATOM   341  O O   . ALA A 1 58  ? -15.973 7.278   -11.526 1.00 58.36 ? 57  ALA A O   1 
ATOM   342  C CB  . ALA A 1 58  ? -16.587 10.068  -10.956 1.00 59.22 ? 57  ALA A CB  1 
ATOM   343  N N   . ALA A 1 59  ? -14.694 7.216   -9.678  1.00 56.20 ? 58  ALA A N   1 
ATOM   344  C CA  . ALA A 1 59  ? -14.073 5.957   -10.098 1.00 54.91 ? 58  ALA A CA  1 
ATOM   345  C C   . ALA A 1 59  ? -15.189 4.959   -10.409 1.00 52.99 ? 58  ALA A C   1 
ATOM   346  O O   . ALA A 1 59  ? -16.174 4.938   -9.673  1.00 52.08 ? 58  ALA A O   1 
ATOM   347  C CB  . ALA A 1 59  ? -13.169 5.449   -8.986  1.00 53.64 ? 58  ALA A CB  1 
ATOM   348  N N   . ASP A 1 60  ? -15.048 4.141   -11.444 1.00 53.20 ? 59  ASP A N   1 
ATOM   349  C CA  . ASP A 1 60  ? -16.092 3.159   -11.772 1.00 51.61 ? 59  ASP A CA  1 
ATOM   350  C C   . ASP A 1 60  ? -15.517 1.775   -12.013 1.00 50.65 ? 59  ASP A C   1 
ATOM   351  O O   . ASP A 1 60  ? -14.321 1.674   -12.281 1.00 50.53 ? 59  ASP A O   1 
ATOM   352  C CB  . ASP A 1 60  ? -16.825 3.616   -13.025 1.00 51.96 ? 59  ASP A CB  1 
ATOM   353  C CG  . ASP A 1 60  ? -18.271 3.168   -13.097 1.00 51.91 ? 59  ASP A CG  1 
ATOM   354  O OD1 . ASP A 1 60  ? -18.695 2.244   -12.362 1.00 51.24 ? 59  ASP A OD1 1 
ATOM   355  O OD2 . ASP A 1 60  ? -18.939 3.823   -13.932 1.00 51.16 ? 59  ASP A OD2 1 
ATOM   356  N N   . ASN A 1 61  ? -16.309 0.723   -11.886 1.00 50.34 ? 60  ASN A N   1 
ATOM   357  C CA  . ASN A 1 61  ? -15.772 -0.620  -12.130 1.00 52.22 ? 60  ASN A CA  1 
ATOM   358  C C   . ASN A 1 61  ? -15.669 -0.820  -13.643 1.00 53.27 ? 60  ASN A C   1 
ATOM   359  O O   . ASN A 1 61  ? -16.165 0.040   -14.385 1.00 53.52 ? 60  ASN A O   1 
ATOM   360  C CB  . ASN A 1 61  ? -16.541 -1.706  -11.430 1.00 53.38 ? 60  ASN A CB  1 
ATOM   361  C CG  . ASN A 1 61  ? -18.042 -1.676  -11.478 1.00 54.38 ? 60  ASN A CG  1 
ATOM   362  O OD1 . ASN A 1 61  ? -18.633 -2.720  -11.190 1.00 56.56 ? 60  ASN A OD1 1 
ATOM   363  N ND2 . ASN A 1 61  ? -18.718 -0.582  -11.791 1.00 54.52 ? 60  ASN A ND2 1 
ATOM   364  N N   . ALA A 1 62  ? -14.859 -1.760  -14.114 1.00 53.56 ? 61  ALA A N   1 
ATOM   365  C CA  . ALA A 1 62  ? -14.686 -1.916  -15.570 1.00 55.22 ? 61  ALA A CA  1 
ATOM   366  C C   . ALA A 1 62  ? -14.430 -3.378  -15.888 1.00 55.85 ? 61  ALA A C   1 
ATOM   367  O O   . ALA A 1 62  ? -13.345 -3.826  -16.260 1.00 54.58 ? 61  ALA A O   1 
ATOM   368  C CB  . ALA A 1 62  ? -13.557 -1.002  -16.025 1.00 54.69 ? 61  ALA A CB  1 
ATOM   369  N N   . PRO A 1 63  ? -15.456 -4.197  -15.670 1.00 56.63 ? 62  PRO A N   1 
ATOM   370  C CA  . PRO A 1 63  ? -15.446 -5.635  -15.847 1.00 57.28 ? 62  PRO A CA  1 
ATOM   371  C C   . PRO A 1 63  ? -15.081 -6.075  -17.254 1.00 56.80 ? 62  PRO A C   1 
ATOM   372  O O   . PRO A 1 63  ? -14.476 -7.137  -17.390 1.00 58.48 ? 62  PRO A O   1 
ATOM   373  C CB  . PRO A 1 63  ? -16.880 -6.158  -15.569 1.00 57.36 ? 62  PRO A CB  1 
ATOM   374  C CG  . PRO A 1 63  ? -17.667 -4.892  -15.804 1.00 57.57 ? 62  PRO A CG  1 
ATOM   375  C CD  . PRO A 1 63  ? -16.799 -3.759  -15.267 1.00 57.42 ? 62  PRO A CD  1 
ATOM   376  N N   . ALA A 1 64  ? -15.470 -5.297  -18.257 1.00 55.88 ? 63  ALA A N   1 
ATOM   377  C CA  . ALA A 1 64  ? -15.183 -5.728  -19.621 1.00 56.85 ? 63  ALA A CA  1 
ATOM   378  C C   . ALA A 1 64  ? -13.866 -5.144  -20.101 1.00 56.95 ? 63  ALA A C   1 
ATOM   379  O O   . ALA A 1 64  ? -13.435 -5.598  -21.181 1.00 57.79 ? 63  ALA A O   1 
ATOM   380  C CB  . ALA A 1 64  ? -16.363 -5.468  -20.541 1.00 55.73 ? 63  ALA A CB  1 
ATOM   381  N N   . ASP A 1 65  ? -13.193 -4.244  -19.392 1.00 55.61 ? 64  ASP A N   1 
ATOM   382  C CA  . ASP A 1 65  ? -11.889 -3.764  -19.893 1.00 54.76 ? 64  ASP A CA  1 
ATOM   383  C C   . ASP A 1 65  ? -10.939 -4.957  -19.803 1.00 54.49 ? 64  ASP A C   1 
ATOM   384  O O   . ASP A 1 65  ? -10.511 -5.310  -18.704 1.00 54.19 ? 64  ASP A O   1 
ATOM   385  C CB  . ASP A 1 65  ? -11.359 -2.602  -19.080 1.00 54.31 ? 64  ASP A CB  1 
ATOM   386  C CG  . ASP A 1 65  ? -10.109 -1.936  -19.598 1.00 54.53 ? 64  ASP A CG  1 
ATOM   387  O OD1 . ASP A 1 65  ? -9.092  -2.588  -19.909 1.00 53.98 ? 64  ASP A OD1 1 
ATOM   388  O OD2 . ASP A 1 65  ? -10.091 -0.688  -19.702 1.00 54.16 ? 64  ASP A OD2 1 
ATOM   389  N N   . LEU A 1 66  ? -10.703 -5.670  -20.908 1.00 53.47 ? 65  LEU A N   1 
ATOM   390  C CA  . LEU A 1 66  ? -9.848  -6.846  -20.890 1.00 52.25 ? 65  LEU A CA  1 
ATOM   391  C C   . LEU A 1 66  ? -8.455  -6.541  -20.338 1.00 50.96 ? 65  LEU A C   1 
ATOM   392  O O   . LEU A 1 66  ? -7.847  -7.325  -19.615 1.00 49.56 ? 65  LEU A O   1 
ATOM   393  C CB  . LEU A 1 66  ? -9.698  -7.372  -22.327 1.00 53.35 ? 65  LEU A CB  1 
ATOM   394  C CG  . LEU A 1 66  ? -10.937 -7.935  -23.029 1.00 53.82 ? 65  LEU A CG  1 
ATOM   395  C CD1 . LEU A 1 66  ? -10.693 -8.075  -24.534 1.00 54.76 ? 65  LEU A CD1 1 
ATOM   396  C CD2 . LEU A 1 66  ? -11.313 -9.280  -22.448 1.00 53.75 ? 65  LEU A CD2 1 
ATOM   397  N N   . MET A 1 67  ? -7.892  -5.422  -20.749 1.00 50.18 ? 66  MET A N   1 
ATOM   398  C CA  . MET A 1 67  ? -6.539  -4.993  -20.443 1.00 52.14 ? 66  MET A CA  1 
ATOM   399  C C   . MET A 1 67  ? -6.379  -4.530  -18.992 1.00 51.09 ? 66  MET A C   1 
ATOM   400  O O   . MET A 1 67  ? -5.401  -4.885  -18.326 1.00 50.48 ? 66  MET A O   1 
ATOM   401  C CB  . MET A 1 67  ? -6.186  -3.934  -21.487 1.00 54.19 ? 66  MET A CB  1 
ATOM   402  C CG  . MET A 1 67  ? -4.932  -3.134  -21.256 1.00 57.64 ? 66  MET A CG  1 
ATOM   403  S SD  . MET A 1 67  ? -4.916  -1.604  -22.230 1.00 62.28 ? 66  MET A SD  1 
ATOM   404  C CE  . MET A 1 67  ? -3.503  -0.811  -21.447 1.00 60.59 ? 66  MET A CE  1 
ATOM   405  N N   . PHE A 1 68  ? -7.414  -3.943  -18.399 1.00 50.32 ? 67  PHE A N   1 
ATOM   406  C CA  . PHE A 1 68  ? -7.421  -3.621  -16.972 1.00 48.34 ? 67  PHE A CA  1 
ATOM   407  C C   . PHE A 1 68  ? -7.528  -4.902  -16.157 1.00 48.04 ? 67  PHE A C   1 
ATOM   408  O O   . PHE A 1 68  ? -6.772  -5.107  -15.198 1.00 46.95 ? 67  PHE A O   1 
ATOM   409  C CB  . PHE A 1 68  ? -8.599  -2.735  -16.598 1.00 47.53 ? 67  PHE A CB  1 
ATOM   410  C CG  . PHE A 1 68  ? -8.828  -2.574  -15.125 1.00 47.17 ? 67  PHE A CG  1 
ATOM   411  C CD1 . PHE A 1 68  ? -7.825  -2.064  -14.306 1.00 47.44 ? 67  PHE A CD1 1 
ATOM   412  C CD2 . PHE A 1 68  ? -10.044 -2.916  -14.556 1.00 47.24 ? 67  PHE A CD2 1 
ATOM   413  C CE1 . PHE A 1 68  ? -8.036  -1.903  -12.941 1.00 47.21 ? 67  PHE A CE1 1 
ATOM   414  C CE2 . PHE A 1 68  ? -10.256 -2.733  -13.195 1.00 46.51 ? 67  PHE A CE2 1 
ATOM   415  C CZ  . PHE A 1 68  ? -9.250  -2.233  -12.379 1.00 45.07 ? 67  PHE A CZ  1 
ATOM   416  N N   . GLN A 1 69  ? -8.433  -5.798  -16.576 1.00 46.95 ? 68  GLN A N   1 
ATOM   417  C CA  . GLN A 1 69  ? -8.585  -7.028  -15.781 1.00 47.55 ? 68  GLN A CA  1 
ATOM   418  C C   . GLN A 1 69  ? -7.319  -7.864  -15.725 1.00 47.35 ? 68  GLN A C   1 
ATOM   419  O O   . GLN A 1 69  ? -7.161  -8.655  -14.787 1.00 47.54 ? 68  GLN A O   1 
ATOM   420  C CB  . GLN A 1 69  ? -9.836  -7.786  -16.229 1.00 47.86 ? 68  GLN A CB  1 
ATOM   421  C CG  . GLN A 1 69  ? -11.107 -6.917  -16.154 1.00 48.00 ? 68  GLN A CG  1 
ATOM   422  C CD  . GLN A 1 69  ? -11.593 -6.668  -14.741 1.00 48.74 ? 68  GLN A CD  1 
ATOM   423  O OE1 . GLN A 1 69  ? -11.284 -7.413  -13.809 1.00 48.87 ? 68  GLN A OE1 1 
ATOM   424  N NE2 . GLN A 1 69  ? -12.366 -5.613  -14.509 1.00 47.90 ? 68  GLN A NE2 1 
ATOM   425  N N   . GLN A 1 70  ? -6.483  -7.863  -16.768 1.00 47.42 ? 69  GLN A N   1 
ATOM   426  C CA  . GLN A 1 70  ? -5.185  -8.504  -16.761 1.00 47.67 ? 69  GLN A CA  1 
ATOM   427  C C   . GLN A 1 70  ? -4.250  -7.890  -15.705 1.00 46.76 ? 69  GLN A C   1 
ATOM   428  O O   . GLN A 1 70  ? -3.717  -8.570  -14.837 1.00 44.57 ? 69  GLN A O   1 
ATOM   429  C CB  . GLN A 1 70  ? -4.505  -8.345  -18.130 1.00 49.02 ? 69  GLN A CB  1 
ATOM   430  C CG  . GLN A 1 70  ? -4.804  -9.460  -19.124 1.00 49.91 ? 69  GLN A CG  1 
ATOM   431  C CD  . GLN A 1 70  ? -4.178  -10.770 -18.684 1.00 51.59 ? 69  GLN A CD  1 
ATOM   432  O OE1 . GLN A 1 70  ? -3.522  -10.833 -17.630 1.00 51.59 ? 69  GLN A OE1 1 
ATOM   433  N NE2 . GLN A 1 70  ? -4.384  -11.846 -19.454 1.00 51.73 ? 69  GLN A NE2 1 
ATOM   434  N N   . HIS A 1 71  ? -4.101  -6.568  -15.762 1.00 45.88 ? 70  HIS A N   1 
ATOM   435  C CA  . HIS A 1 71  ? -3.330  -5.810  -14.784 1.00 46.07 ? 70  HIS A CA  1 
ATOM   436  C C   . HIS A 1 71  ? -3.741  -6.113  -13.345 1.00 45.70 ? 70  HIS A C   1 
ATOM   437  O O   . HIS A 1 71  ? -2.878  -6.301  -12.485 1.00 44.75 ? 70  HIS A O   1 
ATOM   438  C CB  . HIS A 1 71  ? -3.504  -4.311  -15.023 1.00 45.59 ? 70  HIS A CB  1 
ATOM   439  C CG  . HIS A 1 71  ? -2.819  -3.725  -16.197 1.00 46.25 ? 70  HIS A CG  1 
ATOM   440  N ND1 . HIS A 1 71  ? -2.883  -2.372  -16.470 1.00 46.40 ? 70  HIS A ND1 1 
ATOM   441  C CD2 . HIS A 1 71  ? -2.050  -4.269  -17.189 1.00 45.78 ? 70  HIS A CD2 1 
ATOM   442  C CE1 . HIS A 1 71  ? -2.234  -2.099  -17.591 1.00 45.81 ? 70  HIS A CE1 1 
ATOM   443  N NE2 . HIS A 1 71  ? -1.727  -3.240  -18.019 1.00 45.78 ? 70  HIS A NE2 1 
ATOM   444  N N   . VAL A 1 72  ? -5.040  -6.218  -13.062 1.00 44.78 ? 71  VAL A N   1 
ATOM   445  C CA  . VAL A 1 72  ? -5.537  -6.605  -11.751 1.00 45.48 ? 71  VAL A CA  1 
ATOM   446  C C   . VAL A 1 72  ? -5.055  -7.979  -11.310 1.00 46.99 ? 71  VAL A C   1 
ATOM   447  O O   . VAL A 1 72  ? -4.737  -8.194  -10.126 1.00 46.30 ? 71  VAL A O   1 
ATOM   448  C CB  . VAL A 1 72  ? -7.075  -6.521  -11.695 1.00 45.23 ? 71  VAL A CB  1 
ATOM   449  C CG1 . VAL A 1 72  ? -7.677  -7.250  -10.515 1.00 44.31 ? 71  VAL A CG1 1 
ATOM   450  C CG2 . VAL A 1 72  ? -7.472  -5.050  -11.661 1.00 45.02 ? 71  VAL A CG2 1 
ATOM   451  N N   . ARG A 1 73  ? -4.989  -8.916  -12.250 1.00 48.89 ? 72  ARG A N   1 
ATOM   452  C CA  . ARG A 1 73  ? -4.499  -10.261 -11.987 1.00 50.62 ? 72  ARG A CA  1 
ATOM   453  C C   . ARG A 1 73  ? -2.996  -10.236 -11.718 1.00 50.00 ? 72  ARG A C   1 
ATOM   454  O O   . ARG A 1 73  ? -2.514  -10.990 -10.882 1.00 49.07 ? 72  ARG A O   1 
ATOM   455  C CB  . ARG A 1 73  ? -4.813  -11.192 -13.172 1.00 54.10 ? 72  ARG A CB  1 
ATOM   456  C CG  . ARG A 1 73  ? -6.224  -11.779 -13.101 1.00 57.79 ? 72  ARG A CG  1 
ATOM   457  C CD  . ARG A 1 73  ? -6.492  -12.819 -14.193 1.00 59.36 ? 72  ARG A CD  1 
ATOM   458  N NE  . ARG A 1 73  ? -6.977  -12.171 -15.405 1.00 61.33 ? 72  ARG A NE  1 
ATOM   459  C CZ  . ARG A 1 73  ? -6.403  -12.183 -16.602 1.00 61.96 ? 72  ARG A CZ  1 
ATOM   460  N NH1 . ARG A 1 73  ? -5.303  -12.899 -16.798 1.00 63.03 ? 72  ARG A NH1 1 
ATOM   461  N NH2 . ARG A 1 73  ? -6.936  -11.500 -17.609 1.00 61.41 ? 72  ARG A NH2 1 
ATOM   462  N N   . GLU A 1 74  ? -2.260  -9.368  -12.400 1.00 49.51 ? 73  GLU A N   1 
ATOM   463  C CA  . GLU A 1 74  ? -0.855  -9.112  -12.142 1.00 50.21 ? 73  GLU A CA  1 
ATOM   464  C C   . GLU A 1 74  ? -0.663  -8.524  -10.746 1.00 49.18 ? 73  GLU A C   1 
ATOM   465  O O   . GLU A 1 74  ? 0.041   -9.086  -9.894  1.00 48.32 ? 73  GLU A O   1 
ATOM   466  C CB  . GLU A 1 74  ? -0.310  -8.134  -13.185 1.00 53.53 ? 73  GLU A CB  1 
ATOM   467  C CG  . GLU A 1 74  ? 0.167   -8.750  -14.491 1.00 57.05 ? 73  GLU A CG  1 
ATOM   468  C CD  . GLU A 1 74  ? 1.465   -8.101  -14.938 1.00 59.87 ? 73  GLU A CD  1 
ATOM   469  O OE1 . GLU A 1 74  ? 2.542   -8.437  -14.389 1.00 61.24 ? 73  GLU A OE1 1 
ATOM   470  O OE2 . GLU A 1 74  ? 1.391   -7.205  -15.814 1.00 61.75 ? 73  GLU A OE2 1 
ATOM   471  N N   . VAL A 1 75  ? -1.416  -7.455  -10.445 1.00 47.28 ? 74  VAL A N   1 
ATOM   472  C CA  . VAL A 1 75  ? -1.354  -6.882  -9.091  1.00 45.43 ? 74  VAL A CA  1 
ATOM   473  C C   . VAL A 1 75  ? -1.691  -7.935  -8.044  1.00 46.65 ? 74  VAL A C   1 
ATOM   474  O O   . VAL A 1 75  ? -0.914  -8.088  -7.091  1.00 45.18 ? 74  VAL A O   1 
ATOM   475  C CB  . VAL A 1 75  ? -2.287  -5.675  -8.983  1.00 44.72 ? 74  VAL A CB  1 
ATOM   476  C CG1 . VAL A 1 75  ? -2.423  -5.145  -7.565  1.00 42.88 ? 74  VAL A CG1 1 
ATOM   477  C CG2 . VAL A 1 75  ? -1.827  -4.598  -9.957  1.00 44.71 ? 74  VAL A CG2 1 
ATOM   478  N N   . ILE A 1 76  ? -2.779  -8.716  -8.205  1.00 47.51 ? 75  ILE A N   1 
ATOM   479  C CA  . ILE A 1 76  ? -3.111  -9.711  -7.187  1.00 47.73 ? 75  ILE A CA  1 
ATOM   480  C C   . ILE A 1 76  ? -1.943  -10.655 -6.958  1.00 48.86 ? 75  ILE A C   1 
ATOM   481  O O   . ILE A 1 76  ? -1.690  -11.007 -5.809  1.00 50.27 ? 75  ILE A O   1 
ATOM   482  C CB  . ILE A 1 76  ? -4.398  -10.511 -7.458  1.00 47.48 ? 75  ILE A CB  1 
ATOM   483  C CG1 . ILE A 1 76  ? -5.626  -9.601  -7.291  1.00 46.40 ? 75  ILE A CG1 1 
ATOM   484  C CG2 . ILE A 1 76  ? -4.577  -11.739 -6.554  1.00 45.79 ? 75  ILE A CG2 1 
ATOM   485  C CD1 . ILE A 1 76  ? -5.997  -9.376  -5.842  1.00 47.18 ? 75  ILE A CD1 1 
ATOM   486  N N   . ALA A 1 77  ? -1.333  -11.199 -7.992  1.00 51.45 ? 76  ALA A N   1 
ATOM   487  C CA  . ALA A 1 77  ? -0.177  -12.084 -7.898  1.00 53.23 ? 76  ALA A CA  1 
ATOM   488  C C   . ALA A 1 77  ? 0.897   -11.540 -6.963  1.00 53.21 ? 76  ALA A C   1 
ATOM   489  O O   . ALA A 1 77  ? 1.335   -12.255 -6.060  1.00 54.58 ? 76  ALA A O   1 
ATOM   490  C CB  . ALA A 1 77  ? 0.394   -12.339 -9.290  1.00 52.09 ? 76  ALA A CB  1 
ATOM   491  N N   . SER A 1 78  ? 1.326   -10.295 -7.120  1.00 53.70 ? 77  SER A N   1 
ATOM   492  C CA  . SER A 1 78  ? 2.270   -9.646  -6.226  1.00 53.44 ? 77  SER A CA  1 
ATOM   493  C C   . SER A 1 78  ? 1.761   -9.739  -4.785  1.00 54.59 ? 77  SER A C   1 
ATOM   494  O O   . SER A 1 78  ? 2.409   -10.258 -3.879  1.00 55.43 ? 77  SER A O   1 
ATOM   495  C CB  . SER A 1 78  ? 2.353   -8.159  -6.558  1.00 54.68 ? 77  SER A CB  1 
ATOM   496  O OG  . SER A 1 78  ? 3.420   -7.771  -7.387  1.00 55.16 ? 77  SER A OG  1 
ATOM   497  N N   . LEU A 1 79  ? 0.531   -9.259  -4.584  1.00 53.22 ? 78  LEU A N   1 
ATOM   498  C CA  . LEU A 1 79  ? -0.161  -9.263  -3.323  1.00 52.61 ? 78  LEU A CA  1 
ATOM   499  C C   . LEU A 1 79  ? -0.182  -10.604 -2.610  1.00 52.27 ? 78  LEU A C   1 
ATOM   500  O O   . LEU A 1 79  ? -0.025  -10.553 -1.378  1.00 51.44 ? 78  LEU A O   1 
ATOM   501  C CB  . LEU A 1 79  ? -1.610  -8.797  -3.482  1.00 52.24 ? 78  LEU A CB  1 
ATOM   502  C CG  . LEU A 1 79  ? -1.942  -7.323  -3.296  1.00 53.03 ? 78  LEU A CG  1 
ATOM   503  C CD1 . LEU A 1 79  ? -0.799  -6.409  -3.693  1.00 51.78 ? 78  LEU A CD1 1 
ATOM   504  C CD2 . LEU A 1 79  ? -3.222  -6.976  -4.054  1.00 52.01 ? 78  LEU A CD2 1 
ATOM   505  N N   . ASN A 1 80  ? -0.393  -11.725 -3.303  1.00 52.22 ? 79  ASN A N   1 
ATOM   506  C CA  . ASN A 1 80  ? -0.391  -12.983 -2.562  1.00 53.87 ? 79  ASN A CA  1 
ATOM   507  C C   . ASN A 1 80  ? 1.022   -13.531 -2.369  1.00 55.55 ? 79  ASN A C   1 
ATOM   508  O O   . ASN A 1 80  ? 1.156   -14.380 -1.469  1.00 56.97 ? 79  ASN A O   1 
ATOM   509  C CB  . ASN A 1 80  ? -1.274  -14.069 -3.168  1.00 54.06 ? 79  ASN A CB  1 
ATOM   510  C CG  . ASN A 1 80  ? -2.737  -13.683 -3.304  1.00 54.15 ? 79  ASN A CG  1 
ATOM   511  O OD1 . ASN A 1 80  ? -3.331  -13.126 -2.375  1.00 53.57 ? 79  ASN A OD1 1 
ATOM   512  N ND2 . ASN A 1 80  ? -3.303  -13.971 -4.477  1.00 52.31 ? 79  ASN A ND2 1 
ATOM   513  N N   . GLN A 1 81  ? 2.047   -13.069 -3.067  1.00 55.63 ? 80  GLN A N   1 
ATOM   514  C CA  . GLN A 1 81  ? 3.379   -13.643 -2.868  1.00 56.10 ? 80  GLN A CA  1 
ATOM   515  C C   . GLN A 1 81  ? 4.236   -12.865 -1.881  1.00 55.88 ? 80  GLN A C   1 
ATOM   516  O O   . GLN A 1 81  ? 4.153   -11.651 -1.735  1.00 54.91 ? 80  GLN A O   1 
ATOM   517  C CB  . GLN A 1 81  ? 4.069   -13.786 -4.235  1.00 56.43 ? 80  GLN A CB  1 
ATOM   518  C CG  . GLN A 1 81  ? 3.471   -14.913 -5.055  1.00 58.51 ? 80  GLN A CG  1 
ATOM   519  C CD  . GLN A 1 81  ? 3.894   -15.109 -6.475  1.00 59.86 ? 80  GLN A CD  1 
ATOM   520  O OE1 . GLN A 1 81  ? 4.029   -14.203 -7.303  1.00 61.45 ? 80  GLN A OE1 1 
ATOM   521  N NE2 . GLN A 1 81  ? 4.120   -16.373 -6.847  1.00 60.59 ? 80  GLN A NE2 1 
ATOM   522  N N   . ARG A 1 82  ? 5.129   -13.574 -1.194  1.00 56.00 ? 81  ARG A N   1 
ATOM   523  C CA  . ARG A 1 82  ? 6.034   -13.027 -0.212  1.00 56.84 ? 81  ARG A CA  1 
ATOM   524  C C   . ARG A 1 82  ? 6.940   -11.908 -0.709  1.00 57.36 ? 81  ARG A C   1 
ATOM   525  O O   . ARG A 1 82  ? 7.106   -10.892 -0.020  1.00 57.75 ? 81  ARG A O   1 
ATOM   526  C CB  . ARG A 1 82  ? 6.924   -14.165 0.324   1.00 57.79 ? 81  ARG A CB  1 
ATOM   527  C CG  . ARG A 1 82  ? 7.888   -13.659 1.387   1.00 59.32 ? 81  ARG A CG  1 
ATOM   528  C CD  . ARG A 1 82  ? 8.673   -14.796 2.024   1.00 60.06 ? 81  ARG A CD  1 
ATOM   529  N NE  . ARG A 1 82  ? 9.714   -14.295 2.908   1.00 60.91 ? 81  ARG A NE  1 
ATOM   530  C CZ  . ARG A 1 82  ? 10.741  -13.523 2.565   1.00 61.86 ? 81  ARG A CZ  1 
ATOM   531  N NH1 . ARG A 1 82  ? 10.921  -13.123 1.316   1.00 61.36 ? 81  ARG A NH1 1 
ATOM   532  N NH2 . ARG A 1 82  ? 11.598  -13.133 3.507   1.00 61.85 ? 81  ARG A NH2 1 
ATOM   533  N N   . ASP A 1 83  ? 7.556   -12.074 -1.878  1.00 56.79 ? 82  ASP A N   1 
ATOM   534  C CA  . ASP A 1 83  ? 8.480   -11.071 -2.369  1.00 57.88 ? 82  ASP A CA  1 
ATOM   535  C C   . ASP A 1 83  ? 8.489   -10.878 -3.866  1.00 59.25 ? 82  ASP A C   1 
ATOM   536  O O   . ASP A 1 83  ? 9.543   -10.709 -4.488  1.00 59.48 ? 82  ASP A O   1 
ATOM   537  C CB  . ASP A 1 83  ? 9.870   -11.511 -1.860  1.00 57.40 ? 82  ASP A CB  1 
ATOM   538  C CG  . ASP A 1 83  ? 10.891  -10.403 -1.902  1.00 56.98 ? 82  ASP A CG  1 
ATOM   539  O OD1 . ASP A 1 83  ? 10.494  -9.259  -2.219  1.00 58.55 ? 82  ASP A OD1 1 
ATOM   540  O OD2 . ASP A 1 83  ? 12.073  -10.674 -1.611  1.00 56.07 ? 82  ASP A OD2 1 
ATOM   541  N N   . THR A 1 84  ? 7.311   -10.886 -4.481  1.00 60.46 ? 83  THR A N   1 
ATOM   542  C CA  . THR A 1 84  ? 7.151   -10.677 -5.910  1.00 60.76 ? 83  THR A CA  1 
ATOM   543  C C   . THR A 1 84  ? 6.859   -9.196  -6.166  1.00 61.69 ? 83  THR A C   1 
ATOM   544  O O   . THR A 1 84  ? 5.774   -8.680  -5.908  1.00 62.92 ? 83  THR A O   1 
ATOM   545  C CB  . THR A 1 84  ? 6.017   -11.477 -6.572  1.00 60.16 ? 83  THR A CB  1 
ATOM   546  O OG1 . THR A 1 84  ? 6.018   -12.859 -6.202  1.00 59.29 ? 83  THR A OG1 1 
ATOM   547  C CG2 . THR A 1 84  ? 6.196   -11.394 -8.090  1.00 60.83 ? 83  THR A CG2 1 
ATOM   548  N N   . PRO A 1 85  ? 7.839   -8.516  -6.715  1.00 61.88 ? 84  PRO A N   1 
ATOM   549  C CA  . PRO A 1 85  ? 7.770   -7.120  -7.074  1.00 61.56 ? 84  PRO A CA  1 
ATOM   550  C C   . PRO A 1 85  ? 6.627   -6.856  -8.038  1.00 61.80 ? 84  PRO A C   1 
ATOM   551  O O   . PRO A 1 85  ? 6.311   -7.726  -8.845  1.00 61.53 ? 84  PRO A O   1 
ATOM   552  C CB  . PRO A 1 85  ? 9.110   -6.758  -7.750  1.00 61.89 ? 84  PRO A CB  1 
ATOM   553  C CG  . PRO A 1 85  ? 9.737   -8.094  -8.025  1.00 61.69 ? 84  PRO A CG  1 
ATOM   554  C CD  . PRO A 1 85  ? 9.124   -9.129  -7.123  1.00 62.41 ? 84  PRO A CD  1 
ATOM   555  N N   . LEU A 1 86  ? 5.989   -5.696  -7.940  1.00 62.28 ? 85  LEU A N   1 
ATOM   556  C CA  . LEU A 1 86  ? 4.924   -5.353  -8.875  1.00 61.09 ? 85  LEU A CA  1 
ATOM   557  C C   . LEU A 1 86  ? 5.633   -4.560  -9.987  1.00 60.81 ? 85  LEU A C   1 
ATOM   558  O O   . LEU A 1 86  ? 6.124   -3.457  -9.718  1.00 61.24 ? 85  LEU A O   1 
ATOM   559  C CB  . LEU A 1 86  ? 3.804   -4.496  -8.333  1.00 61.64 ? 85  LEU A CB  1 
ATOM   560  C CG  . LEU A 1 86  ? 2.376   -4.606  -8.862  1.00 62.17 ? 85  LEU A CG  1 
ATOM   561  C CD1 . LEU A 1 86  ? 1.701   -3.237  -8.841  1.00 62.33 ? 85  LEU A CD1 1 
ATOM   562  C CD2 . LEU A 1 86  ? 2.260   -5.212  -10.250 1.00 61.97 ? 85  LEU A CD2 1 
ATOM   563  N N   . THR A 1 87  ? 5.642   -5.143  -11.173 1.00 58.25 ? 86  THR A N   1 
ATOM   564  C CA  . THR A 1 87  ? 6.284   -4.486  -12.310 1.00 56.77 ? 86  THR A CA  1 
ATOM   565  C C   . THR A 1 87  ? 5.482   -3.357  -12.922 1.00 55.23 ? 86  THR A C   1 
ATOM   566  O O   . THR A 1 87  ? 6.054   -2.393  -13.466 1.00 55.69 ? 86  THR A O   1 
ATOM   567  C CB  . THR A 1 87  ? 6.545   -5.593  -13.365 1.00 57.15 ? 86  THR A CB  1 
ATOM   568  O OG1 . THR A 1 87  ? 7.901   -6.027  -13.130 1.00 57.96 ? 86  THR A OG1 1 
ATOM   569  C CG2 . THR A 1 87  ? 6.360   -5.137  -14.792 1.00 57.83 ? 86  THR A CG2 1 
ATOM   570  N N   . LEU A 1 88  ? 4.163   -3.525  -12.960 1.00 52.82 ? 87  LEU A N   1 
ATOM   571  C CA  . LEU A 1 88  ? 3.314   -2.555  -13.648 1.00 50.90 ? 87  LEU A CA  1 
ATOM   572  C C   . LEU A 1 88  ? 3.654   -1.159  -13.157 1.00 48.82 ? 87  LEU A C   1 
ATOM   573  O O   . LEU A 1 88  ? 4.063   -1.002  -12.012 1.00 50.93 ? 87  LEU A O   1 
ATOM   574  C CB  . LEU A 1 88  ? 1.848   -2.850  -13.359 1.00 50.99 ? 87  LEU A CB  1 
ATOM   575  C CG  . LEU A 1 88  ? 1.219   -4.103  -13.944 1.00 52.52 ? 87  LEU A CG  1 
ATOM   576  C CD1 . LEU A 1 88  ? -0.077  -4.425  -13.218 1.00 51.31 ? 87  LEU A CD1 1 
ATOM   577  C CD2 . LEU A 1 88  ? 0.997   -3.965  -15.448 1.00 52.69 ? 87  LEU A CD2 1 
ATOM   578  N N   . PRO A 1 89  ? 3.411   -0.155  -13.970 1.00 46.60 ? 88  PRO A N   1 
ATOM   579  C CA  . PRO A 1 89  ? 3.636   1.229   -13.649 1.00 45.77 ? 88  PRO A CA  1 
ATOM   580  C C   . PRO A 1 89  ? 2.804   1.703   -12.472 1.00 46.39 ? 88  PRO A C   1 
ATOM   581  O O   . PRO A 1 89  ? 1.609   1.407   -12.409 1.00 47.76 ? 88  PRO A O   1 
ATOM   582  C CB  . PRO A 1 89  ? 3.203   2.066   -14.873 1.00 47.25 ? 88  PRO A CB  1 
ATOM   583  C CG  . PRO A 1 89  ? 2.826   1.046   -15.889 1.00 45.65 ? 88  PRO A CG  1 
ATOM   584  C CD  . PRO A 1 89  ? 2.880   -0.350  -15.322 1.00 46.05 ? 88  PRO A CD  1 
ATOM   585  N N   . LEU A 1 90  ? 3.393   2.481   -11.564 1.00 46.29 ? 89  LEU A N   1 
ATOM   586  C CA  . LEU A 1 90  ? 2.698   3.001   -10.405 1.00 44.05 ? 89  LEU A CA  1 
ATOM   587  C C   . LEU A 1 90  ? 2.351   4.470   -10.624 1.00 44.06 ? 89  LEU A C   1 
ATOM   588  O O   . LEU A 1 90  ? 3.081   5.255   -11.207 1.00 44.54 ? 89  LEU A O   1 
ATOM   589  C CB  . LEU A 1 90  ? 3.500   2.852   -9.128  1.00 43.69 ? 89  LEU A CB  1 
ATOM   590  C CG  . LEU A 1 90  ? 3.975   1.501   -8.628  1.00 43.95 ? 89  LEU A CG  1 
ATOM   591  C CD1 . LEU A 1 90  ? 4.433   1.659   -7.173  1.00 45.76 ? 89  LEU A CD1 1 
ATOM   592  C CD2 . LEU A 1 90  ? 2.882   0.443   -8.676  1.00 44.26 ? 89  LEU A CD2 1 
ATOM   593  N N   . ASP A 1 91  ? 1.148   4.829   -10.210 1.00 42.85 ? 90  ASP A N   1 
ATOM   594  C CA  . ASP A 1 91  ? 0.700   6.218   -10.230 1.00 43.00 ? 90  ASP A CA  1 
ATOM   595  C C   . ASP A 1 91  ? 0.692   6.734   -8.786  1.00 43.06 ? 90  ASP A C   1 
ATOM   596  O O   . ASP A 1 91  ? -0.305  6.713   -8.050  1.00 42.83 ? 90  ASP A O   1 
ATOM   597  C CB  . ASP A 1 91  ? -0.648  6.300   -10.911 1.00 42.92 ? 90  ASP A CB  1 
ATOM   598  C CG  . ASP A 1 91  ? -1.154  7.717   -11.001 1.00 43.87 ? 90  ASP A CG  1 
ATOM   599  O OD1 . ASP A 1 91  ? -0.344  8.641   -10.800 1.00 44.84 ? 90  ASP A OD1 1 
ATOM   600  O OD2 . ASP A 1 91  ? -2.345  7.896   -11.299 1.00 45.17 ? 90  ASP A OD2 1 
ATOM   601  N N   . ILE A 1 92  ? 1.880   7.117   -8.330  1.00 42.13 ? 91  ILE A N   1 
ATOM   602  C CA  . ILE A 1 92  ? 2.039   7.556   -6.929  1.00 42.49 ? 91  ILE A CA  1 
ATOM   603  C C   . ILE A 1 92  ? 1.669   9.012   -6.788  1.00 42.60 ? 91  ILE A C   1 
ATOM   604  O O   . ILE A 1 92  ? 2.338   9.821   -7.436  1.00 42.44 ? 91  ILE A O   1 
ATOM   605  C CB  . ILE A 1 92  ? 3.493   7.258   -6.483  1.00 43.13 ? 91  ILE A CB  1 
ATOM   606  C CG1 . ILE A 1 92  ? 3.804   5.786   -6.754  1.00 42.53 ? 91  ILE A CG1 1 
ATOM   607  C CG2 . ILE A 1 92  ? 3.668   7.630   -5.021  1.00 44.02 ? 91  ILE A CG2 1 
ATOM   608  C CD1 . ILE A 1 92  ? 5.112   5.209   -6.309  1.00 43.16 ? 91  ILE A CD1 1 
ATOM   609  N N   . ARG A 1 93  ? 0.661   9.371   -5.999  1.00 43.13 ? 92  ARG A N   1 
ATOM   610  C CA  . ARG A 1 93  ? 0.262   10.758  -5.821  1.00 45.88 ? 92  ARG A CA  1 
ATOM   611  C C   . ARG A 1 93  ? 0.464   11.284  -4.404  1.00 46.25 ? 92  ARG A C   1 
ATOM   612  O O   . ARG A 1 93  ? -0.058  10.711  -3.441  1.00 45.39 ? 92  ARG A O   1 
ATOM   613  C CB  . ARG A 1 93  ? -1.244  10.943  -6.119  1.00 48.92 ? 92  ARG A CB  1 
ATOM   614  C CG  . ARG A 1 93  ? -1.613  10.438  -7.512  1.00 52.45 ? 92  ARG A CG  1 
ATOM   615  C CD  . ARG A 1 93  ? -2.536  11.433  -8.205  1.00 54.63 ? 92  ARG A CD  1 
ATOM   616  N NE  . ARG A 1 93  ? -3.130  10.799  -9.389  1.00 55.75 ? 92  ARG A NE  1 
ATOM   617  C CZ  . ARG A 1 93  ? -3.250  11.446  -10.545 1.00 56.97 ? 92  ARG A CZ  1 
ATOM   618  N NH1 . ARG A 1 93  ? -2.813  12.691  -10.683 1.00 56.89 ? 92  ARG A NH1 1 
ATOM   619  N NH2 . ARG A 1 93  ? -3.801  10.770  -11.546 1.00 57.22 ? 92  ARG A NH2 1 
ATOM   620  N N   . GLY A 1 94  ? 1.160   12.407  -4.265  1.00 46.82 ? 93  GLY A N   1 
ATOM   621  C CA  . GLY A 1 94  ? 1.392   12.958  -2.933  1.00 47.35 ? 93  GLY A CA  1 
ATOM   622  C C   . GLY A 1 94  ? 2.406   14.083  -2.931  1.00 47.24 ? 93  GLY A C   1 
ATOM   623  O O   . GLY A 1 94  ? 2.933   14.464  -3.977  1.00 47.56 ? 93  GLY A O   1 
ATOM   624  N N   . THR A 1 95  ? 2.664   14.622  -1.735  1.00 48.22 ? 94  THR A N   1 
ATOM   625  C CA  . THR A 1 95  ? 3.618   15.708  -1.543  1.00 46.06 ? 94  THR A CA  1 
ATOM   626  C C   . THR A 1 95  ? 5.044   15.205  -1.650  1.00 45.66 ? 94  THR A C   1 
ATOM   627  O O   . THR A 1 95  ? 5.327   14.008  -1.598  1.00 47.32 ? 94  THR A O   1 
ATOM   628  C CB  . THR A 1 95  ? 3.456   16.434  -0.195  1.00 46.52 ? 94  THR A CB  1 
ATOM   629  O OG1 . THR A 1 95  ? 3.870   15.551  0.856   1.00 46.73 ? 94  THR A OG1 1 
ATOM   630  C CG2 . THR A 1 95  ? 2.007   16.809  0.097   1.00 45.63 ? 94  THR A CG2 1 
ATOM   631  N N   . ALA A 1 96  ? 6.005   16.118  -1.815  1.00 44.84 ? 95  ALA A N   1 
ATOM   632  C CA  . ALA A 1 96  ? 7.410   15.734  -1.908  1.00 43.18 ? 95  ALA A CA  1 
ATOM   633  C C   . ALA A 1 96  ? 7.823   14.860  -0.727  1.00 41.49 ? 95  ALA A C   1 
ATOM   634  O O   . ALA A 1 96  ? 8.431   13.803  -0.884  1.00 40.08 ? 95  ALA A O   1 
ATOM   635  C CB  . ALA A 1 96  ? 8.279   16.986  -1.954  1.00 44.75 ? 95  ALA A CB  1 
ATOM   636  N N   . PHE A 1 97  ? 7.477   15.323  0.474   1.00 40.04 ? 96  PHE A N   1 
ATOM   637  C CA  . PHE A 1 97  ? 7.722   14.624  1.727   1.00 37.00 ? 96  PHE A CA  1 
ATOM   638  C C   . PHE A 1 97  ? 7.102   13.237  1.739   1.00 35.64 ? 96  PHE A C   1 
ATOM   639  O O   . PHE A 1 97  ? 7.798   12.251  2.008   1.00 34.76 ? 96  PHE A O   1 
ATOM   640  C CB  . PHE A 1 97  ? 7.175   15.491  2.890   1.00 39.36 ? 96  PHE A CB  1 
ATOM   641  C CG  . PHE A 1 97  ? 7.585   14.884  4.213   1.00 41.80 ? 96  PHE A CG  1 
ATOM   642  C CD1 . PHE A 1 97  ? 8.920   14.835  4.573   1.00 43.00 ? 96  PHE A CD1 1 
ATOM   643  C CD2 . PHE A 1 97  ? 6.655   14.252  5.003   1.00 42.44 ? 96  PHE A CD2 1 
ATOM   644  C CE1 . PHE A 1 97  ? 9.310   14.182  5.738   1.00 44.79 ? 96  PHE A CE1 1 
ATOM   645  C CE2 . PHE A 1 97  ? 7.032   13.626  6.176   1.00 43.26 ? 96  PHE A CE2 1 
ATOM   646  C CZ  . PHE A 1 97  ? 8.362   13.561  6.534   1.00 43.58 ? 96  PHE A CZ  1 
ATOM   647  N N   . GLN A 1 98  ? 5.805   13.126  1.389   1.00 34.33 ? 97  GLN A N   1 
ATOM   648  C CA  . GLN A 1 98  ? 5.198   11.784  1.297   1.00 35.35 ? 97  GLN A CA  1 
ATOM   649  C C   . GLN A 1 98  ? 5.920   10.907  0.294   1.00 34.58 ? 97  GLN A C   1 
ATOM   650  O O   . GLN A 1 98  ? 6.241   9.757   0.572   1.00 33.14 ? 97  GLN A O   1 
ATOM   651  C CB  . GLN A 1 98  ? 3.733   11.842  0.838   1.00 34.29 ? 97  GLN A CB  1 
ATOM   652  C CG  . GLN A 1 98  ? 2.746   11.966  1.993   1.00 34.13 ? 97  GLN A CG  1 
ATOM   653  C CD  . GLN A 1 98  ? 1.397   12.541  1.553   1.00 36.23 ? 97  GLN A CD  1 
ATOM   654  O OE1 . GLN A 1 98  ? 1.203   13.003  0.415   1.00 35.72 ? 97  GLN A OE1 1 
ATOM   655  N NE2 . GLN A 1 98  ? 0.486   12.600  2.520   1.00 36.14 ? 97  GLN A NE2 1 
ATOM   656  N N   . GLN A 1 99  ? 6.233   11.488  -0.867  1.00 36.52 ? 98  GLN A N   1 
ATOM   657  C CA  . GLN A 1 99  ? 6.950   10.778  -1.924  1.00 38.67 ? 98  GLN A CA  1 
ATOM   658  C C   . GLN A 1 99  ? 8.328   10.348  -1.457  1.00 37.03 ? 98  GLN A C   1 
ATOM   659  O O   . GLN A 1 99  ? 8.739   9.188   -1.657  1.00 34.00 ? 98  GLN A O   1 
ATOM   660  C CB  . GLN A 1 99  ? 7.091   11.646  -3.169  1.00 42.64 ? 98  GLN A CB  1 
ATOM   661  C CG  . GLN A 1 99  ? 5.754   11.992  -3.818  1.00 46.33 ? 98  GLN A CG  1 
ATOM   662  C CD  . GLN A 1 99  ? 5.784   11.606  -5.291  1.00 49.38 ? 98  GLN A CD  1 
ATOM   663  O OE1 . GLN A 1 99  ? 6.634   10.819  -5.726  1.00 50.88 ? 98  GLN A OE1 1 
ATOM   664  N NE2 . GLN A 1 99  ? 4.842   12.161  -6.058  1.00 50.53 ? 98  GLN A NE2 1 
ATOM   665  N N   . GLN A 1 100 ? 9.000   11.268  -0.721  1.00 38.02 ? 99  GLN A N   1 
ATOM   666  C CA  . GLN A 1 100 ? 10.295  10.852  -0.147  1.00 36.17 ? 99  GLN A CA  1 
ATOM   667  C C   . GLN A 1 100 ? 10.069  9.709   0.820   1.00 34.15 ? 99  GLN A C   1 
ATOM   668  O O   . GLN A 1 100 ? 10.870  8.789   0.818   1.00 32.30 ? 99  GLN A O   1 
ATOM   669  C CB  . GLN A 1 100 ? 10.999  11.982  0.599   1.00 39.72 ? 99  GLN A CB  1 
ATOM   670  C CG  . GLN A 1 100 ? 11.292  13.144  -0.348  1.00 44.51 ? 99  GLN A CG  1 
ATOM   671  C CD  . GLN A 1 100 ? 12.035  14.267  0.349   1.00 47.75 ? 99  GLN A CD  1 
ATOM   672  O OE1 . GLN A 1 100 ? 12.281  14.168  1.562   1.00 48.43 ? 99  GLN A OE1 1 
ATOM   673  N NE2 . GLN A 1 100 ? 12.318  15.275  -0.472  1.00 48.17 ? 99  GLN A NE2 1 
ATOM   674  N N   . VAL A 1 101 ? 9.028   9.833   1.705   1.00 32.70 ? 100 VAL A N   1 
ATOM   675  C CA  . VAL A 1 101 ? 8.865   8.728   2.651   1.00 31.45 ? 100 VAL A CA  1 
ATOM   676  C C   . VAL A 1 101 ? 8.561   7.440   1.895   1.00 30.16 ? 100 VAL A C   1 
ATOM   677  O O   . VAL A 1 101 ? 9.101   6.410   2.302   1.00 30.82 ? 100 VAL A O   1 
ATOM   678  C CB  . VAL A 1 101 ? 7.725   8.950   3.685   1.00 30.82 ? 100 VAL A CB  1 
ATOM   679  C CG1 . VAL A 1 101 ? 7.536   7.737   4.574   1.00 30.25 ? 100 VAL A CG1 1 
ATOM   680  C CG2 . VAL A 1 101 ? 8.067   10.144  4.546   1.00 32.70 ? 100 VAL A CG2 1 
ATOM   681  N N   . TRP A 1 102 ? 7.596   7.433   0.973   1.00 28.89 ? 101 TRP A N   1 
ATOM   682  C CA  . TRP A 1 102 ? 7.243   6.204   0.246   1.00 29.76 ? 101 TRP A CA  1 
ATOM   683  C C   . TRP A 1 102 ? 8.390   5.605   -0.593  1.00 30.75 ? 101 TRP A C   1 
ATOM   684  O O   . TRP A 1 102 ? 8.690   4.372   -0.593  1.00 29.92 ? 101 TRP A O   1 
ATOM   685  C CB  . TRP A 1 102 ? 6.019   6.457   -0.643  1.00 29.79 ? 101 TRP A CB  1 
ATOM   686  C CG  . TRP A 1 102 ? 4.781   6.885   0.103   1.00 30.27 ? 101 TRP A CG  1 
ATOM   687  C CD1 . TRP A 1 102 ? 4.485   6.569   1.406   1.00 30.14 ? 101 TRP A CD1 1 
ATOM   688  C CD2 . TRP A 1 102 ? 3.768   7.812   -0.301  1.00 30.13 ? 101 TRP A CD2 1 
ATOM   689  N NE1 . TRP A 1 102 ? 3.281   7.106   1.765   1.00 29.23 ? 101 TRP A NE1 1 
ATOM   690  C CE2 . TRP A 1 102 ? 2.840   7.916   0.768   1.00 29.06 ? 101 TRP A CE2 1 
ATOM   691  C CE3 . TRP A 1 102 ? 3.523   8.521   -1.471  1.00 30.05 ? 101 TRP A CE3 1 
ATOM   692  C CZ2 . TRP A 1 102 ? 1.721   8.729   0.721   1.00 30.43 ? 101 TRP A CZ2 1 
ATOM   693  C CZ3 . TRP A 1 102 ? 2.402   9.320   -1.542  1.00 32.06 ? 101 TRP A CZ3 1 
ATOM   694  C CH2 . TRP A 1 102 ? 1.506   9.435   -0.451  1.00 33.58 ? 101 TRP A CH2 1 
ATOM   695  N N   . GLN A 1 103 ? 9.142   6.488   -1.233  1.00 29.76 ? 102 GLN A N   1 
ATOM   696  C CA  . GLN A 1 103 ? 10.330  5.972   -1.949  1.00 35.08 ? 102 GLN A CA  1 
ATOM   697  C C   . GLN A 1 103 ? 11.233  5.282   -0.948  1.00 34.03 ? 102 GLN A C   1 
ATOM   698  O O   . GLN A 1 103 ? 11.625  4.168   -1.266  1.00 33.53 ? 102 GLN A O   1 
ATOM   699  C CB  . GLN A 1 103 ? 11.073  7.013   -2.762  1.00 39.64 ? 102 GLN A CB  1 
ATOM   700  C CG  . GLN A 1 103 ? 12.197  6.462   -3.641  1.00 45.92 ? 102 GLN A CG  1 
ATOM   701  C CD  . GLN A 1 103 ? 11.900  5.161   -4.376  1.00 48.81 ? 102 GLN A CD  1 
ATOM   702  O OE1 . GLN A 1 103 ? 10.937  5.087   -5.156  1.00 50.25 ? 102 GLN A OE1 1 
ATOM   703  N NE2 . GLN A 1 103 ? 12.707  4.115   -4.134  1.00 49.16 ? 102 GLN A NE2 1 
ATOM   704  N N   . ALA A 1 104 ? 11.512  5.839   0.254   1.00 32.52 ? 103 ALA A N   1 
ATOM   705  C CA  . ALA A 1 104 ? 12.397  5.112   1.157   1.00 30.61 ? 103 ALA A CA  1 
ATOM   706  C C   . ALA A 1 104 ? 11.786  3.866   1.730   1.00 30.40 ? 103 ALA A C   1 
ATOM   707  O O   . ALA A 1 104 ? 12.523  2.927   1.980   1.00 30.74 ? 103 ALA A O   1 
ATOM   708  C CB  . ALA A 1 104 ? 12.879  6.041   2.278   1.00 34.80 ? 103 ALA A CB  1 
ATOM   709  N N   . LEU A 1 105 ? 10.451  3.749   1.955   1.00 30.44 ? 104 LEU A N   1 
ATOM   710  C CA  . LEU A 1 105 ? 9.848   2.463   2.277   1.00 30.41 ? 104 LEU A CA  1 
ATOM   711  C C   . LEU A 1 105 ? 10.218  1.398   1.282   1.00 29.76 ? 104 LEU A C   1 
ATOM   712  O O   . LEU A 1 105 ? 10.353  0.206   1.619   1.00 30.26 ? 104 LEU A O   1 
ATOM   713  C CB  . LEU A 1 105 ? 8.265   2.513   2.296   1.00 28.02 ? 104 LEU A CB  1 
ATOM   714  C CG  . LEU A 1 105 ? 7.767   3.473   3.395   1.00 28.06 ? 104 LEU A CG  1 
ATOM   715  C CD1 . LEU A 1 105 ? 6.263   3.739   3.343   1.00 25.17 ? 104 LEU A CD1 1 
ATOM   716  C CD2 . LEU A 1 105 ? 8.192   2.971   4.746   1.00 25.88 ? 104 LEU A CD2 1 
ATOM   717  N N   . ARG A 1 106 ? 10.185  1.757   0.003   1.00 32.94 ? 105 ARG A N   1 
ATOM   718  C CA  . ARG A 1 106 ? 10.468  0.789   -1.059  1.00 38.93 ? 105 ARG A CA  1 
ATOM   719  C C   . ARG A 1 106 ? 11.897  0.243   -1.043  1.00 39.12 ? 105 ARG A C   1 
ATOM   720  O O   . ARG A 1 106 ? 12.115  -0.764  -1.743  1.00 39.37 ? 105 ARG A O   1 
ATOM   721  C CB  . ARG A 1 106 ? 10.221  1.341   -2.472  1.00 38.77 ? 105 ARG A CB  1 
ATOM   722  C CG  . ARG A 1 106 ? 8.809   1.828   -2.647  1.00 41.41 ? 105 ARG A CG  1 
ATOM   723  C CD  . ARG A 1 106 ? 8.567   2.422   -4.019  1.00 42.17 ? 105 ARG A CD  1 
ATOM   724  N NE  . ARG A 1 106 ? 8.648   1.348   -5.013  1.00 43.86 ? 105 ARG A NE  1 
ATOM   725  C CZ  . ARG A 1 106 ? 8.322   1.588   -6.288  1.00 44.81 ? 105 ARG A CZ  1 
ATOM   726  N NH1 . ARG A 1 106 ? 7.963   2.823   -6.597  1.00 45.60 ? 105 ARG A NH1 1 
ATOM   727  N NH2 . ARG A 1 106 ? 8.391   0.600   -7.165  1.00 44.34 ? 105 ARG A NH2 1 
ATOM   728  N N   . THR A 1 107 ? 12.798  0.853   -0.290  1.00 38.42 ? 106 THR A N   1 
ATOM   729  C CA  . THR A 1 107 ? 14.164  0.315   -0.220  1.00 38.78 ? 106 THR A CA  1 
ATOM   730  C C   . THR A 1 107 ? 14.306  -0.527  1.044   1.00 38.99 ? 106 THR A C   1 
ATOM   731  O O   . THR A 1 107 ? 15.323  -1.226  1.151   1.00 39.14 ? 106 THR A O   1 
ATOM   732  C CB  . THR A 1 107 ? 15.217  1.430   -0.252  1.00 37.73 ? 106 THR A CB  1 
ATOM   733  O OG1 . THR A 1 107 ? 15.113  2.267   0.916   1.00 36.08 ? 106 THR A OG1 1 
ATOM   734  C CG2 . THR A 1 107 ? 15.009  2.338   -1.454  1.00 37.66 ? 106 THR A CG2 1 
ATOM   735  N N   . ILE A 1 108 ? 13.267  -0.617  1.892   1.00 35.18 ? 107 ILE A N   1 
ATOM   736  C CA  . ILE A 1 108 ? 13.323  -1.557  3.021   1.00 34.78 ? 107 ILE A CA  1 
ATOM   737  C C   . ILE A 1 108 ? 13.265  -2.962  2.469   1.00 36.40 ? 107 ILE A C   1 
ATOM   738  O O   . ILE A 1 108 ? 12.401  -3.327  1.688   1.00 38.50 ? 107 ILE A O   1 
ATOM   739  C CB  . ILE A 1 108 ? 12.213  -1.333  4.088   1.00 33.74 ? 107 ILE A CB  1 
ATOM   740  C CG1 . ILE A 1 108 ? 12.260  0.049   4.711   1.00 33.53 ? 107 ILE A CG1 1 
ATOM   741  C CG2 . ILE A 1 108 ? 12.332  -2.360  5.214   1.00 33.39 ? 107 ILE A CG2 1 
ATOM   742  C CD1 . ILE A 1 108 ? 10.919  0.539   5.303   1.00 31.85 ? 107 ILE A CD1 1 
ATOM   743  N N   . PRO A 1 109 ? 14.228  -3.802  2.782   1.00 40.87 ? 108 PRO A N   1 
ATOM   744  C CA  . PRO A 1 109 ? 14.327  -5.162  2.286   1.00 42.22 ? 108 PRO A CA  1 
ATOM   745  C C   . PRO A 1 109 ? 13.176  -6.033  2.786   1.00 42.61 ? 108 PRO A C   1 
ATOM   746  O O   . PRO A 1 109 ? 12.756  -5.889  3.931   1.00 41.44 ? 108 PRO A O   1 
ATOM   747  C CB  . PRO A 1 109 ? 15.648  -5.774  2.811   1.00 43.09 ? 108 PRO A CB  1 
ATOM   748  C CG  . PRO A 1 109 ? 16.102  -4.766  3.822   1.00 42.58 ? 108 PRO A CG  1 
ATOM   749  C CD  . PRO A 1 109 ? 15.349  -3.469  3.675   1.00 41.61 ? 108 PRO A CD  1 
ATOM   750  N N   . CYS A 1 110 ? 12.746  -6.976  1.939   1.00 42.24 ? 109 CYS A N   1 
ATOM   751  C CA  . CYS A 1 110 ? 11.696  -7.878  2.405   1.00 42.75 ? 109 CYS A CA  1 
ATOM   752  C C   . CYS A 1 110 ? 12.299  -8.611  3.598   1.00 42.40 ? 109 CYS A C   1 
ATOM   753  O O   . CYS A 1 110 ? 13.485  -8.985  3.571   1.00 42.37 ? 109 CYS A O   1 
ATOM   754  C CB  . CYS A 1 110 ? 11.189  -8.829  1.324   1.00 43.78 ? 109 CYS A CB  1 
ATOM   755  S SG  . CYS A 1 110 ? 10.089  -10.089 2.027   1.00 44.48 ? 109 CYS A SG  1 
ATOM   756  N N   . GLY A 1 111 ? 11.608  -8.595  4.739   1.00 39.55 ? 110 GLY A N   1 
ATOM   757  C CA  . GLY A 1 111 ? 12.054  -9.343  5.884   1.00 37.36 ? 110 GLY A CA  1 
ATOM   758  C C   . GLY A 1 111 ? 12.627  -8.455  6.967   1.00 37.86 ? 110 GLY A C   1 
ATOM   759  O O   . GLY A 1 111 ? 13.022  -8.977  8.003   1.00 37.90 ? 110 GLY A O   1 
ATOM   760  N N   . GLU A 1 112 ? 12.684  -7.142  6.763   1.00 36.42 ? 111 GLU A N   1 
ATOM   761  C CA  . GLU A 1 112 ? 13.177  -6.299  7.835   1.00 39.90 ? 111 GLU A CA  1 
ATOM   762  C C   . GLU A 1 112 ? 12.164  -5.215  8.192   1.00 39.02 ? 111 GLU A C   1 
ATOM   763  O O   . GLU A 1 112 ? 11.396  -4.841  7.323   1.00 39.70 ? 111 GLU A O   1 
ATOM   764  C CB  . GLU A 1 112 ? 14.467  -5.561  7.383   1.00 39.11 ? 111 GLU A CB  1 
ATOM   765  C CG  . GLU A 1 112 ? 15.627  -6.554  7.477   1.00 41.33 ? 111 GLU A CG  1 
ATOM   766  C CD  . GLU A 1 112 ? 16.959  -5.842  7.589   1.00 38.84 ? 111 GLU A CD  1 
ATOM   767  O OE1 . GLU A 1 112 ? 16.977  -4.824  8.310   1.00 39.82 ? 111 GLU A OE1 1 
ATOM   768  O OE2 . GLU A 1 112 ? 17.874  -6.358  6.911   1.00 39.23 ? 111 GLU A OE2 1 
ATOM   769  N N   . THR A 1 113 ? 12.280  -4.674  9.384   1.00 39.59 ? 112 THR A N   1 
ATOM   770  C CA  . THR A 1 113 ? 11.527  -3.517  9.814   1.00 40.61 ? 112 THR A CA  1 
ATOM   771  C C   . THR A 1 113 ? 12.456  -2.395  10.275  1.00 40.21 ? 112 THR A C   1 
ATOM   772  O O   . THR A 1 113 ? 13.552  -2.632  10.788  1.00 42.21 ? 112 THR A O   1 
ATOM   773  C CB  . THR A 1 113 ? 10.594  -3.792  11.008  1.00 41.46 ? 112 THR A CB  1 
ATOM   774  O OG1 . THR A 1 113 ? 11.341  -4.545  11.979  1.00 43.50 ? 112 THR A OG1 1 
ATOM   775  C CG2 . THR A 1 113 ? 9.348   -4.523  10.577  1.00 40.37 ? 112 THR A CG2 1 
ATOM   776  N N   . VAL A 1 114 ? 12.065  -1.161  10.069  1.00 38.70 ? 113 VAL A N   1 
ATOM   777  C CA  . VAL A 1 114 ? 12.765  0.001   10.551  1.00 37.71 ? 113 VAL A CA  1 
ATOM   778  C C   . VAL A 1 114 ? 11.729  0.753   11.426  1.00 35.49 ? 113 VAL A C   1 
ATOM   779  O O   . VAL A 1 114 ? 10.548  0.699   11.108  1.00 33.47 ? 113 VAL A O   1 
ATOM   780  C CB  . VAL A 1 114 ? 13.354  0.968   9.518   1.00 38.00 ? 113 VAL A CB  1 
ATOM   781  C CG1 . VAL A 1 114 ? 14.297  0.244   8.535   1.00 39.07 ? 113 VAL A CG1 1 
ATOM   782  C CG2 . VAL A 1 114 ? 12.303  1.683   8.693   1.00 36.46 ? 113 VAL A CG2 1 
ATOM   783  N N   . SER A 1 115 ? 12.201  1.494   12.410  1.00 31.51 ? 114 SER A N   1 
ATOM   784  C CA  . SER A 1 115 ? 11.310  2.254   13.272  1.00 30.81 ? 114 SER A CA  1 
ATOM   785  C C   . SER A 1 115 ? 11.027  3.589   12.625  1.00 31.60 ? 114 SER A C   1 
ATOM   786  O O   . SER A 1 115 ? 11.781  3.930   11.695  1.00 28.38 ? 114 SER A O   1 
ATOM   787  C CB  . SER A 1 115 ? 12.039  2.407   14.617  1.00 32.74 ? 114 SER A CB  1 
ATOM   788  O OG  . SER A 1 115 ? 13.056  3.405   14.518  1.00 31.23 ? 114 SER A OG  1 
ATOM   789  N N   . TYR A 1 116 ? 9.996   4.330   13.025  1.00 30.76 ? 115 TYR A N   1 
ATOM   790  C CA  . TYR A 1 116 ? 9.782   5.647   12.423  1.00 32.51 ? 115 TYR A CA  1 
ATOM   791  C C   . TYR A 1 116 ? 11.028  6.517   12.509  1.00 33.09 ? 115 TYR A C   1 
ATOM   792  O O   . TYR A 1 116 ? 11.296  7.386   11.679  1.00 33.75 ? 115 TYR A O   1 
ATOM   793  C CB  . TYR A 1 116 ? 8.598   6.357   13.107  1.00 35.57 ? 115 TYR A CB  1 
ATOM   794  C CG  . TYR A 1 116 ? 7.238   5.708   12.958  1.00 36.35 ? 115 TYR A CG  1 
ATOM   795  C CD1 . TYR A 1 116 ? 6.656   5.588   11.701  1.00 38.12 ? 115 TYR A CD1 1 
ATOM   796  C CD2 . TYR A 1 116 ? 6.538   5.183   14.025  1.00 38.30 ? 115 TYR A CD2 1 
ATOM   797  C CE1 . TYR A 1 116 ? 5.437   4.965   11.509  1.00 38.01 ? 115 TYR A CE1 1 
ATOM   798  C CE2 . TYR A 1 116 ? 5.291   4.573   13.869  1.00 38.98 ? 115 TYR A CE2 1 
ATOM   799  C CZ  . TYR A 1 116 ? 4.741   4.488   12.608  1.00 38.90 ? 115 TYR A CZ  1 
ATOM   800  O OH  . TYR A 1 116 ? 3.500   3.909   12.399  1.00 38.07 ? 115 TYR A OH  1 
ATOM   801  N N   . GLN A 1 117 ? 11.669  6.585   13.682  1.00 34.68 ? 116 GLN A N   1 
ATOM   802  C CA  . GLN A 1 117 ? 12.843  7.440   13.898  1.00 34.21 ? 116 GLN A CA  1 
ATOM   803  C C   . GLN A 1 117 ? 13.995  7.062   12.974  1.00 30.46 ? 116 GLN A C   1 
ATOM   804  O O   . GLN A 1 117 ? 14.604  7.954   12.384  1.00 30.98 ? 116 GLN A O   1 
ATOM   805  C CB  . GLN A 1 117 ? 13.302  7.382   15.370  1.00 36.15 ? 116 GLN A CB  1 
ATOM   806  C CG  . GLN A 1 117 ? 14.502  8.295   15.607  1.00 39.02 ? 116 GLN A CG  1 
ATOM   807  C CD  . GLN A 1 117 ? 14.098  9.748   15.606  1.00 42.21 ? 116 GLN A CD  1 
ATOM   808  O OE1 . GLN A 1 117 ? 14.402  10.501  14.691  1.00 44.38 ? 116 GLN A OE1 1 
ATOM   809  N NE2 . GLN A 1 117 ? 13.388  10.169  16.647  1.00 44.87 ? 116 GLN A NE2 1 
ATOM   810  N N   . GLN A 1 118 ? 14.278  5.786   12.802  1.00 28.10 ? 117 GLN A N   1 
ATOM   811  C CA  . GLN A 1 118 ? 15.310  5.412   11.818  1.00 30.08 ? 117 GLN A CA  1 
ATOM   812  C C   . GLN A 1 118 ? 14.989  5.916   10.432  1.00 31.18 ? 117 GLN A C   1 
ATOM   813  O O   . GLN A 1 118 ? 15.853  6.384   9.684   1.00 28.35 ? 117 GLN A O   1 
ATOM   814  C CB  . GLN A 1 118 ? 15.417  3.868   11.773  1.00 30.05 ? 117 GLN A CB  1 
ATOM   815  C CG  . GLN A 1 118 ? 16.149  3.421   13.044  1.00 30.11 ? 117 GLN A CG  1 
ATOM   816  C CD  . GLN A 1 118 ? 16.046  1.937   13.175  1.00 31.90 ? 117 GLN A CD  1 
ATOM   817  O OE1 . GLN A 1 118 ? 15.209  1.307   12.501  1.00 34.99 ? 117 GLN A OE1 1 
ATOM   818  N NE2 . GLN A 1 118 ? 16.866  1.361   14.025  1.00 32.82 ? 117 GLN A NE2 1 
ATOM   819  N N   . LEU A 1 119 ? 13.700  5.735   10.016  1.00 32.01 ? 118 LEU A N   1 
ATOM   820  C CA  . LEU A 1 119 ? 13.252  6.241   8.731   1.00 32.85 ? 118 LEU A CA  1 
ATOM   821  C C   . LEU A 1 119 ? 13.419  7.755   8.669   1.00 32.72 ? 118 LEU A C   1 
ATOM   822  O O   . LEU A 1 119 ? 13.689  8.353   7.612   1.00 31.80 ? 118 LEU A O   1 
ATOM   823  C CB  . LEU A 1 119 ? 11.772  5.911   8.536   1.00 35.95 ? 118 LEU A CB  1 
ATOM   824  C CG  . LEU A 1 119 ? 11.088  5.556   7.253   1.00 39.78 ? 118 LEU A CG  1 
ATOM   825  C CD1 . LEU A 1 119 ? 9.672   6.162   7.152   1.00 40.77 ? 118 LEU A CD1 1 
ATOM   826  C CD2 . LEU A 1 119 ? 11.851  5.863   5.985   1.00 39.27 ? 118 LEU A CD2 1 
ATOM   827  N N   . ALA A 1 120 ? 13.069  8.467   9.756   1.00 33.57 ? 119 ALA A N   1 
ATOM   828  C CA  . ALA A 1 120 ? 13.217  9.927   9.732   1.00 35.17 ? 119 ALA A CA  1 
ATOM   829  C C   . ALA A 1 120 ? 14.721  10.256  9.640   1.00 37.60 ? 119 ALA A C   1 
ATOM   830  O O   . ALA A 1 120 ? 15.105  11.177  8.899   1.00 37.03 ? 119 ALA A O   1 
ATOM   831  C CB  . ALA A 1 120 ? 12.632  10.570  10.991  1.00 35.29 ? 119 ALA A CB  1 
ATOM   832  N N   . ASN A 1 121 ? 15.538  9.492   10.364  1.00 38.57 ? 120 ASN A N   1 
ATOM   833  C CA  . ASN A 1 121 ? 16.988  9.678   10.332  1.00 43.09 ? 120 ASN A CA  1 
ATOM   834  C C   . ASN A 1 121 ? 17.538  9.403   8.935   1.00 44.78 ? 120 ASN A C   1 
ATOM   835  O O   . ASN A 1 121 ? 18.248  10.256  8.395   1.00 46.76 ? 120 ASN A O   1 
ATOM   836  C CB  . ASN A 1 121 ? 17.698  8.810   11.367  1.00 43.37 ? 120 ASN A CB  1 
ATOM   837  C CG  . ASN A 1 121 ? 17.629  9.314   12.791  1.00 44.18 ? 120 ASN A CG  1 
ATOM   838  O OD1 . ASN A 1 121 ? 17.766  8.531   13.741  1.00 43.93 ? 120 ASN A OD1 1 
ATOM   839  N ND2 . ASN A 1 121 ? 17.353  10.603  12.989  1.00 44.19 ? 120 ASN A ND2 1 
ATOM   840  N N   . ALA A 1 122 ? 17.133  8.289   8.308   1.00 45.42 ? 121 ALA A N   1 
ATOM   841  C CA  . ALA A 1 122 ? 17.581  7.985   6.958   1.00 46.05 ? 121 ALA A CA  1 
ATOM   842  C C   . ALA A 1 122 ? 17.230  9.026   5.914   1.00 46.19 ? 121 ALA A C   1 
ATOM   843  O O   . ALA A 1 122 ? 18.013  9.154   4.948   1.00 45.71 ? 121 ALA A O   1 
ATOM   844  C CB  . ALA A 1 122 ? 17.082  6.628   6.489   1.00 46.26 ? 121 ALA A CB  1 
ATOM   845  N N   . ILE A 1 123 ? 16.134  9.763   6.009   1.00 46.60 ? 122 ILE A N   1 
ATOM   846  C CA  . ILE A 1 123 ? 15.825  10.718  4.942   1.00 48.47 ? 122 ILE A CA  1 
ATOM   847  C C   . ILE A 1 123 ? 16.350  12.115  5.209   1.00 49.37 ? 122 ILE A C   1 
ATOM   848  O O   . ILE A 1 123 ? 16.114  13.026  4.409   1.00 50.00 ? 122 ILE A O   1 
ATOM   849  C CB  . ILE A 1 123 ? 14.324  10.796  4.588   1.00 49.10 ? 122 ILE A CB  1 
ATOM   850  C CG1 . ILE A 1 123 ? 13.503  11.202  5.806   1.00 49.23 ? 122 ILE A CG1 1 
ATOM   851  C CG2 . ILE A 1 123 ? 13.915  9.473   3.960   1.00 47.90 ? 122 ILE A CG2 1 
ATOM   852  C CD1 . ILE A 1 123 ? 12.006  11.274  5.583   1.00 48.42 ? 122 ILE A CD1 1 
ATOM   853  N N   . GLY A 1 124 ? 17.072  12.297  6.305   1.00 51.22 ? 123 GLY A N   1 
ATOM   854  C CA  . GLY A 1 124 ? 17.696  13.559  6.623   1.00 54.78 ? 123 GLY A CA  1 
ATOM   855  C C   . GLY A 1 124 ? 16.923  14.471  7.537   1.00 56.56 ? 123 GLY A C   1 
ATOM   856  O O   . GLY A 1 124 ? 17.304  15.633  7.705   1.00 58.74 ? 123 GLY A O   1 
ATOM   857  N N   . LYS A 1 125 ? 15.844  14.014  8.171   1.00 57.56 ? 124 LYS A N   1 
ATOM   858  C CA  . LYS A 1 125 ? 15.072  14.846  9.089   1.00 56.38 ? 124 LYS A CA  1 
ATOM   859  C C   . LYS A 1 125 ? 14.740  14.062  10.353  1.00 55.57 ? 124 LYS A C   1 
ATOM   860  O O   . LYS A 1 125 ? 13.646  13.549  10.586  1.00 53.80 ? 124 LYS A O   1 
ATOM   861  C CB  . LYS A 1 125 ? 13.791  15.387  8.485   1.00 57.50 ? 124 LYS A CB  1 
ATOM   862  C CG  . LYS A 1 125 ? 13.333  14.896  7.139   1.00 58.64 ? 124 LYS A CG  1 
ATOM   863  C CD  . LYS A 1 125 ? 13.790  15.794  6.008   1.00 59.23 ? 124 LYS A CD  1 
ATOM   864  C CE  . LYS A 1 125 ? 12.639  16.584  5.414   1.00 59.89 ? 124 LYS A CE  1 
ATOM   865  N NZ  . LYS A 1 125 ? 13.126  17.739  4.598   1.00 60.30 ? 124 LYS A NZ  1 
ATOM   866  N N   . PRO A 1 126 ? 15.728  13.982  11.239  1.00 55.26 ? 125 PRO A N   1 
ATOM   867  C CA  . PRO A 1 126 ? 15.672  13.274  12.505  1.00 53.69 ? 125 PRO A CA  1 
ATOM   868  C C   . PRO A 1 126 ? 14.485  13.699  13.354  1.00 52.31 ? 125 PRO A C   1 
ATOM   869  O O   . PRO A 1 126 ? 13.854  12.949  14.080  1.00 51.17 ? 125 PRO A O   1 
ATOM   870  C CB  . PRO A 1 126 ? 16.981  13.613  13.252  1.00 54.80 ? 125 PRO A CB  1 
ATOM   871  C CG  . PRO A 1 126 ? 17.901  13.985  12.121  1.00 55.07 ? 125 PRO A CG  1 
ATOM   872  C CD  . PRO A 1 126 ? 17.066  14.564  11.009  1.00 55.28 ? 125 PRO A CD  1 
ATOM   873  N N   . LYS A 1 127 ? 14.208  14.976  13.301  1.00 50.46 ? 126 LYS A N   1 
ATOM   874  C CA  . LYS A 1 127 ? 13.177  15.740  13.913  1.00 51.38 ? 126 LYS A CA  1 
ATOM   875  C C   . LYS A 1 127 ? 11.751  15.428  13.479  1.00 49.02 ? 126 LYS A C   1 
ATOM   876  O O   . LYS A 1 127 ? 10.819  15.649  14.247  1.00 47.57 ? 126 LYS A O   1 
ATOM   877  C CB  . LYS A 1 127 ? 13.448  17.212  13.430  1.00 53.65 ? 126 LYS A CB  1 
ATOM   878  C CG  . LYS A 1 127 ? 14.162  17.217  12.070  1.00 54.08 ? 126 LYS A CG  1 
ATOM   879  C CD  . LYS A 1 127 ? 13.443  18.061  11.042  1.00 56.53 ? 126 LYS A CD  1 
ATOM   880  C CE  . LYS A 1 127 ? 14.370  18.472  9.907   1.00 56.79 ? 126 LYS A CE  1 
ATOM   881  N NZ  . LYS A 1 127 ? 14.197  19.900  9.536   1.00 57.95 ? 126 LYS A NZ  1 
ATOM   882  N N   . ALA A 1 128 ? 11.534  15.009  12.228  1.00 48.15 ? 127 ALA A N   1 
ATOM   883  C CA  . ALA A 1 128 ? 10.163  14.878  11.723  1.00 45.88 ? 127 ALA A CA  1 
ATOM   884  C C   . ALA A 1 128 ? 9.515   13.528  11.901  1.00 45.97 ? 127 ALA A C   1 
ATOM   885  O O   . ALA A 1 128 ? 8.751   13.100  11.017  1.00 46.98 ? 127 ALA A O   1 
ATOM   886  C CB  . ALA A 1 128 ? 10.237  15.349  10.276  1.00 46.64 ? 127 ALA A CB  1 
ATOM   887  N N   . VAL A 1 129 ? 9.694   12.851  13.028  1.00 44.48 ? 128 VAL A N   1 
ATOM   888  C CA  . VAL A 1 129 ? 9.133   11.549  13.314  1.00 44.98 ? 128 VAL A CA  1 
ATOM   889  C C   . VAL A 1 129 ? 7.608   11.521  13.171  1.00 45.43 ? 128 VAL A C   1 
ATOM   890  O O   . VAL A 1 129 ? 7.060   10.587  12.587  1.00 42.67 ? 128 VAL A O   1 
ATOM   891  C CB  . VAL A 1 129 ? 9.495   11.024  14.718  1.00 45.78 ? 128 VAL A CB  1 
ATOM   892  C CG1 . VAL A 1 129 ? 8.847   9.680   15.014  1.00 46.35 ? 128 VAL A CG1 1 
ATOM   893  C CG2 . VAL A 1 129 ? 10.996  10.857  14.874  1.00 46.79 ? 128 VAL A CG2 1 
ATOM   894  N N   . ARG A 1 130 ? 6.908   12.515  13.709  1.00 45.31 ? 129 ARG A N   1 
ATOM   895  C CA  . ARG A 1 130 ? 5.459   12.564  13.616  1.00 46.00 ? 129 ARG A CA  1 
ATOM   896  C C   . ARG A 1 130 ? 4.956   12.578  12.169  1.00 43.70 ? 129 ARG A C   1 
ATOM   897  O O   . ARG A 1 130 ? 4.054   11.820  11.821  1.00 42.05 ? 129 ARG A O   1 
ATOM   898  C CB  . ARG A 1 130 ? 4.900   13.784  14.360  1.00 48.55 ? 129 ARG A CB  1 
ATOM   899  C CG  . ARG A 1 130 ? 3.384   13.744  14.486  1.00 52.16 ? 129 ARG A CG  1 
ATOM   900  C CD  . ARG A 1 130 ? 3.006   12.732  15.550  1.00 56.18 ? 129 ARG A CD  1 
ATOM   901  N NE  . ARG A 1 130 ? 2.715   11.388  15.019  1.00 58.52 ? 129 ARG A NE  1 
ATOM   902  C CZ  . ARG A 1 130 ? 2.324   10.455  15.882  1.00 60.77 ? 129 ARG A CZ  1 
ATOM   903  N NH1 . ARG A 1 130 ? 2.186   10.682  17.178  1.00 63.10 ? 129 ARG A NH1 1 
ATOM   904  N NH2 . ARG A 1 130 ? 2.070   9.249   15.386  1.00 61.97 ? 129 ARG A NH2 1 
ATOM   905  N N   . ALA A 1 131 ? 5.469   13.467  11.349  1.00 42.66 ? 130 ALA A N   1 
ATOM   906  C CA  . ALA A 1 131 ? 5.115   13.610  9.952   1.00 41.88 ? 130 ALA A CA  1 
ATOM   907  C C   . ALA A 1 131 ? 5.495   12.348  9.166   1.00 41.48 ? 130 ALA A C   1 
ATOM   908  O O   . ALA A 1 131 ? 4.737   12.014  8.255   1.00 40.47 ? 130 ALA A O   1 
ATOM   909  C CB  . ALA A 1 131 ? 5.762   14.827  9.319   1.00 41.58 ? 130 ALA A CB  1 
ATOM   910  N N   . VAL A 1 132 ? 6.599   11.673  9.515   1.00 40.44 ? 131 VAL A N   1 
ATOM   911  C CA  . VAL A 1 132 ? 6.929   10.451  8.822   1.00 40.40 ? 131 VAL A CA  1 
ATOM   912  C C   . VAL A 1 132 ? 5.847   9.414   9.137   1.00 39.10 ? 131 VAL A C   1 
ATOM   913  O O   . VAL A 1 132 ? 5.357   8.744   8.227   1.00 37.27 ? 131 VAL A O   1 
ATOM   914  C CB  . VAL A 1 132 ? 8.330   9.835   8.922   1.00 41.19 ? 131 VAL A CB  1 
ATOM   915  C CG1 . VAL A 1 132 ? 9.428   10.898  8.986   1.00 41.88 ? 131 VAL A CG1 1 
ATOM   916  C CG2 . VAL A 1 132 ? 8.506   8.807   10.000  1.00 40.29 ? 131 VAL A CG2 1 
ATOM   917  N N   . ALA A 1 133 ? 5.478   9.300   10.394  1.00 37.33 ? 132 ALA A N   1 
ATOM   918  C CA  . ALA A 1 133 ? 4.420   8.426   10.877  1.00 36.27 ? 132 ALA A CA  1 
ATOM   919  C C   . ALA A 1 133 ? 3.112   8.583   10.128  1.00 35.11 ? 132 ALA A C   1 
ATOM   920  O O   . ALA A 1 133 ? 2.459   7.621   9.728   1.00 36.57 ? 132 ALA A O   1 
ATOM   921  C CB  . ALA A 1 133 ? 4.127   8.884   12.326  1.00 35.36 ? 132 ALA A CB  1 
ATOM   922  N N   . SER A 1 134 ? 2.698   9.831   9.925   1.00 35.02 ? 133 SER A N   1 
ATOM   923  C CA  . SER A 1 134 ? 1.542   10.211  9.182   1.00 35.57 ? 133 SER A CA  1 
ATOM   924  C C   . SER A 1 134 ? 1.702   9.865   7.690   1.00 34.85 ? 133 SER A C   1 
ATOM   925  O O   . SER A 1 134 ? 0.694   9.662   7.023   1.00 34.25 ? 133 SER A O   1 
ATOM   926  C CB  . SER A 1 134 ? 1.356   11.755  9.159   1.00 36.46 ? 133 SER A CB  1 
ATOM   927  O OG  . SER A 1 134 ? 1.272   12.196  10.488  1.00 41.41 ? 133 SER A OG  1 
ATOM   928  N N   . ALA A 1 135 ? 2.922   9.980   7.159   1.00 32.54 ? 134 ALA A N   1 
ATOM   929  C CA  . ALA A 1 135 ? 3.116   9.713   5.731   1.00 30.19 ? 134 ALA A CA  1 
ATOM   930  C C   . ALA A 1 135 ? 2.863   8.242   5.528   1.00 28.40 ? 134 ALA A C   1 
ATOM   931  O O   . ALA A 1 135 ? 2.225   7.815   4.556   1.00 31.01 ? 134 ALA A O   1 
ATOM   932  C CB  . ALA A 1 135 ? 4.491   10.161  5.238   1.00 29.74 ? 134 ALA A CB  1 
ATOM   933  N N   . CYS A 1 136 ? 3.327   7.408   6.439   1.00 27.58 ? 135 CYS A N   1 
ATOM   934  C CA  . CYS A 1 136 ? 3.100   5.978   6.298   1.00 29.09 ? 135 CYS A CA  1 
ATOM   935  C C   . CYS A 1 136 ? 1.632   5.598   6.358   1.00 31.24 ? 135 CYS A C   1 
ATOM   936  O O   . CYS A 1 136 ? 1.147   4.748   5.594   1.00 31.64 ? 135 CYS A O   1 
ATOM   937  C CB  . CYS A 1 136 ? 3.924   5.253   7.373   1.00 29.14 ? 135 CYS A CB  1 
ATOM   938  S SG  . CYS A 1 136 ? 5.710   5.531   7.177   1.00 32.78 ? 135 CYS A SG  1 
ATOM   939  N N   . ALA A 1 137 ? 0.851   6.232   7.241   1.00 30.47 ? 136 ALA A N   1 
ATOM   940  C CA  . ALA A 1 137 ? -0.571  5.874   7.351   1.00 33.64 ? 136 ALA A CA  1 
ATOM   941  C C   . ALA A 1 137 ? -1.418  6.465   6.218   1.00 32.44 ? 136 ALA A C   1 
ATOM   942  O O   . ALA A 1 137 ? -2.550  6.053   6.111   1.00 33.03 ? 136 ALA A O   1 
ATOM   943  C CB  . ALA A 1 137 ? -1.100  6.233   8.737   1.00 32.20 ? 136 ALA A CB  1 
ATOM   944  N N   . ALA A 1 138 ? -0.908  7.381   5.423   1.00 30.54 ? 137 ALA A N   1 
ATOM   945  C CA  . ALA A 1 138 ? -1.533  7.952   4.274   1.00 33.01 ? 137 ALA A CA  1 
ATOM   946  C C   . ALA A 1 138 ? -1.190  7.213   2.963   1.00 31.36 ? 137 ALA A C   1 
ATOM   947  O O   . ALA A 1 138 ? -1.451  7.754   1.896   1.00 32.48 ? 137 ALA A O   1 
ATOM   948  C CB  . ALA A 1 138 ? -0.996  9.394   4.111   1.00 31.36 ? 137 ALA A CB  1 
ATOM   949  N N   . ASN A 1 139 ? -0.437  6.115   3.000   1.00 32.00 ? 138 ASN A N   1 
ATOM   950  C CA  . ASN A 1 139 ? -0.073  5.368   1.803   1.00 30.78 ? 138 ASN A CA  1 
ATOM   951  C C   . ASN A 1 139 ? -1.363  4.824   1.158   1.00 31.59 ? 138 ASN A C   1 
ATOM   952  O O   . ASN A 1 139 ? -2.172  4.243   1.894   1.00 29.46 ? 138 ASN A O   1 
ATOM   953  C CB  . ASN A 1 139 ? 0.767   4.141   2.193   1.00 28.58 ? 138 ASN A CB  1 
ATOM   954  C CG  . ASN A 1 139 ? 1.202   3.315   0.972   1.00 24.97 ? 138 ASN A CG  1 
ATOM   955  O OD1 . ASN A 1 139 ? 1.371   3.867   -0.114  1.00 25.19 ? 138 ASN A OD1 1 
ATOM   956  N ND2 . ASN A 1 139 ? 1.352   2.018   1.173   1.00 19.82 ? 138 ASN A ND2 1 
ATOM   957  N N   . LYS A 1 140 ? -1.513  4.920   -0.152  1.00 33.51 ? 139 LYS A N   1 
ATOM   958  C CA  . LYS A 1 140 ? -2.676  4.400   -0.854  1.00 34.30 ? 139 LYS A CA  1 
ATOM   959  C C   . LYS A 1 140 ? -2.400  3.141   -1.681  1.00 33.82 ? 139 LYS A C   1 
ATOM   960  O O   . LYS A 1 140 ? -3.309  2.695   -2.403  1.00 33.82 ? 139 LYS A O   1 
ATOM   961  C CB  . LYS A 1 140 ? -3.111  5.388   -1.962  1.00 36.74 ? 139 LYS A CB  1 
ATOM   962  C CG  . LYS A 1 140 ? -3.399  6.794   -1.532  1.00 38.33 ? 139 LYS A CG  1 
ATOM   963  C CD  . LYS A 1 140 ? -3.356  7.711   -2.750  1.00 41.29 ? 139 LYS A CD  1 
ATOM   964  C CE  . LYS A 1 140 ? -3.565  9.157   -2.262  1.00 43.89 ? 139 LYS A CE  1 
ATOM   965  N NZ  . LYS A 1 140 ? -2.252  9.877   -2.434  1.00 45.33 ? 139 LYS A NZ  1 
ATOM   966  N N   . LEU A 1 141 ? -1.204  2.608   -1.610  1.00 32.08 ? 140 LEU A N   1 
ATOM   967  C CA  . LEU A 1 141 ? -0.732  1.481   -2.359  1.00 31.76 ? 140 LEU A CA  1 
ATOM   968  C C   . LEU A 1 141 ? -0.181  0.381   -1.459  1.00 32.07 ? 140 LEU A C   1 
ATOM   969  O O   . LEU A 1 141 ? 1.025   0.162   -1.233  1.00 29.64 ? 140 LEU A O   1 
ATOM   970  C CB  . LEU A 1 141 ? 0.365   1.932   -3.333  1.00 30.31 ? 140 LEU A CB  1 
ATOM   971  C CG  . LEU A 1 141 ? -0.060  2.873   -4.467  1.00 32.49 ? 140 LEU A CG  1 
ATOM   972  C CD1 . LEU A 1 141 ? 1.149   3.306   -5.296  1.00 32.06 ? 140 LEU A CD1 1 
ATOM   973  C CD2 . LEU A 1 141 ? -1.043  2.131   -5.371  1.00 31.57 ? 140 LEU A CD2 1 
ATOM   974  N N   . ALA A 1 142 ? -1.157  -0.311  -0.890  1.00 30.66 ? 141 ALA A N   1 
ATOM   975  C CA  . ALA A 1 142 ? -0.855  -1.330  0.104   1.00 30.48 ? 141 ALA A CA  1 
ATOM   976  C C   . ALA A 1 142 ? 0.170   -2.297  -0.457  1.00 31.53 ? 141 ALA A C   1 
ATOM   977  O O   . ALA A 1 142 ? 0.033   -2.786  -1.595  1.00 28.55 ? 141 ALA A O   1 
ATOM   978  C CB  . ALA A 1 142 ? -2.100  -2.097  0.545   1.00 26.44 ? 141 ALA A CB  1 
ATOM   979  N N   . ILE A 1 143 ? 1.082   -2.720  0.415   1.00 31.91 ? 142 ILE A N   1 
ATOM   980  C CA  . ILE A 1 143 ? 2.035   -3.770  0.073   1.00 34.60 ? 142 ILE A CA  1 
ATOM   981  C C   . ILE A 1 143 ? 3.097   -3.391  -0.962  1.00 34.94 ? 142 ILE A C   1 
ATOM   982  O O   . ILE A 1 143 ? 4.262   -3.524  -0.621  1.00 33.45 ? 142 ILE A O   1 
ATOM   983  C CB  . ILE A 1 143 ? 1.349   -5.065  -0.383  1.00 36.35 ? 142 ILE A CB  1 
ATOM   984  C CG1 . ILE A 1 143 ? 0.400   -5.593  0.710   1.00 37.28 ? 142 ILE A CG1 1 
ATOM   985  C CG2 . ILE A 1 143 ? 2.413   -6.099  -0.745  1.00 34.37 ? 142 ILE A CG2 1 
ATOM   986  C CD1 . ILE A 1 143 ? -0.099  -6.995  0.469   1.00 37.67 ? 142 ILE A CD1 1 
ATOM   987  N N   . VAL A 1 144 ? 2.796   -2.836  -2.104  1.00 35.95 ? 143 VAL A N   1 
ATOM   988  C CA  . VAL A 1 144 ? 3.677   -2.390  -3.158  1.00 39.22 ? 143 VAL A CA  1 
ATOM   989  C C   . VAL A 1 144 ? 4.629   -1.325  -2.636  1.00 38.43 ? 143 VAL A C   1 
ATOM   990  O O   . VAL A 1 144 ? 5.793   -1.163  -2.954  1.00 37.90 ? 143 VAL A O   1 
ATOM   991  C CB  . VAL A 1 144 ? 2.815   -1.916  -4.353  1.00 39.63 ? 143 VAL A CB  1 
ATOM   992  C CG1 . VAL A 1 144 ? 3.647   -1.198  -5.381  1.00 41.37 ? 143 VAL A CG1 1 
ATOM   993  C CG2 . VAL A 1 144 ? 2.158   -3.171  -4.933  1.00 40.27 ? 143 VAL A CG2 1 
ATOM   994  N N   . ILE A 1 145 ? 4.096   -0.488  -1.761  1.00 37.55 ? 144 ILE A N   1 
ATOM   995  C CA  . ILE A 1 145 ? 4.811   0.552   -1.040  1.00 33.40 ? 144 ILE A CA  1 
ATOM   996  C C   . ILE A 1 145 ? 4.730   -0.031  0.347   1.00 32.63 ? 144 ILE A C   1 
ATOM   997  O O   . ILE A 1 145 ? 3.611   -0.208  0.859   1.00 32.19 ? 144 ILE A O   1 
ATOM   998  C CB  . ILE A 1 145 ? 4.199   1.937   -1.122  1.00 33.44 ? 144 ILE A CB  1 
ATOM   999  C CG1 . ILE A 1 145 ? 4.410   2.439   -2.541  1.00 32.71 ? 144 ILE A CG1 1 
ATOM   1000 C CG2 . ILE A 1 145 ? 4.845   2.812   -0.025  1.00 31.48 ? 144 ILE A CG2 1 
ATOM   1001 C CD1 . ILE A 1 145 ? 4.000   3.848   -2.885  1.00 33.08 ? 144 ILE A CD1 1 
ATOM   1002 N N   . PRO A 1 146 ? 5.816   -0.610  0.832   1.00 32.13 ? 145 PRO A N   1 
ATOM   1003 C CA  . PRO A 1 146 ? 5.786   -1.530  1.953   1.00 30.60 ? 145 PRO A CA  1 
ATOM   1004 C C   . PRO A 1 146 ? 5.709   -0.836  3.301   1.00 30.57 ? 145 PRO A C   1 
ATOM   1005 O O   . PRO A 1 146 ? 6.480   -1.163  4.222   1.00 28.78 ? 145 PRO A O   1 
ATOM   1006 C CB  . PRO A 1 146 ? 6.987   -2.470  1.826   1.00 31.79 ? 145 PRO A CB  1 
ATOM   1007 C CG  . PRO A 1 146 ? 7.851   -1.779  0.797   1.00 31.90 ? 145 PRO A CG  1 
ATOM   1008 C CD  . PRO A 1 146 ? 7.130   -0.607  0.170   1.00 32.64 ? 145 PRO A CD  1 
ATOM   1009 N N   . CYS A 1 147 ? 4.603   -0.092  3.512   1.00 28.32 ? 146 CYS A N   1 
ATOM   1010 C CA  . CYS A 1 147 ? 4.388   0.611   4.768   1.00 27.76 ? 146 CYS A CA  1 
ATOM   1011 C C   . CYS A 1 147 ? 4.145   -0.264  5.968   1.00 28.43 ? 146 CYS A C   1 
ATOM   1012 O O   . CYS A 1 147 ? 4.209   0.184   7.139   1.00 33.65 ? 146 CYS A O   1 
ATOM   1013 C CB  . CYS A 1 147 ? 3.234   1.618   4.614   1.00 30.12 ? 146 CYS A CB  1 
ATOM   1014 S SG  . CYS A 1 147 ? 1.635   0.809   4.401   1.00 29.22 ? 146 CYS A SG  1 
ATOM   1015 N N   . HIS A 1 148 ? 3.989   -1.561  5.827   1.00 27.33 ? 147 HIS A N   1 
ATOM   1016 C CA  . HIS A 1 148 ? 3.864   -2.517  6.876   1.00 29.51 ? 147 HIS A CA  1 
ATOM   1017 C C   . HIS A 1 148 ? 5.228   -2.725  7.555   1.00 32.39 ? 147 HIS A C   1 
ATOM   1018 O O   . HIS A 1 148 ? 5.242   -3.233  8.704   1.00 31.78 ? 147 HIS A O   1 
ATOM   1019 C CB  . HIS A 1 148 ? 3.272   -3.813  6.340   1.00 28.22 ? 147 HIS A CB  1 
ATOM   1020 C CG  . HIS A 1 148 ? 3.946   -4.327  5.118   1.00 28.49 ? 147 HIS A CG  1 
ATOM   1021 N ND1 . HIS A 1 148 ? 3.870   -3.736  3.874   1.00 28.17 ? 147 HIS A ND1 1 
ATOM   1022 C CD2 . HIS A 1 148 ? 4.750   -5.418  4.999   1.00 26.33 ? 147 HIS A CD2 1 
ATOM   1023 C CE1 . HIS A 1 148 ? 4.540   -4.496  3.022   1.00 27.65 ? 147 HIS A CE1 1 
ATOM   1024 N NE2 . HIS A 1 148 ? 5.111   -5.494  3.686   1.00 29.35 ? 147 HIS A NE2 1 
ATOM   1025 N N   . ARG A 1 149 ? 6.297   -2.317  6.861   1.00 31.79 ? 148 ARG A N   1 
ATOM   1026 C CA  . ARG A 1 149 ? 7.654   -2.548  7.340   1.00 33.69 ? 148 ARG A CA  1 
ATOM   1027 C C   . ARG A 1 149 ? 8.145   -1.527  8.355   1.00 35.58 ? 148 ARG A C   1 
ATOM   1028 O O   . ARG A 1 149 ? 9.175   -1.785  9.021   1.00 34.24 ? 148 ARG A O   1 
ATOM   1029 C CB  . ARG A 1 149 ? 8.657   -2.692  6.155   1.00 32.54 ? 148 ARG A CB  1 
ATOM   1030 C CG  . ARG A 1 149 ? 8.412   -3.967  5.379   1.00 30.33 ? 148 ARG A CG  1 
ATOM   1031 C CD  . ARG A 1 149 ? 9.359   -4.219  4.210   1.00 30.34 ? 148 ARG A CD  1 
ATOM   1032 N NE  . ARG A 1 149 ? 8.852   -5.301  3.371   1.00 29.91 ? 148 ARG A NE  1 
ATOM   1033 C CZ  . ARG A 1 149 ? 9.050   -5.495  2.066   1.00 31.66 ? 148 ARG A CZ  1 
ATOM   1034 N NH1 . ARG A 1 149 ? 9.779   -4.655  1.348   1.00 30.41 ? 148 ARG A NH1 1 
ATOM   1035 N NH2 . ARG A 1 149 ? 8.439   -6.536  1.480   1.00 31.09 ? 148 ARG A NH2 1 
ATOM   1036 N N   . VAL A 1 150 ? 7.453   -0.386  8.481   1.00 35.55 ? 149 VAL A N   1 
ATOM   1037 C CA  . VAL A 1 150 ? 7.818   0.588   9.492   1.00 37.48 ? 149 VAL A CA  1 
ATOM   1038 C C   . VAL A 1 150 ? 7.012   0.341   10.772  1.00 38.35 ? 149 VAL A C   1 
ATOM   1039 O O   . VAL A 1 150 ? 5.807   0.044   10.729  1.00 33.12 ? 149 VAL A O   1 
ATOM   1040 C CB  . VAL A 1 150 ? 7.560   2.035   9.067   1.00 38.51 ? 149 VAL A CB  1 
ATOM   1041 C CG1 . VAL A 1 150 ? 8.218   3.034   9.997   1.00 40.20 ? 149 VAL A CG1 1 
ATOM   1042 C CG2 . VAL A 1 150 ? 8.076   2.197   7.665   1.00 41.23 ? 149 VAL A CG2 1 
ATOM   1043 N N   . VAL A 1 151 ? 7.722   0.448   11.897  1.00 38.27 ? 150 VAL A N   1 
ATOM   1044 C CA  . VAL A 1 151 ? 7.101   0.175   13.188  1.00 40.55 ? 150 VAL A CA  1 
ATOM   1045 C C   . VAL A 1 151 ? 7.358   1.305   14.173  1.00 42.04 ? 150 VAL A C   1 
ATOM   1046 O O   . VAL A 1 151 ? 8.356   2.007   14.023  1.00 40.24 ? 150 VAL A O   1 
ATOM   1047 C CB  . VAL A 1 151 ? 7.697   -1.093  13.848  1.00 41.24 ? 150 VAL A CB  1 
ATOM   1048 C CG1 . VAL A 1 151 ? 7.356   -2.341  13.046  1.00 41.54 ? 150 VAL A CG1 1 
ATOM   1049 C CG2 . VAL A 1 151 ? 9.231   -0.985  13.986  1.00 40.90 ? 150 VAL A CG2 1 
ATOM   1050 N N   . ARG A 1 152 ? 6.470   1.465   15.172  1.00 44.01 ? 151 ARG A N   1 
ATOM   1051 C CA  . ARG A 1 152 ? 6.800   2.497   16.176  1.00 47.19 ? 151 ARG A CA  1 
ATOM   1052 C C   . ARG A 1 152 ? 7.935   1.773   16.907  1.00 46.55 ? 151 ARG A C   1 
ATOM   1053 O O   . ARG A 1 152 ? 7.949   0.528   16.803  1.00 47.00 ? 151 ARG A O   1 
ATOM   1054 C CB  . ARG A 1 152 ? 5.661   2.889   17.090  1.00 49.35 ? 151 ARG A CB  1 
ATOM   1055 C CG  . ARG A 1 152 ? 4.920   1.770   17.758  1.00 52.73 ? 151 ARG A CG  1 
ATOM   1056 C CD  . ARG A 1 152 ? 3.569   2.184   18.312  1.00 55.86 ? 151 ARG A CD  1 
ATOM   1057 N NE  . ARG A 1 152 ? 3.399   3.570   18.712  1.00 57.98 ? 151 ARG A NE  1 
ATOM   1058 C CZ  . ARG A 1 152 ? 3.367   4.013   19.963  1.00 59.74 ? 151 ARG A CZ  1 
ATOM   1059 N NH1 . ARG A 1 152 ? 3.515   3.167   20.982  1.00 60.45 ? 151 ARG A NH1 1 
ATOM   1060 N NH2 . ARG A 1 152 ? 3.207   5.303   20.237  1.00 60.31 ? 151 ARG A NH2 1 
ATOM   1061 N N   . GLY A 1 153 ? 8.890   2.345   17.577  1.00 47.84 ? 152 GLY A N   1 
ATOM   1062 C CA  . GLY A 1 153 ? 9.913   1.472   18.167  1.00 51.15 ? 152 GLY A CA  1 
ATOM   1063 C C   . GLY A 1 153 ? 9.527   0.620   19.352  1.00 53.58 ? 152 GLY A C   1 
ATOM   1064 O O   . GLY A 1 153 ? 10.361  -0.219  19.769  1.00 54.10 ? 152 GLY A O   1 
ATOM   1065 N N   . ASP A 1 154 ? 8.352   0.799   19.967  1.00 52.82 ? 153 ASP A N   1 
ATOM   1066 C CA  . ASP A 1 154 ? 8.017   0.150   21.228  1.00 52.79 ? 153 ASP A CA  1 
ATOM   1067 C C   . ASP A 1 154 ? 7.563   -1.294  21.235  1.00 51.66 ? 153 ASP A C   1 
ATOM   1068 O O   . ASP A 1 154 ? 7.081   -1.713  22.297  1.00 51.91 ? 153 ASP A O   1 
ATOM   1069 C CB  . ASP A 1 154 ? 6.924   0.983   21.928  1.00 54.57 ? 153 ASP A CB  1 
ATOM   1070 C CG  . ASP A 1 154 ? 5.546   0.805   21.335  1.00 56.81 ? 153 ASP A CG  1 
ATOM   1071 O OD1 . ASP A 1 154 ? 5.368   0.239   20.232  1.00 57.47 ? 153 ASP A OD1 1 
ATOM   1072 O OD2 . ASP A 1 154 ? 4.574   1.242   21.998  1.00 59.05 ? 153 ASP A OD2 1 
ATOM   1073 N N   . GLY A 1 155 ? 7.574   -2.054  20.151  1.00 50.16 ? 154 GLY A N   1 
ATOM   1074 C CA  . GLY A 1 155 ? 7.135   -3.445  20.186  1.00 48.53 ? 154 GLY A CA  1 
ATOM   1075 C C   . GLY A 1 155 ? 5.708   -3.649  19.681  1.00 47.08 ? 154 GLY A C   1 
ATOM   1076 O O   . GLY A 1 155 ? 5.288   -4.780  19.428  1.00 45.81 ? 154 GLY A O   1 
ATOM   1077 N N   . SER A 1 156 ? 4.975   -2.553  19.513  1.00 45.72 ? 155 SER A N   1 
ATOM   1078 C CA  . SER A 1 156 ? 3.601   -2.671  19.023  1.00 44.76 ? 155 SER A CA  1 
ATOM   1079 C C   . SER A 1 156 ? 3.517   -2.570  17.498  1.00 44.48 ? 155 SER A C   1 
ATOM   1080 O O   . SER A 1 156 ? 4.409   -2.080  16.777  1.00 43.28 ? 155 SER A O   1 
ATOM   1081 C CB  . SER A 1 156 ? 2.741   -1.671  19.778  1.00 44.63 ? 155 SER A CB  1 
ATOM   1082 O OG  . SER A 1 156 ? 2.586   -0.486  19.029  1.00 47.02 ? 155 SER A OG  1 
ATOM   1083 N N   . LEU A 1 157 ? 2.460   -3.204  16.964  1.00 42.54 ? 156 LEU A N   1 
ATOM   1084 C CA  . LEU A 1 157 ? 2.198   -3.218  15.533  1.00 43.15 ? 156 LEU A CA  1 
ATOM   1085 C C   . LEU A 1 157 ? 1.067   -2.235  15.197  1.00 42.70 ? 156 LEU A C   1 
ATOM   1086 O O   . LEU A 1 157 ? 0.329   -2.471  14.254  1.00 42.25 ? 156 LEU A O   1 
ATOM   1087 C CB  . LEU A 1 157 ? 1.915   -4.584  14.932  1.00 41.48 ? 156 LEU A CB  1 
ATOM   1088 C CG  . LEU A 1 157 ? 3.030   -5.632  15.001  1.00 43.64 ? 156 LEU A CG  1 
ATOM   1089 C CD1 . LEU A 1 157 ? 2.577   -6.994  14.507  1.00 42.47 ? 156 LEU A CD1 1 
ATOM   1090 C CD2 . LEU A 1 157 ? 4.285   -5.198  14.247  1.00 43.13 ? 156 LEU A CD2 1 
ATOM   1091 N N   . SER A 1 158 ? 0.989   -1.129  15.927  1.00 42.66 ? 157 SER A N   1 
ATOM   1092 C CA  . SER A 1 158 ? -0.066  -0.152  15.624  1.00 42.81 ? 157 SER A CA  1 
ATOM   1093 C C   . SER A 1 158 ? 0.370   0.747   14.474  1.00 41.64 ? 157 SER A C   1 
ATOM   1094 O O   . SER A 1 158 ? 1.551   0.716   14.086  1.00 42.21 ? 157 SER A O   1 
ATOM   1095 C CB  . SER A 1 158 ? -0.320  0.708   16.873  1.00 43.24 ? 157 SER A CB  1 
ATOM   1096 O OG  . SER A 1 158 ? 0.956   1.196   17.266  1.00 46.93 ? 157 SER A OG  1 
ATOM   1097 N N   . GLY A 1 159 ? -0.510  1.623   14.010  1.00 38.70 ? 158 GLY A N   1 
ATOM   1098 C CA  . GLY A 1 159 ? -0.155  2.521   12.933  1.00 38.36 ? 158 GLY A CA  1 
ATOM   1099 C C   . GLY A 1 159 ? -0.464  2.041   11.528  1.00 36.59 ? 158 GLY A C   1 
ATOM   1100 O O   . GLY A 1 159 ? -0.473  2.900   10.647  1.00 35.76 ? 158 GLY A O   1 
ATOM   1101 N N   . TYR A 1 160 ? -0.741  0.779   11.239  1.00 35.64 ? 159 TYR A N   1 
ATOM   1102 C CA  . TYR A 1 160 ? -1.092  0.378   9.878   1.00 33.68 ? 159 TYR A CA  1 
ATOM   1103 C C   . TYR A 1 160 ? -2.444  0.938   9.413   1.00 34.77 ? 159 TYR A C   1 
ATOM   1104 O O   . TYR A 1 160 ? -3.468  0.901   10.089  1.00 31.74 ? 159 TYR A O   1 
ATOM   1105 C CB  . TYR A 1 160 ? -1.152  -1.140  9.812   1.00 33.08 ? 159 TYR A CB  1 
ATOM   1106 C CG  . TYR A 1 160 ? -0.989  -1.704  8.412   1.00 33.33 ? 159 TYR A CG  1 
ATOM   1107 C CD1 . TYR A 1 160 ? -0.034  -1.184  7.540   1.00 34.80 ? 159 TYR A CD1 1 
ATOM   1108 C CD2 . TYR A 1 160 ? -1.750  -2.764  7.960   1.00 30.88 ? 159 TYR A CD2 1 
ATOM   1109 C CE1 . TYR A 1 160 ? 0.130   -1.703  6.261   1.00 33.44 ? 159 TYR A CE1 1 
ATOM   1110 C CE2 . TYR A 1 160 ? -1.572  -3.272  6.686   1.00 32.96 ? 159 TYR A CE2 1 
ATOM   1111 C CZ  . TYR A 1 160 ? -0.632  -2.750  5.833   1.00 32.53 ? 159 TYR A CZ  1 
ATOM   1112 O OH  . TYR A 1 160 ? -0.459  -3.257  4.546   1.00 30.88 ? 159 TYR A OH  1 
ATOM   1113 N N   . ARG A 1 161 ? -2.539  1.352   8.169   1.00 35.26 ? 160 ARG A N   1 
ATOM   1114 C CA  . ARG A 1 161 ? -3.727  1.955   7.591   1.00 35.98 ? 160 ARG A CA  1 
ATOM   1115 C C   . ARG A 1 161 ? -4.859  0.920   7.484   1.00 35.62 ? 160 ARG A C   1 
ATOM   1116 O O   . ARG A 1 161 ? -6.012  1.324   7.599   1.00 35.18 ? 160 ARG A O   1 
ATOM   1117 C CB  . ARG A 1 161 ? -3.454  2.539   6.212   1.00 36.03 ? 160 ARG A CB  1 
ATOM   1118 C CG  . ARG A 1 161 ? -4.706  2.793   5.354   1.00 38.50 ? 160 ARG A CG  1 
ATOM   1119 C CD  . ARG A 1 161 ? -4.436  3.943   4.401   1.00 38.79 ? 160 ARG A CD  1 
ATOM   1120 N NE  . ARG A 1 161 ? -5.642  4.408   3.741   1.00 38.80 ? 160 ARG A NE  1 
ATOM   1121 C CZ  . ARG A 1 161 ? -5.649  5.319   2.777   1.00 40.40 ? 160 ARG A CZ  1 
ATOM   1122 N NH1 . ARG A 1 161 ? -4.544  5.858   2.296   1.00 39.77 ? 160 ARG A NH1 1 
ATOM   1123 N NH2 . ARG A 1 161 ? -6.803  5.696   2.252   1.00 42.30 ? 160 ARG A NH2 1 
ATOM   1124 N N   . TRP A 1 162 ? -4.521  -0.340  7.268   1.00 35.17 ? 161 TRP A N   1 
ATOM   1125 C CA  . TRP A 1 162 ? -5.491  -1.389  7.102   1.00 35.98 ? 161 TRP A CA  1 
ATOM   1126 C C   . TRP A 1 162 ? -5.506  -2.393  8.238   1.00 35.44 ? 161 TRP A C   1 
ATOM   1127 O O   . TRP A 1 162 ? -5.898  -3.531  8.016   1.00 32.55 ? 161 TRP A O   1 
ATOM   1128 C CB  . TRP A 1 162 ? -5.260  -2.117  5.760   1.00 37.41 ? 161 TRP A CB  1 
ATOM   1129 C CG  . TRP A 1 162 ? -5.285  -1.148  4.609   1.00 37.65 ? 161 TRP A CG  1 
ATOM   1130 C CD1 . TRP A 1 162 ? -6.370  -0.604  4.006   1.00 38.64 ? 161 TRP A CD1 1 
ATOM   1131 C CD2 . TRP A 1 162 ? -4.137  -0.573  3.973   1.00 38.88 ? 161 TRP A CD2 1 
ATOM   1132 N NE1 . TRP A 1 162 ? -5.963  0.273   3.013   1.00 38.90 ? 161 TRP A NE1 1 
ATOM   1133 C CE2 . TRP A 1 162 ? -4.604  0.305   2.969   1.00 38.66 ? 161 TRP A CE2 1 
ATOM   1134 C CE3 . TRP A 1 162 ? -2.751  -0.705  4.177   1.00 37.74 ? 161 TRP A CE3 1 
ATOM   1135 C CZ2 . TRP A 1 162 ? -3.740  1.020   2.142   1.00 37.91 ? 161 TRP A CZ2 1 
ATOM   1136 C CZ3 . TRP A 1 162 ? -1.905  0.004   3.354   1.00 37.86 ? 161 TRP A CZ3 1 
ATOM   1137 C CH2 . TRP A 1 162 ? -2.386  0.863   2.374   1.00 38.06 ? 161 TRP A CH2 1 
ATOM   1138 N N   . GLY A 1 163 ? -5.130  -1.922  9.435   1.00 35.92 ? 162 GLY A N   1 
ATOM   1139 C CA  . GLY A 1 163 ? -5.300  -2.754  10.604  1.00 37.24 ? 162 GLY A CA  1 
ATOM   1140 C C   . GLY A 1 163 ? -4.123  -3.618  11.015  1.00 37.21 ? 162 GLY A C   1 
ATOM   1141 O O   . GLY A 1 163 ? -3.313  -4.059  10.227  1.00 33.82 ? 162 GLY A O   1 
ATOM   1142 N N   . VAL A 1 164 ? -4.182  -4.018  12.273  1.00 35.78 ? 163 VAL A N   1 
ATOM   1143 C CA  . VAL A 1 164 ? -3.116  -4.714  12.972  1.00 36.25 ? 163 VAL A CA  1 
ATOM   1144 C C   . VAL A 1 164 ? -3.000  -6.143  12.509  1.00 35.25 ? 163 VAL A C   1 
ATOM   1145 O O   . VAL A 1 164 ? -1.907  -6.682  12.351  1.00 34.26 ? 163 VAL A O   1 
ATOM   1146 C CB  . VAL A 1 164 ? -3.346  -4.591  14.498  1.00 36.32 ? 163 VAL A CB  1 
ATOM   1147 C CG1 . VAL A 1 164 ? -4.557  -5.387  14.985  1.00 35.84 ? 163 VAL A CG1 1 
ATOM   1148 C CG2 . VAL A 1 164 ? -2.109  -5.013  15.273  1.00 35.45 ? 163 VAL A CG2 1 
ATOM   1149 N N   . SER A 1 165 ? -4.147  -6.774  12.231  1.00 34.33 ? 164 SER A N   1 
ATOM   1150 C CA  . SER A 1 165 ? -4.189  -8.144  11.759  1.00 33.15 ? 164 SER A CA  1 
ATOM   1151 C C   . SER A 1 165 ? -3.508  -8.281  10.379  1.00 32.68 ? 164 SER A C   1 
ATOM   1152 O O   . SER A 1 165 ? -2.780  -9.246  10.181  1.00 30.37 ? 164 SER A O   1 
ATOM   1153 C CB  . SER A 1 165 ? -5.659  -8.624  11.614  1.00 35.99 ? 164 SER A CB  1 
ATOM   1154 O OG  . SER A 1 165 ? -5.649  -9.995  11.208  1.00 38.05 ? 164 SER A OG  1 
ATOM   1155 N N   . ARG A 1 166 ? -3.663  -7.307  9.499   1.00 30.42 ? 165 ARG A N   1 
ATOM   1156 C CA  . ARG A 1 166 ? -3.017  -7.423  8.196   1.00 33.17 ? 165 ARG A CA  1 
ATOM   1157 C C   . ARG A 1 166 ? -1.520  -7.038  8.331   1.00 33.96 ? 165 ARG A C   1 
ATOM   1158 O O   . ARG A 1 166 ? -0.668  -7.726  7.771   1.00 33.06 ? 165 ARG A O   1 
ATOM   1159 C CB  . ARG A 1 166 ? -3.710  -6.545  7.164   1.00 34.24 ? 165 ARG A CB  1 
ATOM   1160 C CG  . ARG A 1 166 ? -4.888  -7.238  6.497   1.00 35.35 ? 165 ARG A CG  1 
ATOM   1161 C CD  . ARG A 1 166 ? -5.630  -6.275  5.564   1.00 37.56 ? 165 ARG A CD  1 
ATOM   1162 N NE  . ARG A 1 166 ? -7.031  -6.654  5.661   1.00 41.89 ? 165 ARG A NE  1 
ATOM   1163 C CZ  . ARG A 1 166 ? -7.993  -6.091  6.380   1.00 43.28 ? 165 ARG A CZ  1 
ATOM   1164 N NH1 . ARG A 1 166 ? -7.844  -5.016  7.133   1.00 44.97 ? 165 ARG A NH1 1 
ATOM   1165 N NH2 . ARG A 1 166 ? -9.182  -6.657  6.309   1.00 44.23 ? 165 ARG A NH2 1 
ATOM   1166 N N   . LYS A 1 167 ? -1.223  -5.984  9.094   1.00 35.07 ? 166 LYS A N   1 
ATOM   1167 C CA  . LYS A 1 167 ? 0.200   -5.620  9.292   1.00 36.83 ? 166 LYS A CA  1 
ATOM   1168 C C   . LYS A 1 167 ? 0.961   -6.821  9.851   1.00 37.81 ? 166 LYS A C   1 
ATOM   1169 O O   . LYS A 1 167 ? 2.095   -7.134  9.457   1.00 38.26 ? 166 LYS A O   1 
ATOM   1170 C CB  . LYS A 1 167 ? 0.321   -4.420  10.223  1.00 36.36 ? 166 LYS A CB  1 
ATOM   1171 C CG  . LYS A 1 167 ? 1.781   -4.145  10.674  1.00 36.40 ? 166 LYS A CG  1 
ATOM   1172 C CD  . LYS A 1 167 ? 1.864   -2.725  11.190  1.00 36.75 ? 166 LYS A CD  1 
ATOM   1173 C CE  . LYS A 1 167 ? 3.310   -2.354  11.545  1.00 36.73 ? 166 LYS A CE  1 
ATOM   1174 N NZ  . LYS A 1 167 ? 3.453   -0.858  11.493  1.00 36.22 ? 166 LYS A NZ  1 
ATOM   1175 N N   . ALA A 1 168 ? 0.404   -7.413  10.902  1.00 39.30 ? 167 ALA A N   1 
ATOM   1176 C CA  . ALA A 1 168 ? 1.000   -8.558  11.590  1.00 40.50 ? 167 ALA A CA  1 
ATOM   1177 C C   . ALA A 1 168 ? 1.121   -9.728  10.639  1.00 40.32 ? 167 ALA A C   1 
ATOM   1178 O O   . ALA A 1 168 ? 2.111   -10.459 10.643  1.00 42.82 ? 167 ALA A O   1 
ATOM   1179 C CB  . ALA A 1 168 ? 0.142   -8.981  12.778  1.00 41.54 ? 167 ALA A CB  1 
ATOM   1180 N N   . GLN A 1 169 ? 0.086   -9.989  9.845   1.00 40.04 ? 168 GLN A N   1 
ATOM   1181 C CA  . GLN A 1 169 ? 0.121   -11.041 8.848   1.00 38.48 ? 168 GLN A CA  1 
ATOM   1182 C C   . GLN A 1 169 ? 1.224   -10.837 7.807   1.00 36.76 ? 168 GLN A C   1 
ATOM   1183 O O   . GLN A 1 169 ? 1.849   -11.790 7.317   1.00 35.60 ? 168 GLN A O   1 
ATOM   1184 C CB  . GLN A 1 169 ? -1.196  -11.021 8.055   1.00 39.88 ? 168 GLN A CB  1 
ATOM   1185 C CG  . GLN A 1 169 ? -1.443  -12.349 7.370   1.00 39.41 ? 168 GLN A CG  1 
ATOM   1186 C CD  . GLN A 1 169 ? -2.863  -12.380 6.792   1.00 41.55 ? 168 GLN A CD  1 
ATOM   1187 O OE1 . GLN A 1 169 ? -3.754  -11.684 7.300   1.00 40.96 ? 168 GLN A OE1 1 
ATOM   1188 N NE2 . GLN A 1 169 ? -2.965  -13.166 5.724   1.00 40.18 ? 168 GLN A NE2 1 
ATOM   1189 N N   . LEU A 1 170 ? 1.355   -9.597  7.341   1.00 35.82 ? 169 LEU A N   1 
ATOM   1190 C CA  . LEU A 1 170 ? 2.377   -9.279  6.348   1.00 37.09 ? 169 LEU A CA  1 
ATOM   1191 C C   . LEU A 1 170 ? 3.780   -9.470  6.925   1.00 39.52 ? 169 LEU A C   1 
ATOM   1192 O O   . LEU A 1 170 ? 4.598   -10.188 6.337   1.00 40.77 ? 169 LEU A O   1 
ATOM   1193 C CB  . LEU A 1 170 ? 2.176   -7.848  5.845   1.00 37.08 ? 169 LEU A CB  1 
ATOM   1194 C CG  . LEU A 1 170 ? 1.039   -7.645  4.835   1.00 36.55 ? 169 LEU A CG  1 
ATOM   1195 C CD1 . LEU A 1 170 ? 0.778   -6.173  4.626   1.00 33.58 ? 169 LEU A CD1 1 
ATOM   1196 C CD2 . LEU A 1 170 ? 1.350   -8.335  3.494   1.00 38.54 ? 169 LEU A CD2 1 
ATOM   1197 N N   . LEU A 1 171 ? 4.064   -8.918  8.110   1.00 40.11 ? 170 LEU A N   1 
ATOM   1198 C CA  . LEU A 1 171 ? 5.387   -9.063  8.706   1.00 41.87 ? 170 LEU A CA  1 
ATOM   1199 C C   . LEU A 1 171 ? 5.764   -10.509 8.991   1.00 43.78 ? 170 LEU A C   1 
ATOM   1200 O O   . LEU A 1 171 ? 6.949   -10.877 8.955   1.00 42.39 ? 170 LEU A O   1 
ATOM   1201 C CB  . LEU A 1 171 ? 5.536   -8.199  9.975   1.00 40.14 ? 170 LEU A CB  1 
ATOM   1202 C CG  . LEU A 1 171 ? 5.554   -6.708  9.633   1.00 40.47 ? 170 LEU A CG  1 
ATOM   1203 C CD1 . LEU A 1 171 ? 5.451   -5.820  10.862  1.00 41.14 ? 170 LEU A CD1 1 
ATOM   1204 C CD2 . LEU A 1 171 ? 6.827   -6.382  8.854   1.00 42.14 ? 170 LEU A CD2 1 
ATOM   1205 N N   . ARG A 1 172 ? 4.754   -11.321 9.318   1.00 45.21 ? 171 ARG A N   1 
ATOM   1206 C CA  . ARG A 1 172 ? 4.980   -12.729 9.655   1.00 46.45 ? 171 ARG A CA  1 
ATOM   1207 C C   . ARG A 1 172 ? 5.341   -13.509 8.405   1.00 46.56 ? 171 ARG A C   1 
ATOM   1208 O O   . ARG A 1 172 ? 6.220   -14.374 8.450   1.00 46.09 ? 171 ARG A O   1 
ATOM   1209 C CB  . ARG A 1 172 ? 3.755   -13.291 10.361  1.00 49.92 ? 171 ARG A CB  1 
ATOM   1210 C CG  . ARG A 1 172 ? 3.666   -14.797 10.548  1.00 52.35 ? 171 ARG A CG  1 
ATOM   1211 C CD  . ARG A 1 172 ? 2.209   -15.260 10.476  1.00 54.46 ? 171 ARG A CD  1 
ATOM   1212 N NE  . ARG A 1 172 ? 1.313   -14.435 11.233  1.00 56.15 ? 171 ARG A NE  1 
ATOM   1213 C CZ  . ARG A 1 172 ? 0.067   -14.028 11.218  1.00 56.31 ? 171 ARG A CZ  1 
ATOM   1214 N NH1 . ARG A 1 172 ? -0.819  -14.367 10.292  1.00 57.24 ? 171 ARG A NH1 1 
ATOM   1215 N NH2 . ARG A 1 172 ? -0.317  -13.211 12.207  1.00 56.02 ? 171 ARG A NH2 1 
ATOM   1216 N N   . ARG A 1 173 ? 4.718   -13.198 7.259   1.00 45.81 ? 172 ARG A N   1 
ATOM   1217 C CA  . ARG A 1 173 ? 5.075   -13.911 6.050   1.00 46.16 ? 172 ARG A CA  1 
ATOM   1218 C C   . ARG A 1 173 ? 6.444   -13.495 5.511   1.00 46.67 ? 172 ARG A C   1 
ATOM   1219 O O   . ARG A 1 173 ? 7.053   -14.318 4.832   1.00 48.31 ? 172 ARG A O   1 
ATOM   1220 C CB  . ARG A 1 173 ? 4.014   -13.804 4.950   1.00 45.35 ? 172 ARG A CB  1 
ATOM   1221 C CG  . ARG A 1 173 ? 4.104   -12.560 4.077   1.00 45.21 ? 172 ARG A CG  1 
ATOM   1222 C CD  . ARG A 1 173 ? 3.216   -12.667 2.856   1.00 43.61 ? 172 ARG A CD  1 
ATOM   1223 N NE  . ARG A 1 173 ? 3.181   -11.467 2.048   1.00 42.71 ? 172 ARG A NE  1 
ATOM   1224 C CZ  . ARG A 1 173 ? 2.225   -11.036 1.247   1.00 41.07 ? 172 ARG A CZ  1 
ATOM   1225 N NH1 . ARG A 1 173 ? 1.067   -11.669 1.124   1.00 42.66 ? 172 ARG A NH1 1 
ATOM   1226 N NH2 . ARG A 1 173 ? 2.393   -9.931  0.542   1.00 39.14 ? 172 ARG A NH2 1 
ATOM   1227 N N   . GLU A 1 174 ? 6.934   -12.292 5.719   1.00 48.02 ? 173 GLU A N   1 
ATOM   1228 C CA  . GLU A 1 174 ? 8.221   -11.864 5.178   1.00 49.36 ? 173 GLU A CA  1 
ATOM   1229 C C   . GLU A 1 174 ? 9.392   -12.252 6.066   1.00 52.83 ? 173 GLU A C   1 
ATOM   1230 O O   . GLU A 1 174 ? 10.544  -12.216 5.638   1.00 53.13 ? 173 GLU A O   1 
ATOM   1231 C CB  . GLU A 1 174 ? 8.220   -10.336 5.021   1.00 46.81 ? 173 GLU A CB  1 
ATOM   1232 C CG  . GLU A 1 174 ? 7.064   -9.833  4.195   1.00 43.20 ? 173 GLU A CG  1 
ATOM   1233 C CD  . GLU A 1 174 ? 7.136   -8.350  3.931   1.00 43.56 ? 173 GLU A CD  1 
ATOM   1234 O OE1 . GLU A 1 174 ? 7.815   -7.644  4.714   1.00 44.53 ? 173 GLU A OE1 1 
ATOM   1235 O OE2 . GLU A 1 174 ? 6.514   -7.900  2.954   1.00 41.98 ? 173 GLU A OE2 1 
ATOM   1236 N N   . ALA A 1 175 ? 9.115   -12.454 7.348   1.00 57.04 ? 174 ALA A N   1 
ATOM   1237 C CA  . ALA A 1 175 ? 10.116  -12.910 8.303   1.00 61.72 ? 174 ALA A CA  1 
ATOM   1238 C C   . ALA A 1 175 ? 9.874   -14.409 8.478   1.00 65.44 ? 174 ALA A C   1 
ATOM   1239 O O   . ALA A 1 175 ? 9.301   -14.813 9.491   1.00 67.05 ? 174 ALA A O   1 
ATOM   1240 C CB  . ALA A 1 175 ? 9.961   -12.191 9.621   1.00 61.41 ? 174 ALA A CB  1 
ATOM   1241 N N   . GLU A 1 176 ? 10.234  -15.178 7.460   1.00 68.88 ? 175 GLU A N   1 
ATOM   1242 C CA  . GLU A 1 176 ? 9.930   -16.599 7.446   1.00 72.60 ? 175 GLU A CA  1 
ATOM   1243 C C   . GLU A 1 176 ? 11.102  -17.547 7.575   1.00 74.84 ? 175 GLU A C   1 
ATOM   1244 O O   . GLU A 1 176 ? 12.198  -17.382 7.029   1.00 75.36 ? 175 GLU A O   1 
ATOM   1245 C CB  . GLU A 1 176 ? 9.198   -16.872 6.121   1.00 73.32 ? 175 GLU A CB  1 
ATOM   1246 C CG  . GLU A 1 176 ? 7.965   -17.751 6.262   1.00 74.66 ? 175 GLU A CG  1 
ATOM   1247 C CD  . GLU A 1 176 ? 8.191   -19.140 5.699   1.00 75.37 ? 175 GLU A CD  1 
ATOM   1248 O OE1 . GLU A 1 176 ? 9.097   -19.271 4.838   1.00 76.39 ? 175 GLU A OE1 1 
ATOM   1249 O OE2 . GLU A 1 176 ? 7.463   -20.064 6.124   1.00 75.23 ? 175 GLU A OE2 1 
ATOM   1250 N N   . ASN A 1 177 ? 10.818  -18.671 8.230   1.00 77.02 ? 176 ASN A N   1 
ATOM   1251 C CA  . ASN A 1 177 ? 11.767  -19.760 8.423   1.00 78.80 ? 176 ASN A CA  1 
ATOM   1252 C C   . ASN A 1 177 ? 12.920  -19.348 9.332   1.00 79.16 ? 176 ASN A C   1 
ATOM   1253 O O   . ASN A 1 177 ? 12.653  -19.164 10.544  1.00 79.83 ? 176 ASN A O   1 
ATOM   1254 C CB  . ASN A 1 177 ? 12.305  -20.279 7.092   1.00 79.87 ? 176 ASN A CB  1 
ATOM   1255 C CG  . ASN A 1 177 ? 11.270  -20.969 6.230   1.00 81.06 ? 176 ASN A CG  1 
ATOM   1256 O OD1 . ASN A 1 177 ? 10.473  -21.810 6.646   1.00 81.83 ? 176 ASN A OD1 1 
ATOM   1257 N ND2 . ASN A 1 177 ? 11.292  -20.586 4.950   1.00 81.59 ? 176 ASN A ND2 1 
HETATM 1258 O O   . HOH B 2 .   ? 1.621   -2.163  3.086   1.00 25.52 ? 180 HOH A O   1 
HETATM 1259 O O   . HOH B 2 .   ? 4.211   -0.207  14.905  1.00 34.10 ? 181 HOH A O   1 
HETATM 1260 O O   . HOH B 2 .   ? 9.527   -7.440  7.001   1.00 37.14 ? 182 HOH A O   1 
HETATM 1261 O O   . HOH B 2 .   ? 9.219   -9.438  8.661   1.00 36.01 ? 183 HOH A O   1 
HETATM 1262 O O   . HOH B 2 .   ? 0.928   5.833   -1.597  1.00 34.34 ? 184 HOH A O   1 
HETATM 1263 O O   . HOH B 2 .   ? 0.088   2.275   6.506   1.00 32.78 ? 185 HOH A O   1 
HETATM 1264 O O   . HOH B 2 .   ? 10.069  5.414   16.065  1.00 33.50 ? 186 HOH A O   1 
HETATM 1265 O O   . HOH B 2 .   ? -2.309  -11.521 11.935  1.00 53.50 ? 187 HOH A O   1 
HETATM 1266 O O   . HOH B 2 .   ? 16.704  -1.485  10.823  1.00 39.80 ? 188 HOH A O   1 
HETATM 1267 O O   . HOH B 2 .   ? 2.243   1.382   9.009   1.00 49.31 ? 189 HOH A O   1 
HETATM 1268 O O   . HOH B 2 .   ? 5.617   -6.796  17.796  1.00 56.01 ? 190 HOH A O   1 
HETATM 1269 O O   . HOH B 2 .   ? 13.397  -7.063  -0.764  1.00 57.99 ? 191 HOH A O   1 
HETATM 1270 O O   . HOH B 2 .   ? -19.974 2.307   -16.704 1.00 70.94 ? 192 HOH A O   1 
HETATM 1271 O O   . HOH B 2 .   ? 3.488   -4.346  23.058  1.00 65.30 ? 193 HOH A O   1 
HETATM 1272 O O   . HOH B 2 .   ? -2.002  6.839   -5.875  1.00 37.28 ? 194 HOH A O   1 
HETATM 1273 O O   . HOH B 2 .   ? -2.681  2.943   -17.517 1.00 65.11 ? 195 HOH A O   1 
HETATM 1274 O O   . HOH B 2 .   ? -1.125  13.398  -0.397  1.00 62.81 ? 196 HOH A O   1 
HETATM 1275 O O   . HOH B 2 .   ? -11.340 -8.252  -11.440 1.00 76.26 ? 197 HOH A O   1 
HETATM 1276 O O   . HOH B 2 .   ? -8.995  6.917   -22.488 1.00 66.10 ? 198 HOH A O   1 
HETATM 1277 O O   . HOH B 2 .   ? -4.542  7.943   6.365   1.00 58.02 ? 199 HOH A O   1 
HETATM 1278 O O   . HOH B 2 .   ? 5.612   -7.114  -3.663  1.00 47.96 ? 200 HOH A O   1 
HETATM 1279 O O   . HOH B 2 .   ? 18.040  2.588   2.239   1.00 46.24 ? 201 HOH A O   1 
HETATM 1280 O O   . HOH B 2 .   ? -5.816  -10.526 8.795   1.00 68.89 ? 202 HOH A O   1 
HETATM 1281 O O   . HOH B 2 .   ? 0.456   6.277   12.095  1.00 65.29 ? 203 HOH A O   1 
HETATM 1282 O O   . HOH B 2 .   ? -19.908 2.646   -1.433  1.00 64.68 ? 204 HOH A O   1 
HETATM 1283 O O   . HOH B 2 .   ? -2.387  9.665   0.500   1.00 39.43 ? 205 HOH A O   1 
HETATM 1284 O O   . HOH B 2 .   ? -20.590 -6.133  -3.482  1.00 62.70 ? 206 HOH A O   1 
HETATM 1285 O O   . HOH B 2 .   ? 20.336  12.734  9.918   1.00 69.67 ? 207 HOH A O   1 
HETATM 1286 O O   . HOH B 2 .   ? 21.424  8.868   0.704   1.00 79.48 ? 208 HOH A O   1 
HETATM 1287 O O   . HOH B 2 .   ? 18.262  -8.200  5.557   1.00 34.98 ? 209 HOH A O   1 
HETATM 1288 O O   . HOH B 2 .   ? -20.723 -4.141  0.732   1.00 69.84 ? 210 HOH A O   1 
HETATM 1289 O O   . HOH B 2 .   ? 3.871   13.917  6.422   1.00 56.76 ? 211 HOH A O   1 
HETATM 1290 O O   . HOH B 2 .   ? 4.088   -10.244 12.922  1.00 48.73 ? 212 HOH A O   1 
HETATM 1291 O O   . HOH B 2 .   ? -4.344  5.940   7.911   1.00 57.89 ? 213 HOH A O   1 
HETATM 1292 O O   . HOH B 2 .   ? -22.639 -4.990  4.916   1.00 76.41 ? 214 HOH A O   1 
HETATM 1293 O O   . HOH B 2 .   ? 7.920   15.072  14.810  1.00 54.18 ? 215 HOH A O   1 
HETATM 1294 O O   . HOH B 2 .   ? 7.678   -13.976 -4.224  1.00 65.24 ? 216 HOH A O   1 
HETATM 1295 O O   . HOH B 2 .   ? -0.571  4.865   17.104  0.50 79.83 ? 217 HOH A O   1 
HETATM 1296 O O   . HOH B 2 .   ? -5.277  8.302   1.689   1.00 69.88 ? 218 HOH A O   1 
HETATM 1297 O O   . HOH B 2 .   ? 12.729  -6.848  12.261  1.00 79.90 ? 219 HOH A O   1 
HETATM 1298 O O   . HOH B 2 .   ? 4.364   5.451   -13.922 1.00 65.00 ? 220 HOH A O   1 
HETATM 1299 O O   . HOH B 2 .   ? 5.818   -3.610  23.245  1.00 56.50 ? 221 HOH A O   1 
HETATM 1300 O O   . HOH B 2 .   ? 19.414  -1.362  12.323  1.00 38.57 ? 222 HOH A O   1 
HETATM 1301 O O   . HOH B 2 .   ? 18.610  4.875   2.120   1.00 47.82 ? 223 HOH A O   1 
HETATM 1302 O O   . HOH B 2 .   ? 17.616  2.630   5.409   1.00 57.43 ? 224 HOH A O   1 
HETATM 1303 O O   . HOH B 2 .   ? 13.483  9.003   -0.416  1.00 42.24 ? 225 HOH A O   1 
HETATM 1304 O O   . HOH B 2 .   ? 9.454   -4.452  -1.616  1.00 58.70 ? 226 HOH A O   1 
HETATM 1305 O O   . HOH B 2 .   ? 14.695  -3.184  13.649  1.00 53.68 ? 227 HOH A O   1 
HETATM 1306 O O   . HOH B 2 .   ? 9.830   -11.338 14.336  1.00 61.23 ? 228 HOH A O   1 
HETATM 1307 O O   . HOH B 2 .   ? -17.498 -11.364 -0.030  1.00 78.51 ? 229 HOH A O   1 
HETATM 1308 O O   . HOH B 2 .   ? 3.466   -7.180  21.566  1.00 67.75 ? 230 HOH A O   1 
HETATM 1309 O O   . HOH B 2 .   ? -2.016  10.821  7.520   1.00 36.83 ? 231 HOH A O   1 
HETATM 1310 O O   . HOH B 2 .   ? -18.820 -1.830  -7.623  1.00 76.11 ? 232 HOH A O   1 
HETATM 1311 O O   . HOH B 2 .   ? 2.085   4.600   10.235  1.00 47.90 ? 233 HOH A O   1 
HETATM 1312 O O   . HOH B 2 .   ? 9.000   -7.720  -0.961  1.00 56.59 ? 234 HOH A O   1 
HETATM 1313 O O   . HOH B 2 .   ? 22.007  6.431   0.438   0.50 57.19 ? 235 HOH A O   1 
HETATM 1314 O O   . HOH B 2 .   ? 10.339  16.374  1.352   1.00 59.21 ? 236 HOH A O   1 
HETATM 1315 O O   . HOH B 2 .   ? 3.422   14.103  -7.006  1.00 63.80 ? 237 HOH A O   1 
HETATM 1316 O O   . HOH B 2 .   ? 5.132   -9.475  -2.925  1.00 38.66 ? 238 HOH A O   1 
HETATM 1317 O O   . HOH B 2 .   ? -9.882  7.115   2.447   1.00 63.51 ? 239 HOH A O   1 
HETATM 1318 O O   . HOH B 2 .   ? 7.413   16.079  12.601  1.00 80.83 ? 240 HOH A O   1 
HETATM 1319 O O   . HOH B 2 .   ? -1.706  1.869   20.430  1.00 61.06 ? 241 HOH A O   1 
HETATM 1320 O O   . HOH B 2 .   ? 17.903  17.485  4.993   1.00 73.82 ? 242 HOH A O   1 
HETATM 1321 O O   . HOH B 2 .   ? 19.265  -8.516  8.188   1.00 61.27 ? 243 HOH A O   1 
HETATM 1322 O O   . HOH B 2 .   ? 9.338   -8.746  12.414  1.00 68.64 ? 244 HOH A O   1 
HETATM 1323 O O   . HOH B 2 .   ? -8.618  -13.326 -6.853  1.00 58.24 ? 245 HOH A O   1 
HETATM 1324 O O   . HOH B 2 .   ? 4.082   -8.082  -12.260 1.00 74.25 ? 246 HOH A O   1 
HETATM 1325 O O   . HOH B 2 .   ? 4.737   16.583  6.049   1.00 61.33 ? 247 HOH A O   1 
HETATM 1326 O O   . HOH B 2 .   ? 18.744  6.352   12.992  1.00 51.39 ? 248 HOH A O   1 
HETATM 1327 O O   . HOH B 2 .   ? -1.857  15.882  -0.711  0.50 73.18 ? 249 HOH A O   1 
HETATM 1328 O O   . HOH B 2 .   ? 18.939  10.931  15.035  1.00 52.35 ? 250 HOH A O   1 
HETATM 1329 O O   . HOH B 2 .   ? 4.406   7.307   -10.024 1.00 52.16 ? 251 HOH A O   1 
HETATM 1330 O O   . HOH B 2 .   ? 22.590  13.799  9.785   1.00 55.80 ? 252 HOH A O   1 
HETATM 1331 O O   . HOH B 2 .   ? 2.376   3.843   15.297  1.00 52.55 ? 253 HOH A O   1 
HETATM 1332 O O   . HOH B 2 .   ? 14.028  5.032   -6.972  1.00 97.64 ? 254 HOH A O   1 
HETATM 1333 O O   . HOH B 2 .   ? 17.812  18.748  12.034  1.00 72.28 ? 255 HOH A O   1 
HETATM 1334 O O   . HOH B 2 .   ? -9.965  8.151   -19.784 0.50 48.11 ? 256 HOH A O   1 
HETATM 1335 O O   . HOH B 2 .   ? -4.799  2.347   -19.136 1.00 87.72 ? 257 HOH A O   1 
HETATM 1336 O O   . HOH B 2 .   ? 0.214   -3.750  21.399  1.00 58.37 ? 258 HOH A O   1 
HETATM 1337 O O   . HOH B 2 .   ? 11.584  8.692   18.611  1.00 72.08 ? 259 HOH A O   1 
HETATM 1338 O O   . HOH B 2 .   ? 3.025   -8.995  -10.059 1.00 78.14 ? 260 HOH A O   1 
HETATM 1339 O O   . HOH B 2 .   ? 18.955  0.675   1.006   1.00 54.54 ? 261 HOH A O   1 
HETATM 1340 O O   . HOH B 2 .   ? 1.170   12.223  5.422   1.00 53.38 ? 262 HOH A O   1 
HETATM 1341 O O   . HOH B 2 .   ? 0.598   3.837   23.189  1.00 85.75 ? 263 HOH A O   1 
HETATM 1342 O O   . HOH B 2 .   ? -4.134  12.724  7.427   1.00 59.55 ? 264 HOH A O   1 
HETATM 1343 O O   . HOH B 2 .   ? 8.121   4.483   -8.702  1.00 67.09 ? 265 HOH A O   1 
HETATM 1344 O O   . HOH B 2 .   ? -0.937  -10.226 -17.015 1.00 58.01 ? 266 HOH A O   1 
HETATM 1345 O O   . HOH B 2 .   ? 21.184  18.614  4.215   1.00 94.12 ? 267 HOH A O   1 
HETATM 1346 O O   . HOH B 2 .   ? -2.769  12.634  1.392   1.00 72.00 ? 268 HOH A O   1 
HETATM 1347 O O   . HOH B 2 .   ? -2.869  8.708   13.200  1.00 66.92 ? 269 HOH A O   1 
HETATM 1348 O O   . HOH B 2 .   ? 17.606  12.919  16.023  1.00 71.69 ? 270 HOH A O   1 
HETATM 1349 O O   . HOH B 2 .   ? -13.408 10.640  -10.016 1.00 61.97 ? 271 HOH A O   1 
HETATM 1350 O O   . HOH B 2 .   ? 3.415   -1.827  23.254  1.00 85.47 ? 272 HOH A O   1 
HETATM 1351 O O   . HOH B 2 .   ? 5.382   -5.130  -4.729  1.00 55.08 ? 273 HOH A O   1 
HETATM 1352 O O   . HOH B 2 .   ? -7.788  -0.066  10.221  1.00 55.24 ? 274 HOH A O   1 
HETATM 1353 O O   . HOH B 2 .   ? -14.432 -8.379  -21.310 1.00 73.35 ? 275 HOH A O   1 
HETATM 1354 O O   . HOH B 2 .   ? 4.020   -8.551  17.609  1.00 62.16 ? 276 HOH A O   1 
HETATM 1355 O O   . HOH B 2 .   ? 18.885  -13.275 6.633   1.00 55.00 ? 277 HOH A O   1 
HETATM 1356 O O   . HOH B 2 .   ? 14.602  10.879  0.603   1.00 59.35 ? 278 HOH A O   1 
HETATM 1357 O O   . HOH B 2 .   ? 12.651  6.296   -11.470 1.00 70.98 ? 279 HOH A O   1 
HETATM 1358 O O   . HOH B 2 .   ? -8.216  -9.771  -19.230 1.00 62.35 ? 280 HOH A O   1 
HETATM 1359 O O   . HOH B 2 .   ? -19.947 -10.720 2.090   1.00 85.78 ? 281 HOH A O   1 
HETATM 1360 O O   . HOH B 2 .   ? -22.171 -3.275  7.997   1.00 68.80 ? 282 HOH A O   1 
HETATM 1361 O O   . HOH B 2 .   ? -11.378 -0.399  4.571   1.00 79.57 ? 283 HOH A O   1 
HETATM 1362 O O   . HOH B 2 .   ? 14.485  -0.902  13.299  1.00 58.06 ? 284 HOH A O   1 
HETATM 1363 O O   . HOH B 2 .   ? 2.783   -16.755 7.361   1.00 64.71 ? 285 HOH A O   1 
HETATM 1364 O O   . HOH B 2 .   ? -23.912 -2.484  -6.172  1.00 93.09 ? 286 HOH A O   1 
HETATM 1365 O O   . HOH B 2 .   ? -13.823 -9.359  -13.666 1.00 93.98 ? 287 HOH A O   1 
HETATM 1366 O O   . HOH B 2 .   ? 11.951  1.476   -5.549  1.00 67.56 ? 288 HOH A O   1 
HETATM 1367 O O   . HOH B 2 .   ? 4.285   -22.914 11.869  1.00 77.72 ? 289 HOH A O   1 
HETATM 1368 O O   . HOH B 2 .   ? 3.482   7.645   -13.015 1.00 65.39 ? 290 HOH A O   1 
HETATM 1369 O O   . HOH B 2 .   ? -7.207  7.810   -16.621 1.00 96.47 ? 291 HOH A O   1 
HETATM 1370 O O   . HOH B 2 .   ? 1.747   14.819  11.064  1.00 64.40 ? 292 HOH A O   1 
HETATM 1371 O O   . HOH B 2 .   ? 4.857   -9.517  1.381   1.00 36.60 ? 293 HOH A O   1 
HETATM 1372 O O   . HOH B 2 .   ? -5.672  9.391   4.078   1.00 60.53 ? 294 HOH A O   1 
HETATM 1373 O O   . HOH B 2 .   ? -13.753 -3.871  -12.715 1.00 53.41 ? 295 HOH A O   1 
HETATM 1374 O O   . HOH B 2 .   ? -0.816  14.365  6.229   1.00 82.58 ? 296 HOH A O   1 
HETATM 1375 O O   . HOH B 2 .   ? -13.646 0.970   7.741   1.00 76.99 ? 297 HOH A O   1 
HETATM 1376 O O   . HOH B 2 .   ? -21.119 -4.141  -9.624  1.00 86.08 ? 298 HOH A O   1 
HETATM 1377 O O   . HOH B 2 .   ? -8.718  -2.660  7.640   1.00 65.23 ? 299 HOH A O   1 
HETATM 1378 O O   . HOH B 2 .   ? 7.924   -7.227  18.558  1.00 64.56 ? 300 HOH A O   1 
HETATM 1379 O O   . HOH B 2 .   ? -14.354 -12.771 -5.114  1.00 83.53 ? 301 HOH A O   1 
HETATM 1380 O O   . HOH B 2 .   ? 17.085  -4.814  13.528  1.00 85.61 ? 302 HOH A O   1 
HETATM 1381 O O   . HOH B 2 .   ? 14.281  7.625   -10.100 1.00 77.82 ? 303 HOH A O   1 
HETATM 1382 O O   . HOH B 2 .   ? -11.468 -15.882 -7.102  1.00 61.39 ? 304 HOH A O   1 
HETATM 1383 O O   . HOH B 2 .   ? 19.148  20.622  4.703   1.00 71.54 ? 305 HOH A O   1 
HETATM 1384 O O   . HOH B 2 .   ? 18.255  -2.459  0.855   1.00 42.53 ? 306 HOH A O   1 
HETATM 1385 O O   . HOH B 2 .   ? 8.421   -5.774  14.890  1.00 54.51 ? 307 HOH A O   1 
HETATM 1386 O O   . HOH B 2 .   ? 6.796   -12.451 22.084  1.00 65.86 ? 308 HOH A O   1 
HETATM 1387 O O   . HOH B 2 .   ? 5.805   3.585   -11.420 1.00 68.71 ? 309 HOH A O   1 
HETATM 1388 O O   . HOH B 2 .   ? 0.988   -6.146  -18.180 1.00 85.18 ? 310 HOH A O   1 
HETATM 1389 O O   . HOH B 2 .   ? 14.888  -2.247  -6.924  1.00 96.95 ? 311 HOH A O   1 
HETATM 1390 O O   . HOH B 2 .   ? 13.399  8.006   -16.402 1.00 68.40 ? 312 HOH A O   1 
HETATM 1391 O O   . HOH B 2 .   ? 8.345   5.800   -12.686 1.00 92.81 ? 313 HOH A O   1 
HETATM 1392 O O   . HOH B 2 .   ? 20.576  -5.388  6.686   1.00 36.75 ? 314 HOH A O   1 
HETATM 1393 O O   . HOH B 2 .   ? -2.032  -4.088  23.725  1.00 45.15 ? 315 HOH A O   1 
HETATM 1394 O O   . HOH B 2 .   ? 7.286   -1.680  17.263  1.00 40.43 ? 316 HOH A O   1 
HETATM 1395 O O   . HOH B 2 .   ? 18.264  7.216   2.088   1.00 60.12 ? 317 HOH A O   1 
HETATM 1396 O O   . HOH B 2 .   ? 9.583   -3.190  16.614  1.00 92.37 ? 318 HOH A O   1 
HETATM 1397 O O   . HOH B 2 .   ? -4.122  5.276   20.607  1.00 64.22 ? 319 HOH A O   1 
HETATM 1398 O O   . HOH B 2 .   ? -7.241  10.504  -19.083 1.00 77.45 ? 320 HOH A O   1 
HETATM 1399 O O   . HOH B 2 .   ? 16.134  -3.876  10.876  1.00 59.57 ? 321 HOH A O   1 
HETATM 1400 O O   . HOH B 2 .   ? 5.624   -8.123  -0.888  1.00 58.36 ? 322 HOH A O   1 
HETATM 1401 O O   . HOH B 2 .   ? 7.373   -8.153  13.858  1.00 85.12 ? 323 HOH A O   1 
HETATM 1402 O O   . HOH B 2 .   ? -1.145  5.721   25.702  1.00 74.99 ? 324 HOH A O   1 
# 
